data_7PPY
#
_entry.id   7PPY
#
_cell.length_a   74.677
_cell.length_b   98.823
_cell.length_c   206.981
_cell.angle_alpha   90.000
_cell.angle_beta   90.000
_cell.angle_gamma   90.000
#
_symmetry.space_group_name_H-M   'P 21 21 2'
#
loop_
_entity.id
_entity.type
_entity.pdbx_description
1 polymer 'Histone-arginine methyltransferase CARM1'
2 non-polymer 'methyl 6-[4-[[~{N}-[[(2~{R},3~{S},4~{R},5~{R})-5-(6-aminopurin-9-yl)-3,4-bis(oxidanyl)oxolan-2-yl]methyl]carbamimidoyl]amino]butylcarbamoylamino]-4-oxidanyl-naphthalene-2-carboxylate'
3 non-polymer 1,2-ETHANEDIOL
4 water water
#
_entity_poly.entity_id   1
_entity_poly.type   'polypeptide(L)'
_entity_poly.pdbx_seq_one_letter_code
;GHMGHTLERSVFSERTEESSAVQYFQFYGYLSQQQNMMQDYVRTGTYQRAILQNHTDFKDKIVLDVGCGSGILSFFAAQA
GARKIYAVEASTMAQHAEVLVKSNNLTDRIVVIPGKVEEVSLPEQVDIIISEPMGYMLFNERMLESYLHAKKYLKPSGNM
FPTIGDVHLAPFTDEQLYMEQFTKANFWYQPSFHGVDLSALRGAAVDEYFRQPVVDTFDIRILMAKSVKYTVNFLEAKEG
DLHRIEIPFKFHMLHSGLVHGLAFWFDVAFIGSIMTVWLSTAPTEPLTHWYQVRCLFQSPLFAKAGDTLSGTCLLIANKR
QSYDISIVAQVDQTGSKSSNLLDLKNPFFRYTGTTPSPPPG
;
_entity_poly.pdbx_strand_id   A,B,C,D
#
loop_
_chem_comp.id
_chem_comp.type
_chem_comp.name
_chem_comp.formula
7ZH non-polymer 'methyl 6-[4-[[~{N}-[[(2~{R},3~{S},4~{R},5~{R})-5-(6-aminopurin-9-yl)-3,4-bis(oxidanyl)oxolan-2-yl]methyl]carbamimidoyl]amino]butylcarbamoylamino]-4-oxidanyl-naphthalene-2-carboxylate' 'C28 H34 N10 O7'
EDO non-polymer 1,2-ETHANEDIOL 'C2 H6 O2'
#
# COMPACT_ATOMS: atom_id res chain seq x y z
N SER A 10 -37.28 27.96 -1.89
CA SER A 10 -37.47 26.52 -2.26
C SER A 10 -38.01 25.63 -1.11
N VAL A 11 -38.65 24.52 -1.50
CA VAL A 11 -39.24 23.56 -0.55
C VAL A 11 -38.17 23.02 0.41
N PHE A 12 -36.96 22.77 -0.10
CA PHE A 12 -35.85 22.26 0.73
C PHE A 12 -35.42 23.24 1.81
N SER A 13 -35.16 24.50 1.43
CA SER A 13 -34.64 25.48 2.38
C SER A 13 -35.69 25.98 3.39
N GLU A 14 -36.98 25.74 3.10
CA GLU A 14 -38.07 26.14 4.01
C GLU A 14 -38.29 25.12 5.14
N ARG A 15 -37.87 23.88 4.92
CA ARG A 15 -38.04 22.74 5.87
C ARG A 15 -36.70 22.40 6.55
N THR A 16 -35.63 23.16 6.27
CA THR A 16 -34.28 22.82 6.70
C THR A 16 -33.49 24.05 7.14
N GLU A 17 -32.93 23.98 8.35
CA GLU A 17 -32.04 25.07 8.85
C GLU A 17 -30.75 25.05 8.03
N GLU A 18 -30.23 26.21 7.66
CA GLU A 18 -29.01 26.26 6.81
C GLU A 18 -27.86 25.54 7.52
N SER A 19 -27.71 25.75 8.82
CA SER A 19 -26.63 25.08 9.60
C SER A 19 -26.66 23.58 9.35
N SER A 20 -27.86 23.00 9.37
CA SER A 20 -28.01 21.56 9.20
C SER A 20 -27.71 21.11 7.77
N ALA A 21 -28.18 21.87 6.77
CA ALA A 21 -27.96 21.56 5.35
C ALA A 21 -26.48 21.61 4.98
N VAL A 22 -25.79 22.65 5.46
CA VAL A 22 -24.35 22.82 5.28
C VAL A 22 -23.60 21.54 5.66
N GLN A 23 -23.79 21.09 6.91
CA GLN A 23 -23.13 19.93 7.47
C GLN A 23 -23.52 18.64 6.76
N TYR A 24 -24.80 18.49 6.47
CA TYR A 24 -25.38 17.33 5.74
C TYR A 24 -24.66 17.16 4.40
N PHE A 25 -24.57 18.24 3.64
CA PHE A 25 -24.01 18.16 2.32
C PHE A 25 -22.49 18.07 2.34
N GLN A 26 -21.84 18.70 3.33
CA GLN A 26 -20.40 18.50 3.54
C GLN A 26 -20.04 17.03 3.79
N PHE A 27 -20.87 16.34 4.58
CA PHE A 27 -20.67 14.94 4.94
C PHE A 27 -20.71 14.02 3.71
N TYR A 28 -21.70 14.20 2.83
CA TYR A 28 -21.87 13.36 1.60
C TYR A 28 -20.93 13.83 0.48
N GLY A 29 -20.21 14.93 0.70
CA GLY A 29 -19.25 15.47 -0.25
C GLY A 29 -17.91 14.78 -0.25
N TYR A 30 -17.65 13.95 0.77
CA TYR A 30 -16.36 13.22 0.95
C TYR A 30 -16.40 11.88 0.22
N LEU A 31 -15.35 11.60 -0.55
CA LEU A 31 -15.17 10.32 -1.22
C LEU A 31 -15.13 9.18 -0.22
N SER A 32 -14.43 9.38 0.90
CA SER A 32 -14.39 8.39 1.98
C SER A 32 -15.80 7.92 2.37
N GLN A 33 -16.75 8.85 2.43
CA GLN A 33 -18.13 8.52 2.78
C GLN A 33 -18.85 7.76 1.64
N GLN A 34 -18.62 8.18 0.40
CA GLN A 34 -19.13 7.51 -0.78
C GLN A 34 -18.60 6.07 -0.83
N GLN A 35 -17.30 5.91 -0.53
CA GLN A 35 -16.66 4.61 -0.53
C GLN A 35 -17.29 3.69 0.48
N ASN A 36 -17.60 4.21 1.67
CA ASN A 36 -18.28 3.43 2.70
C ASN A 36 -19.58 2.86 2.19
N MET A 37 -20.39 3.72 1.56
CA MET A 37 -21.69 3.32 1.03
C MET A 37 -21.51 2.27 -0.05
N MET A 38 -20.50 2.47 -0.91
CA MET A 38 -20.20 1.59 -2.03
C MET A 38 -19.75 0.21 -1.58
N GLN A 39 -18.96 0.15 -0.49
CA GLN A 39 -18.39 -1.10 0.03
C GLN A 39 -19.37 -1.98 0.80
N ASP A 40 -20.54 -1.45 1.15
CA ASP A 40 -21.64 -2.25 1.68
C ASP A 40 -22.20 -3.04 0.50
N TYR A 41 -21.78 -4.30 0.38
CA TYR A 41 -22.06 -5.15 -0.81
C TYR A 41 -23.56 -5.47 -0.91
N VAL A 42 -24.28 -5.57 0.22
CA VAL A 42 -25.69 -5.92 0.17
C VAL A 42 -26.47 -4.74 -0.42
N ARG A 43 -26.11 -3.53 -0.02
CA ARG A 43 -26.72 -2.28 -0.51
C ARG A 43 -26.39 -2.16 -2.01
N THR A 44 -25.10 -2.06 -2.34
CA THR A 44 -24.67 -1.84 -3.70
C THR A 44 -25.15 -2.94 -4.66
N GLY A 45 -25.02 -4.19 -4.22
CA GLY A 45 -25.40 -5.34 -5.02
C GLY A 45 -26.88 -5.50 -5.26
N THR A 46 -27.69 -5.13 -4.26
CA THR A 46 -29.15 -5.27 -4.33
C THR A 46 -29.72 -4.21 -5.27
N TYR A 47 -29.20 -2.98 -5.17
CA TYR A 47 -29.52 -1.88 -6.11
C TYR A 47 -29.20 -2.34 -7.54
N GLN A 48 -28.00 -2.90 -7.75
CA GLN A 48 -27.60 -3.35 -9.07
C GLN A 48 -28.53 -4.45 -9.57
N ARG A 49 -28.82 -5.41 -8.69
CA ARG A 49 -29.66 -6.59 -9.02
C ARG A 49 -31.08 -6.12 -9.34
N ALA A 50 -31.62 -5.18 -8.56
CA ALA A 50 -32.97 -4.64 -8.75
C ALA A 50 -33.12 -3.98 -10.12
N ILE A 51 -32.08 -3.25 -10.55
CA ILE A 51 -32.14 -2.48 -11.82
C ILE A 51 -31.88 -3.39 -13.04
N LEU A 52 -30.91 -4.30 -12.95
CA LEU A 52 -30.53 -5.15 -14.11
C LEU A 52 -31.55 -6.28 -14.34
N GLN A 53 -32.11 -6.86 -13.28
CA GLN A 53 -33.14 -7.92 -13.41
C GLN A 53 -34.44 -7.29 -13.91
N ASN A 54 -34.62 -5.99 -13.67
CA ASN A 54 -35.74 -5.26 -14.26
C ASN A 54 -35.28 -4.34 -15.40
N HIS A 55 -34.50 -4.92 -16.32
CA HIS A 55 -33.91 -4.18 -17.45
C HIS A 55 -34.95 -3.49 -18.31
N THR A 56 -36.12 -4.13 -18.49
CA THR A 56 -37.23 -3.58 -19.27
C THR A 56 -37.81 -2.29 -18.68
N ASP A 57 -37.58 -2.07 -17.39
CA ASP A 57 -37.92 -0.80 -16.74
C ASP A 57 -36.92 0.34 -17.03
N PHE A 58 -35.84 0.02 -17.74
CA PHE A 58 -34.79 1.05 -17.96
C PHE A 58 -34.44 1.17 -19.45
N LYS A 59 -34.62 0.12 -20.25
CA LYS A 59 -34.20 0.14 -21.68
C LYS A 59 -34.88 1.25 -22.47
N ASP A 60 -34.09 2.19 -23.04
CA ASP A 60 -34.62 3.32 -23.85
C ASP A 60 -35.61 4.14 -23.03
N LYS A 61 -35.31 4.34 -21.75
CA LYS A 61 -36.22 5.12 -20.87
C LYS A 61 -35.49 6.34 -20.30
N ILE A 62 -36.24 7.38 -19.96
CA ILE A 62 -35.64 8.56 -19.28
C ILE A 62 -35.63 8.28 -17.78
N VAL A 63 -34.56 8.65 -17.10
CA VAL A 63 -34.32 8.29 -15.71
C VAL A 63 -33.86 9.51 -14.93
N LEU A 64 -34.35 9.65 -13.70
CA LEU A 64 -33.89 10.64 -12.75
C LEU A 64 -33.33 9.90 -11.54
N ASP A 65 -32.08 10.23 -11.19
CA ASP A 65 -31.36 9.71 -10.02
C ASP A 65 -31.25 10.86 -9.04
N VAL A 66 -31.98 10.75 -7.92
CA VAL A 66 -32.09 11.83 -6.97
C VAL A 66 -30.99 11.62 -5.95
N GLY A 67 -30.06 12.58 -5.87
CA GLY A 67 -28.94 12.49 -4.97
C GLY A 67 -27.99 11.38 -5.33
N CYS A 68 -27.41 11.50 -6.53
CA CYS A 68 -26.63 10.45 -7.20
C CYS A 68 -25.25 10.19 -6.62
N GLY A 69 -24.74 11.13 -5.82
CA GLY A 69 -23.45 11.02 -5.21
C GLY A 69 -22.38 10.85 -6.24
N SER A 70 -21.62 9.75 -6.13
CA SER A 70 -20.58 9.36 -7.08
C SER A 70 -21.13 9.00 -8.46
N GLY A 71 -22.42 8.62 -8.53
CA GLY A 71 -23.08 8.34 -9.78
C GLY A 71 -23.48 6.90 -9.96
N ILE A 72 -23.02 6.03 -9.04
CA ILE A 72 -23.10 4.56 -9.17
C ILE A 72 -24.47 3.98 -9.67
N LEU A 73 -25.59 4.53 -9.18
CA LEU A 73 -26.92 4.06 -9.57
C LEU A 73 -27.27 4.46 -11.00
N SER A 74 -26.73 5.62 -11.43
CA SER A 74 -26.89 6.06 -12.80
C SER A 74 -26.16 5.11 -13.75
N PHE A 75 -24.94 4.72 -13.37
CA PHE A 75 -24.15 3.78 -14.15
C PHE A 75 -24.88 2.45 -14.30
N PHE A 76 -25.55 2.01 -13.24
CA PHE A 76 -26.39 0.80 -13.27
C PHE A 76 -27.57 0.96 -14.25
N ALA A 77 -28.25 2.12 -14.19
CA ALA A 77 -29.32 2.45 -15.14
C ALA A 77 -28.79 2.42 -16.57
N ALA A 78 -27.55 2.88 -16.75
CA ALA A 78 -26.89 2.86 -18.04
C ALA A 78 -26.61 1.40 -18.51
N GLN A 79 -26.10 0.55 -17.60
CA GLN A 79 -25.88 -0.87 -17.90
C GLN A 79 -27.17 -1.59 -18.33
N ALA A 80 -28.30 -1.15 -17.78
CA ALA A 80 -29.62 -1.71 -18.04
C ALA A 80 -30.24 -1.22 -19.35
N GLY A 81 -29.63 -0.17 -19.94
CA GLY A 81 -30.01 0.36 -21.24
C GLY A 81 -30.79 1.67 -21.27
N ALA A 82 -30.66 2.49 -20.23
CA ALA A 82 -31.38 3.78 -20.18
C ALA A 82 -30.89 4.69 -21.31
N ARG A 83 -31.82 5.25 -22.07
CA ARG A 83 -31.55 6.27 -23.12
C ARG A 83 -30.87 7.50 -22.49
N LYS A 84 -31.37 7.93 -21.33
CA LYS A 84 -31.03 9.22 -20.76
C LYS A 84 -31.28 9.21 -19.27
N ILE A 85 -30.28 9.68 -18.52
CA ILE A 85 -30.31 9.71 -17.07
C ILE A 85 -29.88 11.08 -16.62
N TYR A 86 -30.79 11.75 -15.89
CA TYR A 86 -30.53 13.04 -15.20
C TYR A 86 -30.11 12.68 -13.77
N ALA A 87 -28.85 12.92 -13.44
CA ALA A 87 -28.29 12.61 -12.14
C ALA A 87 -28.11 13.91 -11.36
N VAL A 88 -28.99 14.12 -10.37
CA VAL A 88 -29.00 15.33 -9.56
C VAL A 88 -28.28 15.09 -8.23
N GLU A 89 -27.36 16.00 -7.87
CA GLU A 89 -26.63 15.93 -6.62
C GLU A 89 -26.20 17.30 -6.14
N ALA A 90 -26.53 17.59 -4.86
CA ALA A 90 -26.35 18.89 -4.24
C ALA A 90 -24.99 19.14 -3.58
N SER A 91 -24.32 18.07 -3.16
CA SER A 91 -22.98 18.17 -2.58
C SER A 91 -21.98 18.40 -3.70
N THR A 92 -20.75 18.73 -3.30
CA THR A 92 -19.64 18.88 -4.22
C THR A 92 -19.23 17.55 -4.89
N MET A 93 -19.80 16.43 -4.43
CA MET A 93 -19.66 15.13 -5.10
C MET A 93 -20.12 15.16 -6.57
N ALA A 94 -20.99 16.11 -6.91
CA ALA A 94 -21.46 16.31 -8.29
C ALA A 94 -20.30 16.45 -9.28
N GLN A 95 -19.25 17.18 -8.89
CA GLN A 95 -18.01 17.36 -9.66
C GLN A 95 -17.35 16.04 -9.97
N HIS A 96 -17.23 15.19 -8.94
CA HIS A 96 -16.60 13.90 -9.06
C HIS A 96 -17.44 12.94 -9.89
N ALA A 97 -18.76 13.00 -9.75
CA ALA A 97 -19.66 12.21 -10.61
C ALA A 97 -19.49 12.57 -12.10
N GLU A 98 -19.35 13.87 -12.42
CA GLU A 98 -19.11 14.35 -13.79
C GLU A 98 -17.84 13.72 -14.37
N VAL A 99 -16.75 13.77 -13.59
CA VAL A 99 -15.48 13.15 -13.96
C VAL A 99 -15.67 11.68 -14.32
N LEU A 100 -16.41 10.93 -13.51
CA LEU A 100 -16.69 9.51 -13.79
C LEU A 100 -17.55 9.29 -15.03
N VAL A 101 -18.49 10.18 -15.29
CA VAL A 101 -19.32 10.07 -16.49
C VAL A 101 -18.48 10.24 -17.78
N LYS A 102 -17.46 11.10 -17.72
CA LYS A 102 -16.57 11.33 -18.86
C LYS A 102 -15.61 10.16 -19.05
N SER A 103 -14.89 9.79 -17.99
CA SER A 103 -13.97 8.67 -18.01
C SER A 103 -14.64 7.33 -18.37
N ASN A 104 -15.95 7.20 -18.18
CA ASN A 104 -16.71 6.01 -18.60
C ASN A 104 -17.47 6.18 -19.93
N ASN A 105 -17.17 7.27 -20.66
CA ASN A 105 -17.72 7.53 -22.00
C ASN A 105 -19.23 7.48 -22.07
N LEU A 106 -19.89 8.11 -21.09
CA LEU A 106 -21.34 8.13 -21.01
C LEU A 106 -21.92 9.54 -21.02
N THR A 107 -21.17 10.52 -21.51
CA THR A 107 -21.63 11.93 -21.56
C THR A 107 -22.86 12.11 -22.43
N ASP A 108 -23.06 11.23 -23.40
CA ASP A 108 -24.28 11.23 -24.23
C ASP A 108 -25.53 10.68 -23.55
N ARG A 109 -25.39 10.05 -22.39
CA ARG A 109 -26.49 9.30 -21.71
C ARG A 109 -26.70 9.72 -20.25
N ILE A 110 -25.64 10.11 -19.54
CA ILE A 110 -25.75 10.60 -18.17
C ILE A 110 -25.43 12.08 -18.16
N VAL A 111 -26.43 12.88 -17.79
CA VAL A 111 -26.27 14.30 -17.48
C VAL A 111 -26.34 14.56 -15.98
N VAL A 112 -25.18 14.90 -15.40
CA VAL A 112 -25.07 15.35 -14.03
C VAL A 112 -25.55 16.78 -13.95
N ILE A 113 -26.45 17.04 -12.98
CA ILE A 113 -27.05 18.36 -12.74
C ILE A 113 -26.78 18.76 -11.30
N PRO A 114 -25.80 19.66 -11.05
CA PRO A 114 -25.47 20.06 -9.68
C PRO A 114 -26.59 20.92 -9.07
N GLY A 115 -26.97 20.63 -7.83
CA GLY A 115 -27.97 21.38 -7.10
C GLY A 115 -28.95 20.45 -6.39
N LYS A 116 -29.90 21.05 -5.66
CA LYS A 116 -30.97 20.35 -4.99
C LYS A 116 -32.08 20.04 -5.98
N VAL A 117 -32.64 18.82 -5.90
CA VAL A 117 -33.70 18.37 -6.79
C VAL A 117 -34.97 19.26 -6.72
N GLU A 118 -35.14 19.97 -5.60
CA GLU A 118 -36.21 20.97 -5.40
C GLU A 118 -35.97 22.30 -6.12
N GLU A 119 -34.75 22.51 -6.63
CA GLU A 119 -34.28 23.82 -7.14
C GLU A 119 -33.83 23.83 -8.60
N VAL A 120 -33.33 22.69 -9.08
CA VAL A 120 -32.85 22.56 -10.46
C VAL A 120 -34.01 22.43 -11.46
N SER A 121 -33.69 22.72 -12.73
CA SER A 121 -34.56 22.48 -13.88
C SER A 121 -34.10 21.22 -14.61
N LEU A 122 -35.02 20.26 -14.76
CA LEU A 122 -34.86 19.16 -15.69
C LEU A 122 -35.49 19.62 -17.00
N PRO A 123 -34.92 19.24 -18.16
CA PRO A 123 -35.48 19.64 -19.45
C PRO A 123 -36.72 18.83 -19.88
N GLU A 124 -36.93 17.63 -19.32
CA GLU A 124 -38.07 16.79 -19.68
C GLU A 124 -38.54 15.93 -18.51
N GLN A 125 -39.71 15.30 -18.68
CA GLN A 125 -40.27 14.36 -17.73
C GLN A 125 -39.59 13.00 -17.89
N VAL A 126 -39.51 12.25 -16.79
CA VAL A 126 -38.83 10.95 -16.75
C VAL A 126 -39.82 9.79 -16.58
N ASP A 127 -39.39 8.59 -16.99
CA ASP A 127 -40.17 7.36 -16.91
C ASP A 127 -40.05 6.69 -15.55
N ILE A 128 -38.96 7.01 -14.83
CA ILE A 128 -38.63 6.33 -13.59
C ILE A 128 -37.62 7.15 -12.76
N ILE A 129 -37.80 7.11 -11.44
CA ILE A 129 -36.89 7.77 -10.52
C ILE A 129 -36.20 6.70 -9.70
N ILE A 130 -34.90 6.92 -9.45
CA ILE A 130 -34.09 6.06 -8.61
C ILE A 130 -33.34 6.90 -7.58
N SER A 131 -33.16 6.33 -6.39
CA SER A 131 -32.53 7.03 -5.28
C SER A 131 -32.25 6.06 -4.16
N GLU A 132 -31.31 6.46 -3.30
CA GLU A 132 -31.09 5.83 -2.00
C GLU A 132 -31.33 6.89 -0.95
N PRO A 133 -32.62 7.21 -0.67
CA PRO A 133 -32.96 8.27 0.29
C PRO A 133 -33.18 7.82 1.74
N MET A 134 -32.92 6.55 2.07
CA MET A 134 -33.27 5.99 3.37
C MET A 134 -32.25 6.41 4.42
N GLY A 135 -32.73 6.76 5.61
CA GLY A 135 -31.91 6.99 6.79
C GLY A 135 -32.30 6.00 7.88
N TYR A 136 -31.68 6.15 9.05
CA TYR A 136 -32.05 5.37 10.27
C TYR A 136 -33.56 5.36 10.41
N MET A 137 -34.15 4.24 10.83
CA MET A 137 -35.60 4.11 10.96
C MET A 137 -36.33 4.52 9.68
N LEU A 138 -35.67 4.36 8.53
CA LEU A 138 -36.17 4.75 7.20
C LEU A 138 -36.17 6.23 6.94
N PHE A 139 -36.77 7.01 7.85
CA PHE A 139 -37.13 8.39 7.63
C PHE A 139 -36.05 9.44 7.96
N ASN A 140 -35.09 9.10 8.81
CA ASN A 140 -34.13 10.09 9.27
C ASN A 140 -33.37 10.75 8.15
N GLU A 141 -33.04 12.03 8.33
CA GLU A 141 -32.34 12.90 7.36
C GLU A 141 -33.29 13.54 6.33
N ARG A 142 -34.50 12.98 6.24
CA ARG A 142 -35.68 13.56 5.54
C ARG A 142 -35.43 13.67 4.05
N MET A 143 -34.57 12.84 3.49
CA MET A 143 -34.41 12.84 2.07
C MET A 143 -35.59 12.15 1.35
N LEU A 144 -36.38 11.35 2.08
CA LEU A 144 -37.55 10.75 1.46
C LEU A 144 -38.51 11.83 0.91
N GLU A 145 -38.45 13.04 1.50
CA GLU A 145 -39.22 14.17 1.01
C GLU A 145 -38.73 14.67 -0.36
N SER A 146 -37.41 14.74 -0.52
CA SER A 146 -36.79 15.12 -1.81
C SER A 146 -37.17 14.13 -2.90
N TYR A 147 -37.14 12.85 -2.55
CA TYR A 147 -37.50 11.72 -3.45
C TYR A 147 -38.95 11.88 -3.90
N LEU A 148 -39.87 12.20 -2.98
CA LEU A 148 -41.27 12.37 -3.29
C LEU A 148 -41.50 13.66 -4.05
N HIS A 149 -40.74 14.71 -3.69
CA HIS A 149 -40.77 16.00 -4.37
C HIS A 149 -40.47 15.87 -5.85
N ALA A 150 -39.49 15.02 -6.18
CA ALA A 150 -39.05 14.80 -7.55
C ALA A 150 -40.11 14.16 -8.47
N LYS A 151 -41.26 13.76 -7.91
CA LYS A 151 -42.34 13.19 -8.72
C LYS A 151 -43.01 14.21 -9.62
N LYS A 152 -42.72 15.50 -9.39
CA LYS A 152 -43.18 16.56 -10.28
C LYS A 152 -42.61 16.36 -11.69
N TYR A 153 -41.55 15.56 -11.78
CA TYR A 153 -40.83 15.23 -13.05
C TYR A 153 -41.23 13.84 -13.57
N LEU A 154 -42.11 13.12 -12.87
CA LEU A 154 -42.42 11.75 -13.25
C LEU A 154 -43.65 11.73 -14.12
N LYS A 155 -43.57 11.07 -15.27
CA LYS A 155 -44.72 10.85 -16.12
C LYS A 155 -45.80 10.12 -15.35
N PRO A 156 -47.08 10.20 -15.80
CA PRO A 156 -48.19 9.54 -15.12
C PRO A 156 -47.98 8.03 -14.92
N SER A 157 -47.51 7.31 -15.93
CA SER A 157 -47.28 5.89 -15.79
C SER A 157 -46.01 5.52 -15.00
N GLY A 158 -45.26 6.54 -14.54
CA GLY A 158 -43.89 6.36 -14.12
C GLY A 158 -43.73 5.45 -12.94
N ASN A 159 -42.51 4.99 -12.67
CA ASN A 159 -42.22 4.13 -11.54
C ASN A 159 -41.13 4.73 -10.64
N MET A 160 -40.97 4.14 -9.46
CA MET A 160 -40.04 4.60 -8.46
C MET A 160 -39.30 3.40 -7.90
N PHE A 161 -37.98 3.56 -7.72
CA PHE A 161 -37.06 2.53 -7.26
C PHE A 161 -36.16 3.16 -6.18
N PRO A 162 -36.41 2.92 -4.86
CA PRO A 162 -37.41 1.97 -4.38
C PRO A 162 -38.88 2.38 -4.54
N THR A 163 -39.79 1.40 -4.56
CA THR A 163 -41.22 1.61 -4.77
C THR A 163 -41.98 1.79 -3.44
N ILE A 164 -41.67 0.96 -2.45
CA ILE A 164 -42.25 1.06 -1.11
C ILE A 164 -41.20 0.91 -0.03
N GLY A 165 -41.53 1.37 1.17
CA GLY A 165 -40.71 1.22 2.35
C GLY A 165 -41.56 0.73 3.52
N ASP A 166 -41.12 -0.37 4.15
CA ASP A 166 -41.79 -0.93 5.31
C ASP A 166 -40.91 -0.64 6.52
N VAL A 167 -41.47 0.09 7.49
CA VAL A 167 -40.75 0.28 8.78
C VAL A 167 -41.29 -0.82 9.71
N HIS A 168 -40.38 -1.56 10.34
CA HIS A 168 -40.79 -2.63 11.30
C HIS A 168 -40.55 -2.17 12.74
N LEU A 169 -41.50 -2.45 13.63
CA LEU A 169 -41.41 -2.05 15.05
C LEU A 169 -41.62 -3.32 15.88
N ALA A 170 -40.84 -3.51 16.95
CA ALA A 170 -41.01 -4.69 17.81
C ALA A 170 -40.59 -4.39 19.26
N PRO A 171 -41.26 -4.98 20.28
CA PRO A 171 -40.80 -4.80 21.67
C PRO A 171 -39.56 -5.64 21.99
N PHE A 172 -38.61 -5.08 22.75
CA PHE A 172 -37.43 -5.82 23.12
C PHE A 172 -37.14 -5.81 24.61
N THR A 173 -36.42 -6.83 25.07
CA THR A 173 -35.87 -6.89 26.41
C THR A 173 -34.35 -6.78 26.33
N ASP A 174 -33.78 -5.80 27.06
CA ASP A 174 -32.34 -5.67 27.16
C ASP A 174 -31.97 -4.97 28.45
N GLU A 175 -32.05 -5.71 29.55
CA GLU A 175 -31.81 -5.19 30.87
C GLU A 175 -30.49 -4.39 30.95
N GLN A 176 -29.45 -4.92 30.31
CA GLN A 176 -28.11 -4.34 30.37
C GLN A 176 -28.03 -2.99 29.66
N LEU A 177 -28.73 -2.87 28.53
CA LEU A 177 -28.85 -1.59 27.83
C LEU A 177 -29.52 -0.56 28.73
N TYR A 178 -30.68 -0.93 29.28
CA TYR A 178 -31.45 -0.05 30.21
C TYR A 178 -30.54 0.42 31.35
N MET A 179 -29.77 -0.51 31.93
CA MET A 179 -28.93 -0.22 33.07
C MET A 179 -27.78 0.74 32.77
N GLU A 180 -27.19 0.59 31.58
CA GLU A 180 -26.12 1.46 31.11
C GLU A 180 -26.47 2.92 31.32
N GLN A 181 -27.71 3.30 30.99
CA GLN A 181 -28.16 4.67 31.06
C GLN A 181 -27.94 5.32 32.43
N PHE A 182 -28.36 4.59 33.46
CA PHE A 182 -28.29 5.09 34.84
C PHE A 182 -26.88 5.09 35.35
N THR A 183 -26.12 4.06 34.94
CA THR A 183 -24.71 3.92 35.27
C THR A 183 -23.90 5.10 34.74
N LYS A 184 -24.23 5.54 33.52
CA LYS A 184 -23.61 6.70 32.92
C LYS A 184 -24.05 7.97 33.63
N ALA A 185 -25.37 8.12 33.77
CA ALA A 185 -25.95 9.30 34.40
C ALA A 185 -25.43 9.49 35.83
N ASN A 186 -25.18 8.37 36.53
CA ASN A 186 -24.78 8.42 37.92
C ASN A 186 -23.41 9.04 38.16
N PHE A 187 -22.69 9.36 37.07
CA PHE A 187 -21.49 10.15 37.17
C PHE A 187 -21.80 11.41 37.96
N TRP A 188 -22.98 12.00 37.69
CA TRP A 188 -23.34 13.27 38.27
C TRP A 188 -23.82 13.19 39.72
N TYR A 189 -24.11 11.98 40.20
CA TYR A 189 -24.71 11.71 41.54
C TYR A 189 -23.54 11.51 42.51
N GLN A 190 -22.77 12.56 42.69
CA GLN A 190 -21.64 12.54 43.61
C GLN A 190 -21.45 13.89 44.30
N PRO A 191 -21.36 13.90 45.63
CA PRO A 191 -21.35 15.14 46.40
C PRO A 191 -20.01 15.90 46.39
N SER A 192 -18.92 15.30 45.93
CA SER A 192 -17.64 15.98 45.93
C SER A 192 -16.70 15.47 44.84
N PHE A 193 -17.04 15.79 43.60
CA PHE A 193 -16.20 15.59 42.43
C PHE A 193 -15.22 16.77 42.36
N HIS A 194 -13.97 16.52 42.73
CA HIS A 194 -12.98 17.58 42.93
C HIS A 194 -13.57 18.70 43.78
N GLY A 195 -14.30 18.31 44.83
CA GLY A 195 -14.91 19.24 45.76
C GLY A 195 -16.18 19.93 45.31
N VAL A 196 -16.82 19.43 44.26
CA VAL A 196 -18.01 20.04 43.69
C VAL A 196 -19.15 19.05 43.74
N ASP A 197 -20.32 19.50 44.18
CA ASP A 197 -21.49 18.64 44.31
C ASP A 197 -22.21 18.65 42.97
N LEU A 198 -22.19 17.50 42.28
CA LEU A 198 -22.74 17.44 40.94
C LEU A 198 -24.18 16.99 40.87
N SER A 199 -24.72 16.54 42.01
CA SER A 199 -25.91 15.70 42.02
C SER A 199 -27.17 16.38 41.51
N ALA A 200 -27.20 17.71 41.57
CA ALA A 200 -28.33 18.48 41.06
C ALA A 200 -28.59 18.23 39.56
N LEU A 201 -27.59 17.70 38.84
CA LEU A 201 -27.68 17.50 37.40
C LEU A 201 -28.03 16.06 36.99
N ARG A 202 -28.08 15.15 37.95
CA ARG A 202 -28.36 13.71 37.71
C ARG A 202 -29.65 13.55 36.90
N GLY A 203 -30.71 14.28 37.25
CA GLY A 203 -31.98 14.18 36.58
C GLY A 203 -31.85 14.52 35.12
N ALA A 204 -31.20 15.65 34.85
CA ALA A 204 -31.03 16.16 33.49
C ALA A 204 -30.16 15.21 32.64
N ALA A 205 -29.14 14.59 33.25
CA ALA A 205 -28.29 13.63 32.57
C ALA A 205 -29.11 12.41 32.13
N VAL A 206 -29.92 11.87 33.03
CA VAL A 206 -30.76 10.70 32.73
C VAL A 206 -31.67 11.02 31.54
N ASP A 207 -32.32 12.18 31.60
CA ASP A 207 -33.20 12.63 30.54
C ASP A 207 -32.47 12.64 29.20
N GLU A 208 -31.31 13.31 29.18
CA GLU A 208 -30.52 13.45 27.98
C GLU A 208 -30.22 12.10 27.37
N TYR A 209 -29.72 11.17 28.18
CA TYR A 209 -29.33 9.80 27.76
C TYR A 209 -30.56 9.07 27.20
N PHE A 210 -31.71 9.18 27.86
CA PHE A 210 -32.93 8.48 27.43
C PHE A 210 -33.56 9.06 26.16
N ARG A 211 -33.20 10.30 25.82
CA ARG A 211 -33.68 10.96 24.58
C ARG A 211 -32.89 10.48 23.36
N GLN A 212 -31.77 9.76 23.55
CA GLN A 212 -30.94 9.27 22.46
C GLN A 212 -31.42 7.92 21.94
N PRO A 213 -31.84 7.79 20.68
CA PRO A 213 -32.09 6.48 20.10
C PRO A 213 -30.74 5.75 19.91
N VAL A 214 -30.72 4.46 20.24
CA VAL A 214 -29.52 3.66 20.25
C VAL A 214 -29.38 3.01 18.89
N VAL A 215 -28.33 3.37 18.17
CA VAL A 215 -27.98 2.78 16.87
C VAL A 215 -26.90 1.75 17.06
N ASP A 216 -27.27 0.49 16.88
CA ASP A 216 -26.37 -0.65 16.83
C ASP A 216 -27.21 -1.88 16.42
N THR A 217 -26.62 -3.07 16.49
CA THR A 217 -27.34 -4.30 16.19
C THR A 217 -27.46 -5.13 17.47
N PHE A 218 -28.26 -6.19 17.37
CA PHE A 218 -28.59 -7.02 18.52
C PHE A 218 -29.03 -8.39 18.05
N ASP A 219 -28.93 -9.37 18.96
CA ASP A 219 -29.45 -10.71 18.73
C ASP A 219 -30.97 -10.62 18.64
N ILE A 220 -31.58 -11.26 17.62
CA ILE A 220 -33.04 -11.30 17.49
C ILE A 220 -33.79 -11.94 18.67
N ARG A 221 -33.06 -12.61 19.56
CA ARG A 221 -33.63 -13.28 20.76
C ARG A 221 -34.17 -12.25 21.76
N ILE A 222 -33.74 -11.00 21.69
CA ILE A 222 -34.26 -9.96 22.56
C ILE A 222 -35.68 -9.47 22.19
N LEU A 223 -36.16 -9.84 20.99
CA LEU A 223 -37.47 -9.41 20.51
C LEU A 223 -38.56 -10.26 21.14
N MET A 224 -39.60 -9.60 21.68
CA MET A 224 -40.63 -10.25 22.49
C MET A 224 -41.95 -10.51 21.79
N ALA A 225 -42.09 -10.05 20.55
CA ALA A 225 -43.30 -10.25 19.76
C ALA A 225 -42.98 -10.05 18.30
N LYS A 226 -43.81 -10.66 17.44
CA LYS A 226 -43.76 -10.44 16.01
C LYS A 226 -43.84 -8.93 15.75
N SER A 227 -43.03 -8.44 14.81
CA SER A 227 -42.95 -7.01 14.55
C SER A 227 -44.22 -6.52 13.87
N VAL A 228 -44.42 -5.21 13.91
CA VAL A 228 -45.55 -4.55 13.28
C VAL A 228 -45.00 -3.68 12.16
N LYS A 229 -45.72 -3.67 11.03
CA LYS A 229 -45.23 -3.09 9.78
C LYS A 229 -46.01 -1.83 9.45
N TYR A 230 -45.30 -0.74 9.16
CA TYR A 230 -45.87 0.53 8.62
C TYR A 230 -45.27 0.78 7.24
N THR A 231 -46.12 0.74 6.21
CA THR A 231 -45.74 0.85 4.82
C THR A 231 -45.99 2.25 4.26
N VAL A 232 -44.96 2.83 3.66
CA VAL A 232 -45.09 4.01 2.80
C VAL A 232 -44.95 3.53 1.35
N ASN A 233 -45.97 3.83 0.56
CA ASN A 233 -45.96 3.57 -0.88
C ASN A 233 -45.51 4.85 -1.59
N PHE A 234 -44.28 4.86 -2.11
CA PHE A 234 -43.68 6.08 -2.67
C PHE A 234 -44.35 6.56 -3.98
N LEU A 235 -45.06 5.65 -4.65
CA LEU A 235 -45.87 6.01 -5.83
C LEU A 235 -47.05 6.92 -5.48
N GLU A 236 -47.64 6.71 -4.29
CA GLU A 236 -48.84 7.44 -3.85
C GLU A 236 -48.58 8.53 -2.82
N ALA A 237 -47.54 8.37 -2.00
CA ALA A 237 -47.25 9.33 -0.94
C ALA A 237 -46.88 10.71 -1.47
N LYS A 238 -47.12 11.72 -0.65
CA LYS A 238 -46.80 13.11 -0.94
C LYS A 238 -45.81 13.60 0.10
N GLU A 239 -44.99 14.59 -0.26
CA GLU A 239 -43.91 15.06 0.63
C GLU A 239 -44.42 15.33 2.03
N GLY A 240 -45.61 15.95 2.14
CA GLY A 240 -46.17 16.37 3.41
C GLY A 240 -46.64 15.25 4.31
N ASP A 241 -46.85 14.06 3.73
CA ASP A 241 -47.23 12.88 4.50
C ASP A 241 -46.15 12.51 5.52
N LEU A 242 -44.90 12.91 5.25
CA LEU A 242 -43.78 12.56 6.11
C LEU A 242 -43.43 13.63 7.16
N HIS A 243 -44.21 14.70 7.22
CA HIS A 243 -44.03 15.72 8.25
C HIS A 243 -44.51 15.23 9.62
N ARG A 244 -45.57 14.44 9.62
CA ARG A 244 -46.17 13.83 10.83
C ARG A 244 -46.53 12.38 10.53
N ILE A 245 -45.86 11.42 11.18
CA ILE A 245 -46.07 10.02 10.88
C ILE A 245 -46.54 9.33 12.15
N GLU A 246 -47.78 8.83 12.11
CA GLU A 246 -48.38 8.17 13.25
C GLU A 246 -48.47 6.68 13.01
N ILE A 247 -47.73 5.92 13.82
CA ILE A 247 -47.62 4.48 13.69
C ILE A 247 -48.27 3.79 14.88
N PRO A 248 -49.54 3.35 14.76
CA PRO A 248 -50.21 2.59 15.83
C PRO A 248 -49.64 1.17 15.88
N PHE A 249 -49.65 0.54 17.06
CA PHE A 249 -49.17 -0.82 17.21
C PHE A 249 -49.91 -1.59 18.28
N LYS A 250 -50.11 -2.88 18.02
CA LYS A 250 -50.67 -3.84 18.96
C LYS A 250 -49.85 -5.12 18.84
N PHE A 251 -48.98 -5.36 19.83
CA PHE A 251 -48.11 -6.52 19.84
C PHE A 251 -48.74 -7.59 20.69
N HIS A 252 -48.69 -8.83 20.19
CA HIS A 252 -49.17 -9.98 20.95
C HIS A 252 -47.93 -10.66 21.50
N MET A 253 -47.74 -10.57 22.81
CA MET A 253 -46.48 -10.95 23.43
C MET A 253 -46.28 -12.45 23.32
N LEU A 254 -45.11 -12.84 22.75
CA LEU A 254 -44.70 -14.23 22.60
C LEU A 254 -43.88 -14.73 23.79
N HIS A 255 -43.25 -13.81 24.53
CA HIS A 255 -42.44 -14.11 25.71
C HIS A 255 -42.80 -13.21 26.89
N SER A 256 -42.66 -13.75 28.10
CA SER A 256 -42.90 -13.04 29.34
C SER A 256 -41.63 -12.34 29.80
N GLY A 257 -41.75 -11.09 30.27
CA GLY A 257 -40.61 -10.39 30.82
C GLY A 257 -40.80 -8.89 30.76
N LEU A 258 -39.72 -8.17 31.11
CA LEU A 258 -39.67 -6.72 31.03
C LEU A 258 -39.36 -6.28 29.60
N VAL A 259 -40.26 -5.46 29.05
CA VAL A 259 -40.09 -4.80 27.77
C VAL A 259 -39.44 -3.45 28.05
N HIS A 260 -38.19 -3.28 27.61
CA HIS A 260 -37.43 -2.04 27.87
C HIS A 260 -37.56 -0.97 26.80
N GLY A 261 -38.17 -1.33 25.66
CA GLY A 261 -38.33 -0.39 24.55
C GLY A 261 -38.83 -0.99 23.26
N LEU A 262 -38.74 -0.20 22.18
CA LEU A 262 -39.07 -0.66 20.84
C LEU A 262 -37.83 -0.65 19.94
N ALA A 263 -37.69 -1.71 19.15
CA ALA A 263 -36.63 -1.82 18.14
C ALA A 263 -37.25 -1.54 16.77
N PHE A 264 -36.50 -0.79 15.94
CA PHE A 264 -36.92 -0.37 14.62
C PHE A 264 -35.90 -0.82 13.57
N TRP A 265 -36.42 -1.26 12.43
CA TRP A 265 -35.65 -1.49 11.22
C TRP A 265 -36.57 -1.28 10.02
N PHE A 266 -36.04 -1.42 8.81
CA PHE A 266 -36.83 -1.23 7.60
C PHE A 266 -36.39 -2.10 6.41
N ASP A 267 -37.37 -2.37 5.54
CA ASP A 267 -37.18 -2.93 4.22
C ASP A 267 -37.66 -1.91 3.20
N VAL A 268 -36.99 -1.86 2.03
CA VAL A 268 -37.56 -1.25 0.82
C VAL A 268 -37.67 -2.32 -0.26
N ALA A 269 -38.68 -2.20 -1.12
CA ALA A 269 -38.86 -3.10 -2.26
C ALA A 269 -38.81 -2.32 -3.58
N PHE A 270 -38.07 -2.90 -4.54
CA PHE A 270 -38.03 -2.40 -5.92
C PHE A 270 -38.98 -3.28 -6.74
N ILE A 271 -40.16 -2.73 -7.03
CA ILE A 271 -41.24 -3.47 -7.70
C ILE A 271 -41.20 -3.16 -9.19
N GLY A 272 -40.49 -4.01 -9.94
CA GLY A 272 -40.36 -3.87 -11.38
C GLY A 272 -41.35 -4.73 -12.14
N SER A 273 -41.26 -4.65 -13.47
CA SER A 273 -42.14 -5.37 -14.38
C SER A 273 -41.79 -6.84 -14.42
N ILE A 274 -40.51 -7.16 -14.17
CA ILE A 274 -40.01 -8.52 -14.29
C ILE A 274 -40.04 -9.20 -12.93
N MET A 275 -39.65 -8.47 -11.88
CA MET A 275 -39.64 -9.02 -10.52
C MET A 275 -39.52 -7.95 -9.44
N THR A 276 -39.81 -8.35 -8.21
CA THR A 276 -39.67 -7.50 -7.05
C THR A 276 -38.42 -7.92 -6.31
N VAL A 277 -37.51 -6.95 -6.06
CA VAL A 277 -36.28 -7.18 -5.32
C VAL A 277 -36.34 -6.39 -4.04
N TRP A 278 -35.98 -7.05 -2.92
CA TRP A 278 -36.04 -6.47 -1.56
C TRP A 278 -34.65 -6.19 -1.02
N LEU A 279 -34.52 -5.05 -0.33
CA LEU A 279 -33.34 -4.71 0.47
C LEU A 279 -33.80 -4.59 1.92
N SER A 280 -33.38 -5.52 2.79
CA SER A 280 -33.78 -5.52 4.20
C SER A 280 -32.66 -5.08 5.17
N THR A 281 -33.03 -4.34 6.22
CA THR A 281 -32.09 -3.98 7.30
C THR A 281 -32.45 -4.67 8.61
N ALA A 282 -33.24 -5.75 8.50
CA ALA A 282 -33.68 -6.54 9.65
C ALA A 282 -32.51 -7.12 10.42
N PRO A 283 -32.66 -7.40 11.73
CA PRO A 283 -31.61 -8.06 12.51
C PRO A 283 -31.39 -9.54 12.14
N THR A 284 -32.36 -10.15 11.43
CA THR A 284 -32.21 -11.48 10.86
C THR A 284 -31.35 -11.50 9.59
N GLU A 285 -31.04 -10.32 9.04
CA GLU A 285 -30.29 -10.17 7.78
C GLU A 285 -28.91 -9.57 8.04
N PRO A 286 -27.96 -9.67 7.09
CA PRO A 286 -26.62 -9.14 7.31
C PRO A 286 -26.63 -7.64 7.63
N LEU A 287 -25.69 -7.19 8.45
CA LEU A 287 -25.62 -5.82 8.91
C LEU A 287 -25.33 -4.86 7.76
N THR A 288 -26.10 -3.78 7.68
CA THR A 288 -25.90 -2.67 6.77
C THR A 288 -25.46 -1.41 7.57
N HIS A 289 -25.07 -0.36 6.83
CA HIS A 289 -24.70 0.94 7.42
C HIS A 289 -25.91 1.71 8.09
N TRP A 290 -27.11 1.14 7.97
CA TRP A 290 -28.33 1.61 8.66
C TRP A 290 -28.53 0.95 10.04
N TYR A 291 -27.80 -0.13 10.29
CA TYR A 291 -27.86 -0.93 11.54
C TYR A 291 -29.33 -1.24 11.86
N GLN A 292 -29.68 -1.13 13.14
CA GLN A 292 -31.03 -1.04 13.65
C GLN A 292 -31.06 0.08 14.69
N VAL A 293 -32.26 0.50 15.08
CA VAL A 293 -32.45 1.55 16.07
C VAL A 293 -33.36 1.08 17.21
N ARG A 294 -32.95 1.35 18.44
CA ARG A 294 -33.76 1.00 19.64
C ARG A 294 -34.08 2.26 20.44
N CYS A 295 -35.35 2.43 20.78
CA CYS A 295 -35.82 3.54 21.62
C CYS A 295 -36.26 2.94 22.93
N LEU A 296 -35.62 3.38 24.01
CA LEU A 296 -35.93 2.90 25.36
C LEU A 296 -37.19 3.57 25.91
N PHE A 297 -37.94 2.82 26.73
CA PHE A 297 -38.93 3.39 27.65
C PHE A 297 -38.21 3.87 28.88
N GLN A 298 -38.78 4.91 29.51
CA GLN A 298 -38.26 5.44 30.75
C GLN A 298 -38.41 4.41 31.86
N SER A 299 -39.54 3.70 31.82
CA SER A 299 -39.80 2.62 32.74
C SER A 299 -40.14 1.36 31.97
N PRO A 300 -39.50 0.22 32.31
CA PRO A 300 -39.85 -1.06 31.71
C PRO A 300 -41.31 -1.44 31.98
N LEU A 301 -41.93 -2.20 31.09
CA LEU A 301 -43.27 -2.69 31.28
C LEU A 301 -43.20 -4.19 31.38
N PHE A 302 -43.71 -4.74 32.48
CA PHE A 302 -43.85 -6.19 32.60
C PHE A 302 -45.02 -6.66 31.76
N ALA A 303 -44.78 -7.68 30.93
CA ALA A 303 -45.83 -8.34 30.15
C ALA A 303 -45.62 -9.86 30.16
N LYS A 304 -46.72 -10.59 30.30
CA LYS A 304 -46.76 -12.04 30.19
C LYS A 304 -47.01 -12.40 28.74
N ALA A 305 -46.47 -13.55 28.30
CA ALA A 305 -46.79 -14.09 26.98
C ALA A 305 -48.30 -14.27 26.90
N GLY A 306 -48.91 -13.80 25.80
CA GLY A 306 -50.36 -13.77 25.66
C GLY A 306 -50.97 -12.39 25.87
N ASP A 307 -50.28 -11.54 26.65
CA ASP A 307 -50.68 -10.14 26.84
C ASP A 307 -50.49 -9.35 25.55
N THR A 308 -51.24 -8.26 25.42
CA THR A 308 -51.13 -7.33 24.29
C THR A 308 -50.48 -6.05 24.81
N LEU A 309 -49.51 -5.53 24.06
CA LEU A 309 -48.88 -4.25 24.33
C LEU A 309 -49.21 -3.31 23.17
N SER A 310 -50.02 -2.28 23.45
CA SER A 310 -50.51 -1.35 22.44
C SER A 310 -50.12 0.09 22.76
N GLY A 311 -50.07 0.90 21.70
CA GLY A 311 -49.68 2.29 21.78
C GLY A 311 -49.43 2.90 20.41
N THR A 312 -48.71 4.03 20.39
CA THR A 312 -48.41 4.77 19.17
C THR A 312 -46.99 5.25 19.20
N CYS A 313 -46.35 5.18 18.02
CA CYS A 313 -45.12 5.85 17.73
C CYS A 313 -45.47 7.03 16.81
N LEU A 314 -45.18 8.25 17.28
CA LEU A 314 -45.43 9.46 16.53
C LEU A 314 -44.11 10.12 16.18
N LEU A 315 -43.90 10.36 14.88
CA LEU A 315 -42.70 10.99 14.37
C LEU A 315 -43.06 12.34 13.79
N ILE A 316 -42.44 13.39 14.33
CA ILE A 316 -42.70 14.76 13.94
C ILE A 316 -41.42 15.38 13.40
N ALA A 317 -41.41 15.69 12.10
CA ALA A 317 -40.23 16.19 11.42
C ALA A 317 -39.84 17.54 11.99
N ASN A 318 -38.52 17.73 12.20
CA ASN A 318 -37.96 19.01 12.66
C ASN A 318 -37.05 19.65 11.59
N LYS A 319 -36.64 20.90 11.84
CA LYS A 319 -35.82 21.65 10.89
C LYS A 319 -34.34 21.23 10.81
N ARG A 320 -33.90 20.33 11.70
CA ARG A 320 -32.52 19.76 11.67
C ARG A 320 -32.50 18.43 10.89
N GLN A 321 -33.42 18.29 9.91
CA GLN A 321 -33.52 17.14 9.03
C GLN A 321 -33.68 15.84 9.79
N SER A 322 -34.32 15.89 10.95
CA SER A 322 -34.59 14.71 11.73
C SER A 322 -36.05 14.69 12.23
N TYR A 323 -36.32 13.84 13.22
CA TYR A 323 -37.65 13.65 13.84
C TYR A 323 -37.54 13.73 15.36
N ASP A 324 -38.57 14.32 15.99
CA ASP A 324 -38.88 14.15 17.39
C ASP A 324 -39.81 12.96 17.42
N ILE A 325 -39.45 11.98 18.26
CA ILE A 325 -40.14 10.71 18.34
C ILE A 325 -40.85 10.64 19.67
N SER A 326 -42.15 10.32 19.63
CA SER A 326 -42.95 10.19 20.82
C SER A 326 -43.54 8.79 20.86
N ILE A 327 -43.22 8.04 21.93
CA ILE A 327 -43.67 6.68 22.07
C ILE A 327 -44.49 6.52 23.34
N VAL A 328 -45.72 6.02 23.17
CA VAL A 328 -46.63 5.77 24.24
C VAL A 328 -47.05 4.33 24.12
N ALA A 329 -46.96 3.58 25.22
CA ALA A 329 -47.25 2.17 25.23
C ALA A 329 -47.86 1.77 26.55
N GLN A 330 -48.81 0.82 26.50
CA GLN A 330 -49.34 0.22 27.69
C GLN A 330 -49.64 -1.26 27.51
N VAL A 331 -49.49 -2.02 28.60
CA VAL A 331 -49.91 -3.40 28.64
C VAL A 331 -51.41 -3.39 28.93
N ASP A 332 -52.19 -3.87 27.95
CA ASP A 332 -53.64 -3.72 27.98
C ASP A 332 -54.27 -4.41 29.16
N GLN A 333 -53.74 -5.58 29.52
CA GLN A 333 -54.29 -6.40 30.61
C GLN A 333 -53.98 -5.88 32.00
N THR A 334 -53.03 -4.95 32.12
CA THR A 334 -52.61 -4.40 33.41
C THR A 334 -52.85 -2.89 33.56
N GLY A 335 -52.92 -2.18 32.43
CA GLY A 335 -52.94 -0.73 32.42
C GLY A 335 -51.61 -0.07 32.77
N SER A 336 -50.54 -0.86 32.82
CA SER A 336 -49.18 -0.37 33.02
C SER A 336 -48.79 0.35 31.74
N LYS A 337 -48.57 1.67 31.88
CA LYS A 337 -48.26 2.56 30.75
C LYS A 337 -46.86 3.15 30.93
N SER A 338 -46.17 3.44 29.83
CA SER A 338 -44.86 4.12 29.83
C SER A 338 -44.85 5.10 28.67
N SER A 339 -43.96 6.07 28.67
CA SER A 339 -43.82 7.07 27.58
C SER A 339 -42.34 7.29 27.28
N ASN A 340 -41.98 8.02 26.22
CA ASN A 340 -40.59 8.48 26.02
C ASN A 340 -40.53 9.49 24.86
N LEU A 341 -39.90 10.64 25.02
CA LEU A 341 -39.66 11.59 23.91
C LEU A 341 -38.18 11.43 23.55
N LEU A 342 -37.85 11.13 22.29
CA LEU A 342 -36.47 10.92 21.82
C LEU A 342 -36.16 11.93 20.71
N ASP A 343 -34.89 12.13 20.37
CA ASP A 343 -34.48 13.03 19.27
C ASP A 343 -33.46 12.23 18.44
N LEU A 344 -33.80 11.88 17.21
CA LEU A 344 -32.95 11.06 16.30
C LEU A 344 -31.78 11.90 15.78
N LYS A 345 -31.78 13.20 16.09
CA LYS A 345 -30.66 14.11 15.74
C LYS A 345 -29.49 13.92 16.70
N ASN A 346 -29.72 13.27 17.83
CA ASN A 346 -28.63 12.99 18.75
C ASN A 346 -28.55 11.50 19.07
N PRO A 347 -28.32 10.64 18.06
CA PRO A 347 -28.32 9.20 18.27
C PRO A 347 -27.07 8.77 19.04
N PHE A 348 -27.20 7.73 19.86
CA PHE A 348 -26.10 7.09 20.54
C PHE A 348 -25.63 5.91 19.71
N PHE A 349 -24.39 6.00 19.20
CA PHE A 349 -23.76 4.93 18.43
C PHE A 349 -23.03 4.06 19.42
N ARG A 350 -23.51 2.83 19.57
CA ARG A 350 -23.12 1.89 20.67
C ARG A 350 -22.23 0.76 20.11
N TYR A 351 -22.38 0.46 18.82
CA TYR A 351 -21.67 -0.60 18.05
C TYR A 351 -20.14 -0.51 18.18
N SER B 10 -20.20 41.46 15.64
CA SER B 10 -19.28 40.94 16.69
C SER B 10 -18.04 40.30 16.04
N VAL B 11 -16.91 40.35 16.74
CA VAL B 11 -15.67 39.69 16.26
C VAL B 11 -15.97 38.20 16.02
N PHE B 12 -16.76 37.56 16.89
CA PHE B 12 -17.04 36.12 16.72
C PHE B 12 -17.75 35.89 15.38
N SER B 13 -18.93 36.47 15.22
CA SER B 13 -19.76 36.14 14.07
C SER B 13 -19.17 36.58 12.72
N GLU B 14 -18.16 37.47 12.76
CA GLU B 14 -17.47 37.93 11.54
C GLU B 14 -16.37 36.97 11.07
N ARG B 15 -15.88 36.14 11.99
CA ARG B 15 -14.79 35.14 11.74
C ARG B 15 -15.37 33.73 11.68
N THR B 16 -16.69 33.56 11.80
CA THR B 16 -17.31 32.24 11.95
C THR B 16 -18.63 32.15 11.19
N GLU B 17 -18.74 31.17 10.28
CA GLU B 17 -20.00 30.85 9.60
C GLU B 17 -21.01 30.41 10.66
N GLU B 18 -22.26 30.88 10.50
CA GLU B 18 -23.36 30.55 11.40
C GLU B 18 -23.55 29.03 11.52
N SER B 19 -23.44 28.32 10.38
CA SER B 19 -23.57 26.87 10.32
C SER B 19 -22.58 26.11 11.22
N SER B 20 -21.36 26.65 11.32
CA SER B 20 -20.31 26.08 12.16
C SER B 20 -20.50 26.38 13.65
N ALA B 21 -20.91 27.62 13.98
CA ALA B 21 -21.15 28.05 15.37
C ALA B 21 -22.30 27.25 16.00
N VAL B 22 -23.39 27.08 15.25
CA VAL B 22 -24.55 26.30 15.66
C VAL B 22 -24.11 24.93 16.17
N GLN B 23 -23.42 24.17 15.30
CA GLN B 23 -22.96 22.82 15.58
C GLN B 23 -21.96 22.76 16.73
N TYR B 24 -21.02 23.70 16.74
CA TYR B 24 -19.97 23.85 17.78
C TYR B 24 -20.64 23.94 19.16
N PHE B 25 -21.59 24.87 19.27
CA PHE B 25 -22.21 25.11 20.55
C PHE B 25 -23.20 24.01 20.94
N GLN B 26 -23.89 23.42 19.96
CA GLN B 26 -24.73 22.24 20.21
C GLN B 26 -23.92 21.07 20.82
N PHE B 27 -22.70 20.85 20.31
CA PHE B 27 -21.82 19.79 20.77
C PHE B 27 -21.43 19.94 22.24
N TYR B 28 -21.04 21.14 22.65
CA TYR B 28 -20.60 21.44 24.05
C TYR B 28 -21.83 21.63 24.98
N GLY B 29 -23.04 21.65 24.40
CA GLY B 29 -24.28 21.78 25.14
C GLY B 29 -24.75 20.49 25.80
N TYR B 30 -24.16 19.36 25.43
CA TYR B 30 -24.53 18.02 25.95
C TYR B 30 -23.76 17.69 27.25
N LEU B 31 -24.49 17.23 28.25
CA LEU B 31 -23.92 16.78 29.51
C LEU B 31 -22.95 15.63 29.30
N SER B 32 -23.32 14.68 28.43
CA SER B 32 -22.43 13.57 28.06
C SER B 32 -21.04 14.06 27.65
N GLN B 33 -20.99 15.16 26.91
CA GLN B 33 -19.72 15.74 26.48
C GLN B 33 -18.94 16.41 27.61
N GLN B 34 -19.68 17.02 28.54
CA GLN B 34 -19.03 17.65 29.73
C GLN B 34 -18.48 16.56 30.64
N GLN B 35 -19.18 15.44 30.78
CA GLN B 35 -18.73 14.31 31.63
C GLN B 35 -17.43 13.73 31.06
N ASN B 36 -17.33 13.61 29.74
CA ASN B 36 -16.11 13.05 29.08
C ASN B 36 -14.89 13.93 29.38
N MET B 37 -15.07 15.25 29.37
CA MET B 37 -13.97 16.19 29.65
C MET B 37 -13.61 16.15 31.14
N MET B 38 -14.62 16.03 31.99
CA MET B 38 -14.40 16.04 33.46
C MET B 38 -13.75 14.72 33.89
N GLN B 39 -14.07 13.63 33.19
CA GLN B 39 -13.51 12.31 33.51
C GLN B 39 -12.06 12.10 33.07
N ASP B 40 -11.54 13.00 32.23
CA ASP B 40 -10.11 13.05 31.97
C ASP B 40 -9.44 13.62 33.21
N TYR B 41 -8.92 12.74 34.06
CA TYR B 41 -8.41 13.11 35.41
C TYR B 41 -7.15 13.98 35.30
N VAL B 42 -6.35 13.80 34.26
CA VAL B 42 -5.12 14.57 34.11
C VAL B 42 -5.47 16.02 33.81
N ARG B 43 -6.45 16.23 32.94
CA ARG B 43 -6.96 17.57 32.56
C ARG B 43 -7.59 18.19 33.81
N THR B 44 -8.63 17.55 34.36
CA THR B 44 -9.38 18.12 35.47
C THR B 44 -8.48 18.35 36.70
N GLY B 45 -7.64 17.37 37.01
CA GLY B 45 -6.75 17.44 38.15
C GLY B 45 -5.64 18.48 38.05
N THR B 46 -5.12 18.68 36.83
CA THR B 46 -4.02 19.62 36.60
C THR B 46 -4.53 21.06 36.69
N TYR B 47 -5.71 21.31 36.11
CA TYR B 47 -6.45 22.59 36.26
C TYR B 47 -6.66 22.87 37.75
N GLN B 48 -7.14 21.88 38.50
CA GLN B 48 -7.38 22.06 39.92
C GLN B 48 -6.08 22.38 40.66
N ARG B 49 -5.03 21.62 40.36
CA ARG B 49 -3.70 21.75 41.00
C ARG B 49 -3.11 23.13 40.69
N ALA B 50 -3.22 23.56 39.43
CA ALA B 50 -2.72 24.86 38.99
C ALA B 50 -3.36 26.02 39.75
N ILE B 51 -4.68 25.94 39.93
CA ILE B 51 -5.48 26.97 40.60
C ILE B 51 -5.27 27.01 42.11
N LEU B 52 -5.35 25.85 42.76
CA LEU B 52 -5.26 25.72 44.23
C LEU B 52 -3.85 25.97 44.77
N GLN B 53 -2.83 25.53 44.03
CA GLN B 53 -1.44 25.71 44.44
C GLN B 53 -0.99 27.13 44.20
N ASN B 54 -1.74 27.85 43.35
CA ASN B 54 -1.60 29.29 43.18
C ASN B 54 -2.80 30.04 43.77
N HIS B 55 -3.16 29.68 45.01
CA HIS B 55 -4.34 30.23 45.70
C HIS B 55 -4.29 31.75 45.83
N THR B 56 -3.08 32.30 46.07
CA THR B 56 -2.87 33.75 46.20
C THR B 56 -3.17 34.52 44.91
N ASP B 57 -3.17 33.83 43.77
CA ASP B 57 -3.63 34.41 42.50
C ASP B 57 -5.16 34.51 42.38
N PHE B 58 -5.87 33.92 43.34
CA PHE B 58 -7.34 33.94 43.35
C PHE B 58 -7.98 34.52 44.61
N LYS B 59 -7.31 34.41 45.76
CA LYS B 59 -7.81 34.93 47.03
C LYS B 59 -8.23 36.39 46.88
N ASP B 60 -9.55 36.63 47.03
CA ASP B 60 -10.20 37.95 47.01
C ASP B 60 -10.06 38.68 45.68
N LYS B 61 -9.90 37.92 44.60
CA LYS B 61 -9.71 38.45 43.27
C LYS B 61 -10.98 38.29 42.45
N ILE B 62 -11.03 39.03 41.33
CA ILE B 62 -12.11 38.99 40.38
C ILE B 62 -11.61 38.14 39.22
N VAL B 63 -12.49 37.27 38.72
CA VAL B 63 -12.13 36.20 37.81
C VAL B 63 -13.13 36.13 36.66
N LEU B 64 -12.61 35.88 35.46
CA LEU B 64 -13.39 35.61 34.29
C LEU B 64 -13.02 34.20 33.79
N ASP B 65 -14.05 33.36 33.64
CA ASP B 65 -13.94 32.00 33.11
C ASP B 65 -14.59 32.00 31.73
N VAL B 66 -13.76 31.85 30.70
CA VAL B 66 -14.22 31.97 29.33
C VAL B 66 -14.62 30.59 28.87
N GLY B 67 -15.91 30.43 28.54
CA GLY B 67 -16.45 29.17 28.08
C GLY B 67 -16.45 28.14 29.19
N CYS B 68 -17.19 28.44 30.26
CA CYS B 68 -17.15 27.70 31.52
C CYS B 68 -17.80 26.32 31.52
N GLY B 69 -18.66 26.07 30.51
CA GLY B 69 -19.39 24.81 30.38
C GLY B 69 -20.21 24.55 31.62
N SER B 70 -19.96 23.41 32.26
CA SER B 70 -20.59 23.00 33.53
C SER B 70 -20.22 23.89 34.71
N GLY B 71 -19.10 24.62 34.61
CA GLY B 71 -18.70 25.58 35.61
C GLY B 71 -17.47 25.19 36.40
N ILE B 72 -16.98 23.96 36.18
CA ILE B 72 -15.96 23.31 37.00
C ILE B 72 -14.73 24.20 37.40
N LEU B 73 -14.22 24.99 36.46
CA LEU B 73 -13.06 25.85 36.70
C LEU B 73 -13.41 27.03 37.59
N SER B 74 -14.65 27.50 37.49
CA SER B 74 -15.15 28.54 38.37
C SER B 74 -15.22 28.04 39.82
N PHE B 75 -15.73 26.80 39.99
CA PHE B 75 -15.77 26.17 41.31
C PHE B 75 -14.40 26.07 41.93
N PHE B 76 -13.39 25.75 41.11
CA PHE B 76 -12.00 25.71 41.54
C PHE B 76 -11.50 27.10 41.98
N ALA B 77 -11.81 28.13 41.18
CA ALA B 77 -11.50 29.52 41.52
C ALA B 77 -12.16 29.89 42.86
N ALA B 78 -13.38 29.38 43.07
CA ALA B 78 -14.10 29.58 44.32
C ALA B 78 -13.41 28.89 45.49
N GLN B 79 -12.98 27.63 45.30
CA GLN B 79 -12.23 26.90 46.33
C GLN B 79 -10.95 27.63 46.75
N ALA B 80 -10.33 28.33 45.79
CA ALA B 80 -9.09 29.08 45.97
C ALA B 80 -9.28 30.43 46.65
N GLY B 81 -10.54 30.87 46.74
CA GLY B 81 -10.94 32.07 47.47
C GLY B 81 -11.29 33.30 46.64
N ALA B 82 -11.72 33.11 45.39
CA ALA B 82 -12.08 34.23 44.52
C ALA B 82 -13.28 34.96 45.11
N ARG B 83 -13.17 36.27 45.21
CA ARG B 83 -14.28 37.17 45.64
C ARG B 83 -15.46 37.04 44.66
N LYS B 84 -15.16 37.01 43.36
CA LYS B 84 -16.17 37.11 42.32
C LYS B 84 -15.67 36.50 41.04
N ILE B 85 -16.52 35.68 40.42
CA ILE B 85 -16.20 34.96 39.22
C ILE B 85 -17.33 35.13 38.23
N TYR B 86 -17.02 35.73 37.08
CA TYR B 86 -17.92 35.87 35.93
C TYR B 86 -17.65 34.67 35.00
N ALA B 87 -18.63 33.77 34.91
CA ALA B 87 -18.52 32.56 34.13
C ALA B 87 -19.35 32.72 32.87
N VAL B 88 -18.67 32.91 31.73
CA VAL B 88 -19.31 33.13 30.44
C VAL B 88 -19.36 31.84 29.63
N GLU B 89 -20.55 31.53 29.10
CA GLU B 89 -20.77 30.33 28.29
C GLU B 89 -21.90 30.54 27.30
N ALA B 90 -21.64 30.23 26.03
CA ALA B 90 -22.54 30.47 24.92
C ALA B 90 -23.51 29.31 24.61
N SER B 91 -23.14 28.08 24.98
CA SER B 91 -24.02 26.93 24.80
C SER B 91 -25.10 26.96 25.87
N THR B 92 -26.11 26.10 25.68
CA THR B 92 -27.17 25.91 26.65
C THR B 92 -26.67 25.31 27.97
N MET B 93 -25.41 24.89 28.02
CA MET B 93 -24.84 24.33 29.28
C MET B 93 -24.78 25.42 30.36
N ALA B 94 -24.91 26.68 29.97
CA ALA B 94 -24.89 27.81 30.92
C ALA B 94 -26.00 27.65 31.96
N GLN B 95 -27.11 27.05 31.57
CA GLN B 95 -28.26 26.83 32.48
C GLN B 95 -27.94 25.70 33.46
N HIS B 96 -27.26 24.65 33.02
CA HIS B 96 -26.82 23.56 33.94
C HIS B 96 -25.73 24.12 34.87
N ALA B 97 -24.85 25.01 34.39
CA ALA B 97 -23.90 25.66 35.29
C ALA B 97 -24.56 26.47 36.41
N GLU B 98 -25.63 27.21 36.05
CA GLU B 98 -26.42 27.99 37.04
C GLU B 98 -26.98 27.07 38.13
N VAL B 99 -27.60 25.95 37.72
CA VAL B 99 -28.10 24.94 38.61
C VAL B 99 -27.04 24.49 39.62
N LEU B 100 -25.83 24.19 39.15
CA LEU B 100 -24.74 23.77 40.03
C LEU B 100 -24.27 24.89 40.97
N VAL B 101 -24.28 26.14 40.51
CA VAL B 101 -23.90 27.26 41.35
C VAL B 101 -24.86 27.43 42.55
N LYS B 102 -26.14 27.13 42.33
CA LYS B 102 -27.16 27.23 43.38
C LYS B 102 -27.05 26.06 44.35
N SER B 103 -27.08 24.85 43.82
CA SER B 103 -26.93 23.63 44.62
C SER B 103 -25.62 23.57 45.43
N ASN B 104 -24.59 24.32 45.02
CA ASN B 104 -23.33 24.44 45.78
C ASN B 104 -23.21 25.73 46.59
N ASN B 105 -24.31 26.48 46.74
CA ASN B 105 -24.38 27.69 47.57
C ASN B 105 -23.29 28.71 47.28
N LEU B 106 -23.07 28.99 45.99
CA LEU B 106 -22.08 29.93 45.54
C LEU B 106 -22.66 31.07 44.69
N THR B 107 -23.97 31.32 44.84
CA THR B 107 -24.68 32.38 44.11
C THR B 107 -24.13 33.77 44.40
N ASP B 108 -23.54 33.94 45.58
CA ASP B 108 -22.89 35.19 45.96
C ASP B 108 -21.53 35.45 45.31
N ARG B 109 -20.94 34.42 44.67
CA ARG B 109 -19.54 34.46 44.19
C ARG B 109 -19.41 34.08 42.70
N ILE B 110 -20.26 33.18 42.20
CA ILE B 110 -20.21 32.78 40.80
C ILE B 110 -21.44 33.28 40.08
N VAL B 111 -21.22 34.20 39.14
CA VAL B 111 -22.25 34.72 38.26
C VAL B 111 -22.04 34.19 36.83
N VAL B 112 -22.96 33.30 36.43
CA VAL B 112 -23.04 32.81 35.08
C VAL B 112 -23.62 33.91 34.19
N ILE B 113 -22.95 34.15 33.05
CA ILE B 113 -23.37 35.11 32.04
C ILE B 113 -23.53 34.41 30.70
N PRO B 114 -24.76 34.06 30.28
CA PRO B 114 -24.98 33.35 29.03
C PRO B 114 -24.68 34.25 27.81
N GLY B 115 -23.95 33.71 26.84
CA GLY B 115 -23.59 34.41 25.63
C GLY B 115 -22.13 34.19 25.27
N LYS B 116 -21.74 34.77 24.13
CA LYS B 116 -20.36 34.74 23.65
C LYS B 116 -19.57 35.85 24.34
N VAL B 117 -18.34 35.55 24.76
CA VAL B 117 -17.46 36.48 25.47
C VAL B 117 -17.17 37.74 24.65
N GLU B 118 -17.29 37.64 23.31
CA GLU B 118 -17.16 38.77 22.39
C GLU B 118 -18.39 39.71 22.35
N GLU B 119 -19.51 39.29 22.96
CA GLU B 119 -20.79 39.96 22.86
C GLU B 119 -21.43 40.42 24.18
N VAL B 120 -21.12 39.72 25.27
CA VAL B 120 -21.66 40.05 26.58
C VAL B 120 -20.97 41.27 27.21
N SER B 121 -21.67 41.91 28.16
CA SER B 121 -21.15 43.01 28.96
C SER B 121 -20.82 42.51 30.35
N LEU B 122 -19.55 42.64 30.75
CA LEU B 122 -19.14 42.34 32.10
C LEU B 122 -19.16 43.66 32.84
N PRO B 123 -19.56 43.67 34.14
CA PRO B 123 -19.74 44.92 34.87
C PRO B 123 -18.44 45.56 35.37
N GLU B 124 -17.36 44.78 35.48
CA GLU B 124 -16.05 45.27 35.88
C GLU B 124 -14.91 44.49 35.22
N GLN B 125 -13.71 45.02 35.37
CA GLN B 125 -12.47 44.41 34.90
C GLN B 125 -12.05 43.32 35.88
N VAL B 126 -11.35 42.31 35.39
CA VAL B 126 -10.94 41.16 36.17
C VAL B 126 -9.43 41.12 36.38
N ASP B 127 -9.02 40.42 37.44
CA ASP B 127 -7.61 40.25 37.83
C ASP B 127 -6.95 39.10 37.07
N ILE B 128 -7.79 38.16 36.61
CA ILE B 128 -7.31 36.93 36.01
C ILE B 128 -8.39 36.25 35.16
N ILE B 129 -7.97 35.66 34.05
CA ILE B 129 -8.84 34.93 33.16
C ILE B 129 -8.44 33.47 33.21
N ILE B 130 -9.44 32.59 33.22
CA ILE B 130 -9.23 31.16 33.16
C ILE B 130 -10.11 30.55 32.05
N SER B 131 -9.60 29.51 31.40
CA SER B 131 -10.28 28.88 30.29
C SER B 131 -9.55 27.60 29.92
N GLU B 132 -10.28 26.73 29.23
CA GLU B 132 -9.73 25.58 28.54
C GLU B 132 -10.04 25.75 27.06
N PRO B 133 -9.31 26.64 26.35
CA PRO B 133 -9.57 26.93 24.94
C PRO B 133 -8.79 26.08 23.92
N MET B 134 -8.02 25.09 24.37
CA MET B 134 -7.13 24.32 23.53
C MET B 134 -7.94 23.27 22.75
N GLY B 135 -7.63 23.13 21.45
CA GLY B 135 -8.14 22.07 20.60
C GLY B 135 -6.95 21.23 20.13
N TYR B 136 -7.24 20.28 19.25
CA TYR B 136 -6.21 19.47 18.55
C TYR B 136 -5.12 20.41 18.05
N MET B 137 -3.85 19.99 18.12
CA MET B 137 -2.72 20.81 17.70
C MET B 137 -2.75 22.19 18.35
N LEU B 138 -3.32 22.28 19.56
CA LEU B 138 -3.51 23.53 20.30
C LEU B 138 -4.60 24.45 19.73
N PHE B 139 -4.52 24.77 18.43
CA PHE B 139 -5.27 25.85 17.80
C PHE B 139 -6.67 25.51 17.25
N ASN B 140 -6.95 24.23 17.02
CA ASN B 140 -8.21 23.86 16.38
C ASN B 140 -9.43 24.34 17.14
N GLU B 141 -10.48 24.73 16.40
CA GLU B 141 -11.76 25.25 16.95
C GLU B 141 -11.71 26.76 17.21
N ARG B 142 -10.49 27.33 17.25
CA ARG B 142 -10.19 28.79 17.24
C ARG B 142 -10.74 29.47 18.49
N MET B 143 -10.90 28.73 19.59
CA MET B 143 -11.32 29.36 20.81
C MET B 143 -10.18 30.18 21.45
N LEU B 144 -8.94 29.92 21.06
CA LEU B 144 -7.83 30.71 21.57
C LEU B 144 -8.00 32.19 21.24
N GLU B 145 -8.76 32.49 20.17
CA GLU B 145 -9.08 33.87 19.80
C GLU B 145 -10.05 34.51 20.79
N SER B 146 -11.07 33.75 21.21
CA SER B 146 -12.02 34.23 22.21
C SER B 146 -11.32 34.51 23.52
N TYR B 147 -10.39 33.64 23.90
CA TYR B 147 -9.57 33.75 25.13
C TYR B 147 -8.74 35.04 25.07
N LEU B 148 -8.13 35.32 23.93
CA LEU B 148 -7.31 36.51 23.75
C LEU B 148 -8.19 37.74 23.66
N HIS B 149 -9.36 37.61 23.02
CA HIS B 149 -10.35 38.68 22.91
C HIS B 149 -10.80 39.18 24.28
N ALA B 150 -10.97 38.23 25.21
CA ALA B 150 -11.42 38.52 26.57
C ALA B 150 -10.44 39.37 27.40
N LYS B 151 -9.25 39.63 26.86
CA LYS B 151 -8.27 40.47 27.56
C LYS B 151 -8.68 41.93 27.62
N LYS B 152 -9.70 42.31 26.84
CA LYS B 152 -10.28 43.65 26.94
C LYS B 152 -10.85 43.88 28.35
N TYR B 153 -11.09 42.79 29.08
CA TYR B 153 -11.64 42.79 30.46
C TYR B 153 -10.52 42.60 31.50
N LEU B 154 -9.26 42.44 31.08
CA LEU B 154 -8.20 42.14 32.02
C LEU B 154 -7.51 43.42 32.44
N LYS B 155 -7.38 43.62 33.75
CA LYS B 155 -6.64 44.75 34.28
C LYS B 155 -5.21 44.70 33.75
N PRO B 156 -4.51 45.87 33.69
CA PRO B 156 -3.06 45.87 33.47
C PRO B 156 -2.44 45.09 34.64
N SER B 157 -1.49 44.21 34.35
CA SER B 157 -0.91 43.36 35.39
C SER B 157 -1.79 42.16 35.74
N GLY B 158 -2.87 41.96 35.00
CA GLY B 158 -3.66 40.73 35.20
C GLY B 158 -2.92 39.50 34.67
N ASN B 159 -3.43 38.31 34.96
CA ASN B 159 -2.77 37.05 34.54
C ASN B 159 -3.71 36.21 33.69
N MET B 160 -3.17 35.24 32.98
CA MET B 160 -3.98 34.31 32.17
C MET B 160 -3.64 32.88 32.61
N PHE B 161 -4.65 32.01 32.72
CA PHE B 161 -4.43 30.59 33.10
C PHE B 161 -5.25 29.72 32.16
N PRO B 162 -4.66 29.09 31.11
CA PRO B 162 -3.20 29.02 30.95
C PRO B 162 -2.50 30.31 30.51
N THR B 163 -1.20 30.43 30.80
CA THR B 163 -0.39 31.61 30.51
C THR B 163 0.31 31.52 29.14
N ILE B 164 0.88 30.35 28.82
CA ILE B 164 1.52 30.10 27.52
C ILE B 164 1.15 28.74 26.98
N GLY B 165 1.33 28.56 25.66
CA GLY B 165 1.12 27.30 24.98
C GLY B 165 2.31 26.99 24.08
N ASP B 166 2.90 25.80 24.24
CA ASP B 166 4.00 25.32 23.42
C ASP B 166 3.47 24.24 22.51
N VAL B 167 3.61 24.46 21.20
CA VAL B 167 3.25 23.41 20.22
C VAL B 167 4.54 22.68 19.85
N HIS B 168 4.52 21.36 19.91
CA HIS B 168 5.74 20.57 19.59
C HIS B 168 5.56 19.86 18.26
N LEU B 169 6.57 19.97 17.39
CA LEU B 169 6.52 19.36 16.05
C LEU B 169 7.70 18.40 15.96
N ALA B 170 7.48 17.19 15.47
CA ALA B 170 8.60 16.23 15.32
C ALA B 170 8.35 15.34 14.10
N PRO B 171 9.39 14.89 13.38
CA PRO B 171 9.21 13.96 12.26
C PRO B 171 9.00 12.50 12.74
N PHE B 172 8.16 11.73 12.04
CA PHE B 172 7.93 10.37 12.46
C PHE B 172 8.00 9.37 11.32
N THR B 173 8.31 8.11 11.66
CA THR B 173 8.23 7.00 10.73
C THR B 173 7.14 6.05 11.20
N ASP B 174 6.19 5.73 10.32
CA ASP B 174 5.14 4.77 10.62
C ASP B 174 4.59 4.18 9.35
N GLU B 175 5.34 3.26 8.79
CA GLU B 175 5.01 2.61 7.52
C GLU B 175 3.55 2.09 7.51
N GLN B 176 3.12 1.49 8.62
CA GLN B 176 1.79 0.88 8.72
C GLN B 176 0.67 1.91 8.65
N LEU B 177 0.87 3.07 9.28
CA LEU B 177 -0.06 4.18 9.16
C LEU B 177 -0.18 4.61 7.70
N TYR B 178 0.96 4.88 7.08
CA TYR B 178 1.04 5.30 5.65
C TYR B 178 0.27 4.29 4.77
N MET B 179 0.48 3.00 5.02
CA MET B 179 -0.14 1.93 4.24
C MET B 179 -1.66 1.87 4.37
N GLU B 180 -2.16 2.01 5.60
CA GLU B 180 -3.62 1.96 5.85
C GLU B 180 -4.34 3.00 4.99
N GLN B 181 -3.77 4.20 4.89
CA GLN B 181 -4.44 5.31 4.16
C GLN B 181 -4.31 5.12 2.64
N PHE B 182 -3.21 4.55 2.17
CA PHE B 182 -3.06 4.29 0.71
C PHE B 182 -3.89 3.06 0.33
N THR B 183 -4.11 2.15 1.27
CA THR B 183 -4.96 0.95 1.01
C THR B 183 -6.41 1.44 0.87
N LYS B 184 -6.86 2.33 1.74
CA LYS B 184 -8.18 2.94 1.62
C LYS B 184 -8.34 3.70 0.30
N ALA B 185 -7.36 4.57 0.01
CA ALA B 185 -7.34 5.36 -1.22
C ALA B 185 -7.43 4.48 -2.47
N ASN B 186 -6.80 3.31 -2.40
CA ASN B 186 -6.69 2.43 -3.55
C ASN B 186 -8.02 1.87 -4.05
N PHE B 187 -9.06 2.05 -3.24
CA PHE B 187 -10.40 1.67 -3.64
C PHE B 187 -10.70 2.33 -4.98
N TRP B 188 -10.25 3.57 -5.14
CA TRP B 188 -10.59 4.39 -6.29
C TRP B 188 -9.73 4.17 -7.51
N TYR B 189 -8.74 3.25 -7.43
CA TYR B 189 -7.97 2.80 -8.62
C TYR B 189 -8.74 1.73 -9.41
N GLN B 190 -9.87 1.19 -8.92
CA GLN B 190 -10.50 0.06 -9.57
C GLN B 190 -11.03 0.37 -10.96
N PRO B 191 -10.64 -0.37 -12.01
CA PRO B 191 -11.21 -0.16 -13.34
C PRO B 191 -12.61 -0.77 -13.56
N SER B 192 -13.08 -1.62 -12.65
CA SER B 192 -14.38 -2.26 -12.85
C SER B 192 -15.04 -2.66 -11.53
N PHE B 193 -15.45 -1.64 -10.78
CA PHE B 193 -16.25 -1.78 -9.58
C PHE B 193 -17.70 -1.91 -9.99
N HIS B 194 -18.24 -3.14 -9.92
CA HIS B 194 -19.54 -3.48 -10.51
C HIS B 194 -19.63 -2.94 -11.94
N GLY B 195 -18.54 -3.10 -12.69
CA GLY B 195 -18.46 -2.68 -14.07
C GLY B 195 -18.25 -1.19 -14.33
N VAL B 196 -17.85 -0.44 -13.30
CA VAL B 196 -17.69 1.00 -13.40
C VAL B 196 -16.25 1.36 -13.10
N ASP B 197 -15.67 2.20 -13.95
CA ASP B 197 -14.27 2.58 -13.83
C ASP B 197 -14.15 3.76 -12.91
N LEU B 198 -13.56 3.53 -11.74
CA LEU B 198 -13.44 4.56 -10.73
C LEU B 198 -12.13 5.33 -10.80
N SER B 199 -11.20 4.86 -11.62
CA SER B 199 -9.79 5.24 -11.49
C SER B 199 -9.49 6.69 -11.81
N ALA B 200 -10.38 7.36 -12.55
CA ALA B 200 -10.17 8.79 -12.81
C ALA B 200 -10.19 9.65 -11.52
N LEU B 201 -10.73 9.08 -10.44
CA LEU B 201 -10.82 9.76 -9.15
C LEU B 201 -9.74 9.36 -8.15
N ARG B 202 -8.85 8.42 -8.51
CA ARG B 202 -7.75 7.94 -7.64
C ARG B 202 -6.98 9.12 -7.04
N GLY B 203 -6.62 10.10 -7.88
CA GLY B 203 -5.83 11.24 -7.43
C GLY B 203 -6.54 12.00 -6.34
N ALA B 204 -7.82 12.30 -6.59
CA ALA B 204 -8.66 13.07 -5.68
C ALA B 204 -8.88 12.34 -4.34
N ALA B 205 -9.03 11.01 -4.42
CA ALA B 205 -9.23 10.18 -3.23
C ALA B 205 -8.00 10.25 -2.34
N VAL B 206 -6.82 10.07 -2.95
CA VAL B 206 -5.56 10.10 -2.23
C VAL B 206 -5.40 11.42 -1.54
N ASP B 207 -5.64 12.52 -2.26
CA ASP B 207 -5.57 13.88 -1.71
C ASP B 207 -6.44 13.99 -0.48
N GLU B 208 -7.72 13.60 -0.62
CA GLU B 208 -8.69 13.72 0.46
C GLU B 208 -8.19 13.00 1.70
N TYR B 209 -7.79 11.75 1.54
CA TYR B 209 -7.32 10.86 2.64
C TYR B 209 -6.08 11.49 3.30
N PHE B 210 -5.14 12.00 2.52
CA PHE B 210 -3.90 12.51 3.08
C PHE B 210 -4.04 13.89 3.69
N ARG B 211 -5.15 14.57 3.42
CA ARG B 211 -5.50 15.88 4.03
C ARG B 211 -6.08 15.68 5.43
N GLN B 212 -6.42 14.44 5.83
CA GLN B 212 -6.98 14.16 7.16
C GLN B 212 -5.88 14.04 8.22
N PRO B 213 -5.80 14.92 9.23
CA PRO B 213 -4.86 14.70 10.32
C PRO B 213 -5.32 13.50 11.14
N VAL B 214 -4.37 12.64 11.51
CA VAL B 214 -4.61 11.40 12.19
C VAL B 214 -4.51 11.69 13.67
N VAL B 215 -5.65 11.53 14.37
CA VAL B 215 -5.77 11.78 15.79
C VAL B 215 -5.80 10.44 16.49
N ASP B 216 -4.70 10.15 17.21
CA ASP B 216 -4.53 8.99 18.06
C ASP B 216 -3.20 9.16 18.79
N THR B 217 -2.77 8.11 19.50
CA THR B 217 -1.48 8.12 20.17
C THR B 217 -0.53 7.13 19.51
N PHE B 218 0.75 7.21 19.89
CA PHE B 218 1.78 6.40 19.31
C PHE B 218 2.94 6.28 20.28
N ASP B 219 3.73 5.22 20.11
CA ASP B 219 4.97 5.05 20.85
C ASP B 219 5.94 6.15 20.41
N ILE B 220 6.60 6.81 21.38
CA ILE B 220 7.62 7.82 21.09
C ILE B 220 8.81 7.33 20.24
N ARG B 221 8.95 6.00 20.09
CA ARG B 221 10.03 5.35 19.31
C ARG B 221 9.90 5.68 17.81
N ILE B 222 8.73 6.09 17.33
CA ILE B 222 8.55 6.47 15.92
C ILE B 222 9.14 7.84 15.56
N LEU B 223 9.50 8.64 16.58
CA LEU B 223 10.03 9.99 16.37
C LEU B 223 11.47 9.94 15.98
N MET B 224 11.83 10.66 14.89
CA MET B 224 13.14 10.55 14.26
C MET B 224 14.09 11.69 14.55
N ALA B 225 13.62 12.70 15.28
CA ALA B 225 14.43 13.81 15.72
C ALA B 225 13.79 14.45 16.94
N LYS B 226 14.61 15.13 17.75
CA LYS B 226 14.14 15.95 18.84
C LYS B 226 13.09 16.94 18.29
N SER B 227 12.00 17.14 19.03
CA SER B 227 10.90 17.99 18.57
C SER B 227 11.32 19.45 18.54
N VAL B 228 10.56 20.25 17.80
CA VAL B 228 10.75 21.69 17.70
C VAL B 228 9.55 22.36 18.37
N LYS B 229 9.81 23.45 19.09
CA LYS B 229 8.83 24.10 19.94
C LYS B 229 8.45 25.46 19.37
N TYR B 230 7.13 25.72 19.24
CA TYR B 230 6.56 27.05 18.91
C TYR B 230 5.69 27.53 20.08
N THR B 231 6.11 28.61 20.72
CA THR B 231 5.45 29.17 21.90
C THR B 231 4.53 30.35 21.57
N VAL B 232 3.28 30.27 22.01
CA VAL B 232 2.37 31.42 22.06
C VAL B 232 2.26 31.86 23.52
N ASN B 233 2.58 33.12 23.78
CA ASN B 233 2.44 33.71 25.11
C ASN B 233 1.10 34.46 25.15
N PHE B 234 0.12 33.90 25.88
CA PHE B 234 -1.26 34.43 25.88
C PHE B 234 -1.39 35.81 26.55
N LEU B 235 -0.43 36.18 27.40
CA LEU B 235 -0.36 37.50 27.98
C LEU B 235 -0.07 38.59 26.94
N GLU B 236 0.74 38.27 25.93
CA GLU B 236 1.19 39.24 24.94
C GLU B 236 0.48 39.11 23.58
N ALA B 237 0.07 37.91 23.21
CA ALA B 237 -0.51 37.66 21.90
C ALA B 237 -1.84 38.41 21.72
N LYS B 238 -2.17 38.71 20.46
CA LYS B 238 -3.39 39.39 20.09
C LYS B 238 -4.22 38.44 19.25
N GLU B 239 -5.54 38.62 19.28
CA GLU B 239 -6.49 37.74 18.61
C GLU B 239 -6.07 37.49 17.16
N GLY B 240 -5.65 38.57 16.48
CA GLY B 240 -5.29 38.54 15.07
C GLY B 240 -4.02 37.77 14.74
N ASP B 241 -3.16 37.58 15.74
CA ASP B 241 -1.94 36.81 15.56
C ASP B 241 -2.23 35.35 15.17
N LEU B 242 -3.43 34.86 15.50
CA LEU B 242 -3.80 33.49 15.25
C LEU B 242 -4.56 33.27 13.92
N HIS B 243 -4.72 34.34 13.13
CA HIS B 243 -5.32 34.22 11.81
C HIS B 243 -4.37 33.58 10.81
N ARG B 244 -3.07 33.86 10.96
CA ARG B 244 -1.98 33.25 10.15
C ARG B 244 -0.83 32.85 11.09
N ILE B 245 -0.56 31.55 11.23
CA ILE B 245 0.46 31.07 12.13
C ILE B 245 1.53 30.33 11.32
N GLU B 246 2.74 30.90 11.32
CA GLU B 246 3.86 30.36 10.58
C GLU B 246 4.88 29.77 11.52
N ILE B 247 5.03 28.44 11.43
CA ILE B 247 5.91 27.66 12.31
C ILE B 247 7.09 27.11 11.49
N PRO B 248 8.26 27.79 11.54
CA PRO B 248 9.46 27.28 10.88
C PRO B 248 10.03 26.10 11.68
N PHE B 249 10.71 25.16 11.01
CA PHE B 249 11.35 24.04 11.69
C PHE B 249 12.61 23.58 10.98
N LYS B 250 13.60 23.14 11.77
CA LYS B 250 14.83 22.52 11.28
C LYS B 250 15.15 21.36 12.23
N PHE B 251 14.91 20.14 11.76
CA PHE B 251 15.15 18.93 12.54
C PHE B 251 16.52 18.39 12.16
N HIS B 252 17.29 17.97 13.16
CA HIS B 252 18.53 17.25 12.93
C HIS B 252 18.21 15.76 13.12
N MET B 253 18.23 15.02 12.01
CA MET B 253 17.78 13.63 12.02
C MET B 253 18.69 12.77 12.88
N LEU B 254 18.09 12.06 13.85
CA LEU B 254 18.78 11.15 14.75
C LEU B 254 18.78 9.72 14.23
N HIS B 255 17.83 9.39 13.35
CA HIS B 255 17.71 8.06 12.74
C HIS B 255 17.53 8.17 11.23
N SER B 256 18.03 7.17 10.52
CA SER B 256 17.90 7.05 9.08
C SER B 256 16.61 6.30 8.74
N GLY B 257 15.91 6.76 7.71
CA GLY B 257 14.72 6.05 7.26
C GLY B 257 13.75 6.96 6.54
N LEU B 258 12.57 6.40 6.24
CA LEU B 258 11.47 7.12 5.66
C LEU B 258 10.73 7.92 6.74
N VAL B 259 10.65 9.25 6.51
CA VAL B 259 9.86 10.16 7.32
C VAL B 259 8.49 10.22 6.63
N HIS B 260 7.45 9.69 7.28
CA HIS B 260 6.11 9.64 6.69
C HIS B 260 5.25 10.86 7.02
N GLY B 261 5.73 11.75 7.90
CA GLY B 261 4.99 12.93 8.27
C GLY B 261 5.56 13.70 9.45
N LEU B 262 4.75 14.65 9.95
CA LEU B 262 5.05 15.33 11.20
C LEU B 262 4.00 15.02 12.28
N ALA B 263 4.47 14.80 13.51
CA ALA B 263 3.62 14.61 14.69
C ALA B 263 3.59 15.88 15.50
N PHE B 264 2.38 16.22 15.98
CA PHE B 264 2.13 17.42 16.77
C PHE B 264 1.50 17.07 18.12
N TRP B 265 1.94 17.80 19.15
CA TRP B 265 1.30 17.80 20.45
C TRP B 265 1.54 19.18 21.07
N PHE B 266 1.00 19.40 22.27
CA PHE B 266 1.17 20.67 22.95
C PHE B 266 1.21 20.55 24.48
N ASP B 267 1.91 21.52 25.09
CA ASP B 267 1.88 21.80 26.51
C ASP B 267 1.32 23.21 26.69
N VAL B 268 0.57 23.42 27.79
CA VAL B 268 0.27 24.76 28.32
C VAL B 268 0.83 24.84 29.73
N ALA B 269 1.27 26.05 30.11
CA ALA B 269 1.79 26.31 31.45
C ALA B 269 0.91 27.36 32.15
N PHE B 270 0.57 27.07 33.41
CA PHE B 270 -0.12 27.99 34.30
C PHE B 270 0.96 28.60 35.19
N ILE B 271 1.35 29.85 34.87
CA ILE B 271 2.45 30.54 35.54
C ILE B 271 1.89 31.45 36.62
N GLY B 272 1.81 30.91 37.85
CA GLY B 272 1.30 31.63 39.00
C GLY B 272 2.43 32.24 39.83
N SER B 273 2.04 32.92 40.91
CA SER B 273 2.96 33.60 41.81
C SER B 273 3.71 32.61 42.68
N ILE B 274 3.07 31.46 42.94
CA ILE B 274 3.60 30.47 43.87
C ILE B 274 4.39 29.43 43.09
N MET B 275 3.85 28.99 41.95
CA MET B 275 4.51 28.01 41.11
C MET B 275 3.93 27.93 39.69
N THR B 276 4.69 27.28 38.81
CA THR B 276 4.26 27.04 37.45
C THR B 276 3.85 25.58 37.34
N VAL B 277 2.62 25.35 36.88
CA VAL B 277 2.07 24.01 36.68
C VAL B 277 1.86 23.81 35.20
N TRP B 278 2.32 22.64 34.71
CA TRP B 278 2.27 22.26 33.31
C TRP B 278 1.20 21.19 33.09
N LEU B 279 0.48 21.34 31.97
CA LEU B 279 -0.44 20.33 31.46
C LEU B 279 0.09 19.91 30.10
N SER B 280 0.59 18.67 29.99
CA SER B 280 1.21 18.20 28.75
C SER B 280 0.34 17.17 28.01
N THR B 281 0.31 17.26 26.69
CA THR B 281 -0.34 16.24 25.86
C THR B 281 0.68 15.44 25.04
N ALA B 282 1.94 15.49 25.48
CA ALA B 282 3.05 14.77 24.87
C ALA B 282 2.80 13.27 24.85
N PRO B 283 3.39 12.52 23.90
CA PRO B 283 3.29 11.06 23.88
C PRO B 283 4.14 10.39 24.99
N THR B 284 5.05 11.12 25.63
CA THR B 284 5.75 10.67 26.83
C THR B 284 4.88 10.72 28.10
N GLU B 285 3.72 11.39 28.02
CA GLU B 285 2.83 11.61 29.16
C GLU B 285 1.53 10.83 28.97
N PRO B 286 0.74 10.62 30.05
CA PRO B 286 -0.52 9.87 29.93
C PRO B 286 -1.48 10.54 28.93
N LEU B 287 -2.28 9.71 28.26
CA LEU B 287 -3.18 10.15 27.22
C LEU B 287 -4.27 11.07 27.74
N THR B 288 -4.50 12.18 27.04
CA THR B 288 -5.63 13.11 27.26
C THR B 288 -6.63 13.02 26.09
N HIS B 289 -7.77 13.69 26.24
CA HIS B 289 -8.81 13.78 25.19
C HIS B 289 -8.36 14.60 23.93
N TRP B 290 -7.16 15.20 24.00
CA TRP B 290 -6.50 15.87 22.87
C TRP B 290 -5.62 14.92 22.04
N TYR B 291 -5.32 13.75 22.61
CA TYR B 291 -4.44 12.72 22.00
C TYR B 291 -3.16 13.39 21.52
N GLN B 292 -2.70 12.99 20.32
CA GLN B 292 -1.71 13.68 19.52
C GLN B 292 -2.24 13.66 18.08
N VAL B 293 -1.62 14.49 17.23
CA VAL B 293 -2.03 14.61 15.84
C VAL B 293 -0.85 14.39 14.91
N ARG B 294 -1.05 13.58 13.87
CA ARG B 294 0.00 13.31 12.85
C ARG B 294 -0.53 13.76 11.48
N CYS B 295 0.29 14.53 10.74
CA CYS B 295 0.01 14.87 9.36
C CYS B 295 0.98 14.07 8.49
N LEU B 296 0.41 13.21 7.65
CA LEU B 296 1.13 12.40 6.70
C LEU B 296 1.53 13.21 5.49
N PHE B 297 2.74 12.89 4.97
CA PHE B 297 3.16 13.31 3.64
C PHE B 297 2.57 12.32 2.64
N GLN B 298 2.25 12.83 1.44
CA GLN B 298 1.72 12.01 0.36
C GLN B 298 2.81 11.05 -0.13
N SER B 299 4.05 11.55 -0.14
CA SER B 299 5.21 10.73 -0.40
C SER B 299 6.20 10.89 0.75
N PRO B 300 6.67 9.76 1.32
CA PRO B 300 7.71 9.78 2.34
C PRO B 300 8.97 10.50 1.85
N LEU B 301 9.77 11.05 2.77
CA LEU B 301 11.09 11.55 2.45
C LEU B 301 12.11 10.63 3.10
N PHE B 302 13.06 10.11 2.31
CA PHE B 302 14.20 9.42 2.86
C PHE B 302 15.17 10.44 3.45
N ALA B 303 15.60 10.21 4.69
CA ALA B 303 16.67 10.98 5.31
C ALA B 303 17.62 10.07 6.08
N LYS B 304 18.92 10.40 6.01
CA LYS B 304 19.93 9.75 6.82
C LYS B 304 20.10 10.49 8.12
N ALA B 305 20.48 9.76 9.18
CA ALA B 305 20.86 10.38 10.45
C ALA B 305 21.99 11.34 10.18
N GLY B 306 21.89 12.57 10.71
CA GLY B 306 22.82 13.64 10.43
C GLY B 306 22.31 14.65 9.42
N ASP B 307 21.37 14.24 8.57
CA ASP B 307 20.69 15.13 7.64
C ASP B 307 19.78 16.10 8.42
N THR B 308 19.50 17.27 7.81
CA THR B 308 18.58 18.24 8.37
C THR B 308 17.33 18.21 7.50
N LEU B 309 16.16 18.23 8.17
CA LEU B 309 14.86 18.32 7.51
C LEU B 309 14.22 19.64 7.93
N SER B 310 14.10 20.57 6.98
CA SER B 310 13.61 21.91 7.24
C SER B 310 12.41 22.26 6.38
N GLY B 311 11.62 23.21 6.88
CA GLY B 311 10.42 23.65 6.23
C GLY B 311 9.56 24.52 7.13
N THR B 312 8.29 24.63 6.75
CA THR B 312 7.31 25.45 7.44
C THR B 312 6.00 24.73 7.56
N CYS B 313 5.38 24.90 8.73
CA CYS B 313 4.00 24.56 8.97
C CYS B 313 3.23 25.88 9.04
N LEU B 314 2.29 26.08 8.11
CA LEU B 314 1.57 27.34 7.97
C LEU B 314 0.10 27.05 8.18
N LEU B 315 -0.50 27.74 9.16
CA LEU B 315 -1.90 27.60 9.50
C LEU B 315 -2.63 28.88 9.18
N ILE B 316 -3.65 28.76 8.33
CA ILE B 316 -4.46 29.89 7.91
C ILE B 316 -5.92 29.65 8.33
N ALA B 317 -6.38 30.48 9.28
CA ALA B 317 -7.70 30.31 9.89
C ALA B 317 -8.79 30.46 8.84
N ASN B 318 -9.78 29.56 8.90
CA ASN B 318 -10.98 29.62 8.03
C ASN B 318 -12.28 29.92 8.81
N LYS B 319 -13.36 30.16 8.08
CA LYS B 319 -14.66 30.49 8.64
C LYS B 319 -15.39 29.33 9.34
N ARG B 320 -14.88 28.09 9.22
CA ARG B 320 -15.47 26.88 9.85
C ARG B 320 -14.75 26.60 11.19
N GLN B 321 -14.21 27.64 11.83
CA GLN B 321 -13.52 27.54 13.12
C GLN B 321 -12.36 26.55 13.10
N SER B 322 -11.73 26.40 11.93
CA SER B 322 -10.57 25.54 11.82
C SER B 322 -9.46 26.27 11.05
N TYR B 323 -8.48 25.50 10.59
CA TYR B 323 -7.33 26.00 9.81
C TYR B 323 -7.15 25.16 8.55
N ASP B 324 -6.71 25.82 7.47
CA ASP B 324 -6.11 25.18 6.33
C ASP B 324 -4.63 25.14 6.65
N ILE B 325 -4.04 23.93 6.64
CA ILE B 325 -2.67 23.76 7.04
C ILE B 325 -1.85 23.39 5.83
N SER B 326 -0.75 24.12 5.62
CA SER B 326 0.19 23.77 4.59
C SER B 326 1.56 23.42 5.25
N ILE B 327 2.03 22.22 4.93
CA ILE B 327 3.29 21.72 5.43
C ILE B 327 4.24 21.45 4.27
N VAL B 328 5.37 22.16 4.32
CA VAL B 328 6.39 22.07 3.30
C VAL B 328 7.65 21.66 4.03
N ALA B 329 8.25 20.57 3.56
CA ALA B 329 9.42 19.99 4.18
C ALA B 329 10.36 19.50 3.11
N GLN B 330 11.65 19.74 3.32
CA GLN B 330 12.66 19.18 2.45
C GLN B 330 13.89 18.73 3.22
N VAL B 331 14.50 17.65 2.72
CA VAL B 331 15.78 17.17 3.21
C VAL B 331 16.84 18.04 2.55
N ASP B 332 17.53 18.84 3.37
CA ASP B 332 18.39 19.91 2.87
C ASP B 332 19.52 19.40 2.02
N GLN B 333 20.08 18.25 2.41
CA GLN B 333 21.24 17.65 1.75
C GLN B 333 20.92 17.02 0.41
N THR B 334 19.64 16.73 0.13
CA THR B 334 19.24 16.10 -1.14
C THR B 334 18.30 16.91 -2.00
N GLY B 335 17.62 17.90 -1.40
CA GLY B 335 16.59 18.67 -2.07
C GLY B 335 15.30 17.91 -2.28
N SER B 336 15.15 16.75 -1.63
CA SER B 336 13.91 15.97 -1.65
C SER B 336 12.89 16.74 -0.82
N LYS B 337 11.76 17.05 -1.43
CA LYS B 337 10.79 17.98 -0.88
C LYS B 337 9.37 17.39 -0.94
N SER B 338 8.60 17.62 0.13
CA SER B 338 7.20 17.24 0.16
C SER B 338 6.35 18.41 0.69
N SER B 339 5.34 18.77 -0.09
CA SER B 339 4.31 19.76 0.25
C SER B 339 2.98 19.06 0.46
N ASN B 340 2.30 19.45 1.54
CA ASN B 340 1.07 18.73 1.91
C ASN B 340 0.05 19.71 2.47
N LEU B 341 -1.21 19.54 2.05
CA LEU B 341 -2.30 20.39 2.60
C LEU B 341 -3.07 19.53 3.59
N LEU B 342 -3.61 20.14 4.63
CA LEU B 342 -4.32 19.36 5.66
C LEU B 342 -5.53 20.14 6.19
N ASP B 343 -6.67 19.46 6.38
CA ASP B 343 -7.90 20.13 6.85
C ASP B 343 -8.27 19.59 8.23
N LEU B 344 -8.14 20.43 9.25
CA LEU B 344 -8.41 19.98 10.63
C LEU B 344 -9.92 19.75 10.82
N LYS B 345 -10.76 20.17 9.87
CA LYS B 345 -12.19 19.91 9.96
C LYS B 345 -12.63 18.49 9.54
N ASN B 346 -11.70 17.68 9.03
CA ASN B 346 -12.01 16.29 8.71
C ASN B 346 -10.98 15.33 9.29
N PRO B 347 -10.81 15.29 10.63
CA PRO B 347 -9.76 14.46 11.23
C PRO B 347 -10.13 12.98 11.17
N PHE B 348 -9.13 12.11 11.02
CA PHE B 348 -9.29 10.66 11.09
C PHE B 348 -8.95 10.21 12.51
N PHE B 349 -9.97 9.71 13.22
CA PHE B 349 -9.82 9.18 14.57
C PHE B 349 -9.52 7.70 14.45
N ARG B 350 -8.31 7.31 14.85
CA ARG B 350 -7.73 5.97 14.56
C ARG B 350 -7.76 5.04 15.79
N TYR B 351 -7.66 5.58 17.01
CA TYR B 351 -7.80 4.81 18.29
C TYR B 351 -9.14 4.07 18.36
N SER C 10 30.41 1.38 -34.21
CA SER C 10 30.70 -0.08 -34.34
C SER C 10 31.83 -0.63 -33.46
N VAL C 11 32.53 0.23 -32.70
CA VAL C 11 33.51 -0.22 -31.68
C VAL C 11 32.83 -1.12 -30.65
N PHE C 12 31.58 -0.78 -30.26
CA PHE C 12 30.81 -1.59 -29.32
C PHE C 12 30.51 -3.00 -29.82
N SER C 13 29.96 -3.11 -31.04
CA SER C 13 29.55 -4.42 -31.56
C SER C 13 30.73 -5.32 -31.97
N GLU C 14 31.92 -4.74 -32.13
CA GLU C 14 33.12 -5.50 -32.49
C GLU C 14 33.79 -6.15 -31.28
N ARG C 15 33.53 -5.63 -30.08
CA ARG C 15 34.10 -6.12 -28.79
C ARG C 15 33.04 -6.89 -27.99
N THR C 16 31.83 -7.07 -28.52
CA THR C 16 30.70 -7.60 -27.77
C THR C 16 29.84 -8.55 -28.60
N GLU C 17 29.65 -9.79 -28.13
CA GLU C 17 28.71 -10.73 -28.76
C GLU C 17 27.30 -10.15 -28.67
N GLU C 18 26.54 -10.29 -29.75
CA GLU C 18 25.15 -9.84 -29.84
C GLU C 18 24.29 -10.44 -28.71
N SER C 19 24.50 -11.74 -28.44
CA SER C 19 23.78 -12.45 -27.38
C SER C 19 23.97 -11.82 -25.98
N SER C 20 25.18 -11.31 -25.72
CA SER C 20 25.50 -10.64 -24.46
C SER C 20 24.91 -9.22 -24.37
N ALA C 21 25.00 -8.46 -25.47
CA ALA C 21 24.45 -7.09 -25.54
C ALA C 21 22.94 -7.07 -25.34
N VAL C 22 22.23 -8.01 -25.99
CA VAL C 22 20.79 -8.21 -25.85
C VAL C 22 20.40 -8.24 -24.37
N GLN C 23 20.97 -9.21 -23.64
CA GLN C 23 20.69 -9.47 -22.23
C GLN C 23 21.06 -8.27 -21.35
N TYR C 24 22.25 -7.70 -21.60
CA TYR C 24 22.79 -6.51 -20.89
C TYR C 24 21.78 -5.37 -20.96
N PHE C 25 21.33 -5.05 -22.17
CA PHE C 25 20.46 -3.91 -22.35
C PHE C 25 19.03 -4.19 -21.88
N GLN C 26 18.57 -5.44 -22.03
CA GLN C 26 17.29 -5.84 -21.45
C GLN C 26 17.24 -5.64 -19.91
N PHE C 27 18.36 -5.96 -19.25
CA PHE C 27 18.48 -5.84 -17.81
C PHE C 27 18.36 -4.41 -17.33
N TYR C 28 19.04 -3.46 -17.99
CA TYR C 28 19.03 -2.03 -17.61
C TYR C 28 17.78 -1.32 -18.14
N GLY C 29 16.97 -2.03 -18.93
CA GLY C 29 15.73 -1.52 -19.49
C GLY C 29 14.56 -1.55 -18.51
N TYR C 30 14.72 -2.25 -17.38
CA TYR C 30 13.67 -2.41 -16.34
C TYR C 30 13.74 -1.27 -15.33
N LEU C 31 12.57 -0.66 -15.05
CA LEU C 31 12.43 0.34 -14.01
C LEU C 31 12.84 -0.22 -12.65
N SER C 32 12.43 -1.45 -12.35
CA SER C 32 12.82 -2.11 -11.10
C SER C 32 14.34 -2.04 -10.88
N GLN C 33 15.12 -2.23 -11.95
CA GLN C 33 16.57 -2.16 -11.87
C GLN C 33 17.10 -0.72 -11.64
N GLN C 34 16.48 0.23 -12.35
CA GLN C 34 16.76 1.65 -12.17
C GLN C 34 16.47 2.07 -10.73
N GLN C 35 15.35 1.60 -10.19
CA GLN C 35 14.92 1.91 -8.85
C GLN C 35 15.93 1.41 -7.83
N ASN C 36 16.45 0.20 -8.04
CA ASN C 36 17.49 -0.35 -7.19
C ASN C 36 18.68 0.56 -7.09
N MET C 37 19.16 1.00 -8.25
CA MET C 37 20.33 1.86 -8.33
C MET C 37 20.05 3.18 -7.62
N MET C 38 18.83 3.71 -7.83
CA MET C 38 18.41 4.99 -7.27
C MET C 38 18.28 4.97 -5.76
N GLN C 39 17.81 3.84 -5.21
CA GLN C 39 17.59 3.66 -3.77
C GLN C 39 18.83 3.43 -2.93
N ASP C 40 19.96 3.15 -3.60
CA ASP C 40 21.26 3.12 -2.95
C ASP C 40 21.63 4.57 -2.68
N TYR C 41 21.40 5.03 -1.44
CA TYR C 41 21.53 6.46 -1.04
C TYR C 41 22.99 6.92 -1.14
N VAL C 42 23.96 6.05 -0.88
CA VAL C 42 25.37 6.44 -0.91
C VAL C 42 25.77 6.75 -2.35
N ARG C 43 25.33 5.89 -3.27
CA ARG C 43 25.59 6.05 -4.72
C ARG C 43 24.89 7.34 -5.20
N THR C 44 23.57 7.38 -5.08
CA THR C 44 22.79 8.51 -5.59
C THR C 44 23.20 9.84 -4.96
N GLY C 45 23.38 9.82 -3.63
CA GLY C 45 23.73 11.01 -2.88
C GLY C 45 25.12 11.54 -3.15
N THR C 46 26.07 10.64 -3.38
CA THR C 46 27.47 11.00 -3.61
C THR C 46 27.63 11.63 -4.99
N TYR C 47 26.97 11.04 -6.00
CA TYR C 47 26.87 11.60 -7.36
C TYR C 47 26.28 13.02 -7.28
N GLN C 48 25.17 13.18 -6.54
CA GLN C 48 24.53 14.47 -6.41
C GLN C 48 25.47 15.47 -5.75
N ARG C 49 26.12 15.05 -4.66
CA ARG C 49 27.02 15.88 -3.84
C ARG C 49 28.22 16.28 -4.71
N ALA C 50 28.79 15.35 -5.46
CA ALA C 50 29.94 15.60 -6.33
C ALA C 50 29.64 16.67 -7.37
N ILE C 51 28.46 16.58 -7.99
CA ILE C 51 28.03 17.49 -9.05
C ILE C 51 27.68 18.92 -8.53
N LEU C 52 26.87 18.98 -7.47
CA LEU C 52 26.37 20.24 -6.91
C LEU C 52 27.44 21.04 -6.17
N GLN C 53 28.35 20.34 -5.47
CA GLN C 53 29.43 20.98 -4.73
C GLN C 53 30.52 21.46 -5.67
N ASN C 54 30.52 20.90 -6.89
CA ASN C 54 31.33 21.38 -8.00
C ASN C 54 30.48 22.05 -9.09
N HIS C 55 29.60 22.96 -8.64
CA HIS C 55 28.64 23.65 -9.52
C HIS C 55 29.34 24.43 -10.65
N THR C 56 30.51 25.01 -10.34
CA THR C 56 31.32 25.74 -11.33
C THR C 56 31.81 24.87 -12.49
N ASP C 57 31.87 23.55 -12.28
CA ASP C 57 32.15 22.60 -13.35
C ASP C 57 30.95 22.35 -14.28
N PHE C 58 29.78 22.87 -13.92
CA PHE C 58 28.56 22.68 -14.70
C PHE C 58 27.84 23.95 -15.17
N LYS C 59 27.97 25.03 -14.40
CA LYS C 59 27.29 26.30 -14.70
C LYS C 59 27.62 26.74 -16.14
N ASP C 60 26.58 26.75 -17.00
CA ASP C 60 26.64 27.20 -18.39
C ASP C 60 27.52 26.36 -19.29
N LYS C 61 27.71 25.10 -18.89
CA LYS C 61 28.57 24.17 -19.60
C LYS C 61 27.73 23.19 -20.41
N ILE C 62 28.40 22.54 -21.36
CA ILE C 62 27.83 21.50 -22.20
C ILE C 62 28.28 20.17 -21.59
N VAL C 63 27.35 19.23 -21.52
CA VAL C 63 27.50 18.02 -20.74
C VAL C 63 27.05 16.81 -21.55
N LEU C 64 27.80 15.72 -21.41
CA LEU C 64 27.43 14.43 -21.96
C LEU C 64 27.29 13.46 -20.79
N ASP C 65 26.13 12.78 -20.73
CA ASP C 65 25.80 11.76 -19.74
C ASP C 65 25.74 10.44 -20.49
N VAL C 66 26.74 9.58 -20.22
CA VAL C 66 26.90 8.35 -20.97
C VAL C 66 26.14 7.28 -20.22
N GLY C 67 25.11 6.72 -20.87
CA GLY C 67 24.29 5.69 -20.29
C GLY C 67 23.47 6.24 -19.15
N CYS C 68 22.59 7.20 -19.48
CA CYS C 68 21.85 8.03 -18.53
C CYS C 68 20.74 7.32 -17.79
N GLY C 69 20.30 6.17 -18.31
CA GLY C 69 19.23 5.38 -17.71
C GLY C 69 17.98 6.21 -17.63
N SER C 70 17.45 6.34 -16.41
CA SER C 70 16.28 7.15 -16.10
C SER C 70 16.52 8.66 -16.30
N GLY C 71 17.79 9.07 -16.24
CA GLY C 71 18.17 10.46 -16.47
C GLY C 71 18.73 11.17 -15.27
N ILE C 72 18.65 10.52 -14.11
CA ILE C 72 18.94 11.13 -12.80
C ILE C 72 20.21 12.05 -12.70
N LEU C 73 21.32 11.61 -13.33
CA LEU C 73 22.57 12.37 -13.31
C LEU C 73 22.48 13.63 -14.16
N SER C 74 21.69 13.56 -15.23
CA SER C 74 21.43 14.72 -16.09
C SER C 74 20.65 15.77 -15.32
N PHE C 75 19.63 15.33 -14.57
CA PHE C 75 18.86 16.23 -13.72
C PHE C 75 19.73 16.94 -12.71
N PHE C 76 20.70 16.23 -12.13
CA PHE C 76 21.69 16.80 -11.23
C PHE C 76 22.58 17.86 -11.94
N ALA C 77 23.05 17.54 -13.15
CA ALA C 77 23.79 18.48 -13.99
C ALA C 77 22.96 19.71 -14.25
N ALA C 78 21.65 19.51 -14.44
CA ALA C 78 20.71 20.62 -14.65
C ALA C 78 20.58 21.48 -13.38
N GLN C 79 20.45 20.84 -12.20
CA GLN C 79 20.39 21.54 -10.91
C GLN C 79 21.62 22.42 -10.68
N ALA C 80 22.78 21.95 -11.19
CA ALA C 80 24.07 22.62 -11.03
C ALA C 80 24.28 23.77 -12.03
N GLY C 81 23.39 23.86 -13.03
CA GLY C 81 23.33 24.95 -13.98
C GLY C 81 23.85 24.69 -15.38
N ALA C 82 23.86 23.42 -15.83
CA ALA C 82 24.34 23.09 -17.16
C ALA C 82 23.46 23.72 -18.22
N ARG C 83 24.06 24.42 -19.17
CA ARG C 83 23.35 25.04 -20.33
C ARG C 83 22.69 23.94 -21.17
N LYS C 84 23.37 22.83 -21.40
CA LYS C 84 22.96 21.81 -22.32
C LYS C 84 23.57 20.47 -21.95
N ILE C 85 22.71 19.44 -21.95
CA ILE C 85 23.09 18.10 -21.57
C ILE C 85 22.58 17.13 -22.63
N TYR C 86 23.51 16.40 -23.25
CA TYR C 86 23.25 15.28 -24.17
C TYR C 86 23.25 14.00 -23.34
N ALA C 87 22.07 13.38 -23.17
CA ALA C 87 21.91 12.17 -22.38
C ALA C 87 21.73 10.99 -23.31
N VAL C 88 22.79 10.16 -23.42
CA VAL C 88 22.79 8.99 -24.30
C VAL C 88 22.47 7.71 -23.52
N GLU C 89 21.54 6.91 -24.04
CA GLU C 89 21.16 5.63 -23.44
C GLU C 89 20.67 4.65 -24.49
N ALA C 90 21.23 3.44 -24.46
CA ALA C 90 21.01 2.40 -25.46
C ALA C 90 19.83 1.46 -25.15
N SER C 91 19.47 1.31 -23.88
CA SER C 91 18.33 0.48 -23.49
C SER C 91 17.06 1.25 -23.79
N THR C 92 15.92 0.55 -23.72
CA THR C 92 14.61 1.13 -23.87
C THR C 92 14.26 2.13 -22.75
N MET C 93 15.10 2.19 -21.69
CA MET C 93 14.99 3.23 -20.66
C MET C 93 15.06 4.64 -21.23
N ALA C 94 15.65 4.80 -22.42
CA ALA C 94 15.69 6.09 -23.13
C ALA C 94 14.32 6.75 -23.25
N GLN C 95 13.29 5.94 -23.56
CA GLN C 95 11.89 6.36 -23.64
C GLN C 95 11.41 6.97 -22.33
N HIS C 96 11.69 6.27 -21.23
CA HIS C 96 11.29 6.71 -19.91
C HIS C 96 12.05 7.97 -19.47
N ALA C 97 13.35 8.06 -19.81
CA ALA C 97 14.11 9.29 -19.57
C ALA C 97 13.50 10.51 -20.28
N GLU C 98 13.06 10.33 -21.54
CA GLU C 98 12.39 11.40 -22.32
C GLU C 98 11.15 11.92 -21.58
N VAL C 99 10.31 10.98 -21.13
CA VAL C 99 9.13 11.27 -20.34
C VAL C 99 9.47 12.15 -19.13
N LEU C 100 10.52 11.80 -18.38
CA LEU C 100 10.94 12.58 -17.21
C LEU C 100 11.48 13.96 -17.57
N VAL C 101 12.16 14.07 -18.71
CA VAL C 101 12.68 15.37 -19.15
C VAL C 101 11.54 16.36 -19.45
N LYS C 102 10.42 15.84 -19.99
CA LYS C 102 9.26 16.65 -20.31
C LYS C 102 8.50 17.04 -19.05
N SER C 103 8.13 16.03 -18.24
CA SER C 103 7.42 16.25 -16.98
C SER C 103 8.19 17.13 -15.99
N ASN C 104 9.52 17.25 -16.14
CA ASN C 104 10.32 18.17 -15.33
C ASN C 104 10.71 19.47 -16.04
N ASN C 105 10.08 19.74 -17.19
CA ASN C 105 10.21 21.00 -17.93
C ASN C 105 11.64 21.38 -18.27
N LEU C 106 12.41 20.39 -18.74
CA LEU C 106 13.81 20.57 -19.08
C LEU C 106 14.13 20.22 -20.53
N THR C 107 13.11 20.23 -21.39
CA THR C 107 13.26 19.96 -22.82
C THR C 107 14.21 20.93 -23.52
N ASP C 108 14.33 22.15 -23.00
CA ASP C 108 15.30 23.12 -23.56
C ASP C 108 16.76 22.89 -23.17
N ARG C 109 17.01 21.98 -22.21
CA ARG C 109 18.36 21.80 -21.61
C ARG C 109 18.85 20.34 -21.66
N ILE C 110 17.94 19.36 -21.56
CA ILE C 110 18.31 17.96 -21.63
C ILE C 110 17.76 17.37 -22.93
N VAL C 111 18.67 16.96 -23.81
CA VAL C 111 18.31 16.17 -24.99
C VAL C 111 18.76 14.70 -24.84
N VAL C 112 17.76 13.83 -24.70
CA VAL C 112 17.94 12.39 -24.70
C VAL C 112 18.18 11.92 -26.12
N ILE C 113 19.23 11.12 -26.29
CA ILE C 113 19.64 10.56 -27.57
C ILE C 113 19.67 9.03 -27.46
N PRO C 114 18.67 8.31 -28.00
CA PRO C 114 18.64 6.86 -27.92
C PRO C 114 19.73 6.23 -28.80
N GLY C 115 20.46 5.25 -28.25
CA GLY C 115 21.49 4.54 -28.96
C GLY C 115 22.74 4.36 -28.11
N LYS C 116 23.72 3.66 -28.69
CA LYS C 116 25.02 3.45 -28.07
C LYS C 116 25.91 4.66 -28.32
N VAL C 117 26.64 5.11 -27.29
CA VAL C 117 27.52 6.28 -27.38
C VAL C 117 28.62 6.13 -28.47
N GLU C 118 28.95 4.88 -28.83
CA GLU C 118 29.89 4.58 -29.92
C GLU C 118 29.28 4.72 -31.32
N GLU C 119 27.94 4.88 -31.40
CA GLU C 119 27.20 4.84 -32.67
C GLU C 119 26.40 6.10 -33.00
N VAL C 120 25.96 6.84 -31.99
CA VAL C 120 25.21 8.06 -32.18
C VAL C 120 26.11 9.23 -32.60
N SER C 121 25.50 10.25 -33.23
CA SER C 121 26.15 11.51 -33.56
C SER C 121 25.70 12.57 -32.56
N LEU C 122 26.66 13.17 -31.87
CA LEU C 122 26.42 14.34 -31.04
C LEU C 122 26.75 15.54 -31.92
N PRO C 123 26.00 16.65 -31.81
CA PRO C 123 26.21 17.80 -32.70
C PRO C 123 27.42 18.67 -32.30
N GLU C 124 27.88 18.60 -31.05
CA GLU C 124 28.98 19.43 -30.57
C GLU C 124 29.79 18.74 -29.51
N GLN C 125 30.97 19.34 -29.25
CA GLN C 125 31.90 18.89 -28.23
C GLN C 125 31.41 19.39 -26.89
N VAL C 126 31.73 18.62 -25.83
CA VAL C 126 31.25 18.89 -24.48
C VAL C 126 32.41 19.29 -23.57
N ASP C 127 32.07 20.00 -22.48
CA ASP C 127 33.01 20.48 -21.48
C ASP C 127 33.31 19.41 -20.44
N ILE C 128 32.38 18.45 -20.27
CA ILE C 128 32.44 17.48 -19.22
C ILE C 128 31.55 16.27 -19.51
N ILE C 129 32.03 15.08 -19.13
CA ILE C 129 31.27 13.85 -19.28
C ILE C 129 30.95 13.33 -17.90
N ILE C 130 29.74 12.79 -17.74
CA ILE C 130 29.31 12.14 -16.51
C ILE C 130 28.72 10.76 -16.85
N SER C 131 28.92 9.81 -15.93
CA SER C 131 28.48 8.44 -16.12
C SER C 131 28.65 7.66 -14.84
N GLU C 132 27.90 6.55 -14.74
CA GLU C 132 28.09 5.53 -13.75
C GLU C 132 28.41 4.23 -14.49
N PRO C 133 29.65 4.09 -15.01
CA PRO C 133 30.06 2.91 -15.78
C PRO C 133 30.69 1.75 -15.00
N MET C 134 30.73 1.83 -13.67
CA MET C 134 31.45 0.87 -12.85
C MET C 134 30.64 -0.43 -12.70
N GLY C 135 31.32 -1.56 -12.78
CA GLY C 135 30.78 -2.88 -12.47
C GLY C 135 31.56 -3.50 -11.33
N TYR C 136 31.22 -4.75 -10.98
CA TYR C 136 31.98 -5.54 -9.98
C TYR C 136 33.47 -5.39 -10.24
N MET C 137 34.27 -5.30 -9.19
CA MET C 137 35.72 -5.00 -9.25
C MET C 137 36.08 -3.93 -10.28
N LEU C 138 35.20 -2.94 -10.35
CA LEU C 138 35.31 -1.75 -11.21
C LEU C 138 35.03 -2.02 -12.67
N PHE C 139 35.70 -3.01 -13.24
CA PHE C 139 35.79 -3.19 -14.69
C PHE C 139 34.69 -4.03 -15.31
N ASN C 140 34.03 -4.89 -14.55
CA ASN C 140 33.07 -5.82 -15.12
C ASN C 140 31.97 -5.12 -15.89
N GLU C 141 31.49 -5.76 -16.97
CA GLU C 141 30.47 -5.27 -17.89
C GLU C 141 31.04 -4.36 -19.01
N ARG C 142 32.27 -3.86 -18.78
CA ARG C 142 33.14 -3.20 -19.78
C ARG C 142 32.53 -1.88 -20.25
N MET C 143 31.68 -1.26 -19.46
CA MET C 143 31.18 0.03 -19.82
C MET C 143 32.24 1.14 -19.65
N LEU C 144 33.29 0.87 -18.88
CA LEU C 144 34.35 1.85 -18.74
C LEU C 144 34.98 2.18 -20.10
N GLU C 145 34.89 1.23 -21.04
CA GLU C 145 35.35 1.46 -22.41
C GLU C 145 34.48 2.45 -23.16
N SER C 146 33.15 2.34 -23.01
CA SER C 146 32.20 3.28 -23.60
C SER C 146 32.44 4.69 -23.08
N TYR C 147 32.69 4.79 -21.77
CA TYR C 147 32.98 6.05 -21.04
C TYR C 147 34.23 6.70 -21.64
N LEU C 148 35.29 5.90 -21.86
CA LEU C 148 36.53 6.39 -22.40
C LEU C 148 36.38 6.71 -23.88
N HIS C 149 35.59 5.89 -24.60
CA HIS C 149 35.27 6.09 -26.01
C HIS C 149 34.63 7.44 -26.26
N ALA C 150 33.74 7.85 -25.35
CA ALA C 150 33.02 9.11 -25.45
C ALA C 150 33.91 10.36 -25.35
N LYS C 151 35.21 10.19 -25.05
CA LYS C 151 36.13 11.31 -24.98
C LYS C 151 36.42 11.92 -26.34
N LYS C 152 36.01 11.23 -27.41
CA LYS C 152 36.07 11.80 -28.77
C LYS C 152 35.24 13.06 -28.85
N TYR C 153 34.31 13.22 -27.92
CA TYR C 153 33.37 14.37 -27.83
C TYR C 153 33.84 15.39 -26.76
N LEU C 154 34.95 15.15 -26.08
CA LEU C 154 35.37 16.00 -24.98
C LEU C 154 36.36 17.01 -25.49
N LYS C 155 36.11 18.29 -25.21
CA LYS C 155 37.09 19.34 -25.48
C LYS C 155 38.41 19.03 -24.78
N PRO C 156 39.55 19.56 -25.24
CA PRO C 156 40.84 19.21 -24.64
C PRO C 156 40.94 19.57 -23.16
N SER C 157 40.44 20.74 -22.74
CA SER C 157 40.41 21.12 -21.34
C SER C 157 39.30 20.43 -20.51
N GLY C 158 38.54 19.56 -21.15
CA GLY C 158 37.37 18.93 -20.55
C GLY C 158 37.67 18.11 -19.31
N ASN C 159 36.62 17.78 -18.55
CA ASN C 159 36.71 16.96 -17.35
C ASN C 159 35.80 15.74 -17.44
N MET C 160 36.01 14.80 -16.51
CA MET C 160 35.27 13.56 -16.43
C MET C 160 34.89 13.31 -15.00
N PHE C 161 33.65 12.85 -14.80
CA PHE C 161 33.03 12.59 -13.50
C PHE C 161 32.34 11.22 -13.57
N PRO C 162 32.92 10.13 -13.02
CA PRO C 162 34.15 10.17 -12.23
C PRO C 162 35.45 10.45 -12.99
N THR C 163 36.47 10.96 -12.28
CA THR C 163 37.76 11.33 -12.85
C THR C 163 38.78 10.17 -12.81
N ILE C 164 38.85 9.46 -11.67
CA ILE C 164 39.71 8.30 -11.52
C ILE C 164 38.99 7.15 -10.86
N GLY C 165 39.52 5.93 -11.05
CA GLY C 165 39.04 4.74 -10.39
C GLY C 165 40.20 3.96 -9.81
N ASP C 166 40.08 3.60 -8.53
CA ASP C 166 41.16 2.82 -7.86
C ASP C 166 40.62 1.45 -7.47
N VAL C 167 40.96 0.40 -8.22
CA VAL C 167 40.55 -0.98 -7.82
C VAL C 167 41.51 -1.47 -6.74
N HIS C 168 40.99 -1.88 -5.58
CA HIS C 168 41.86 -2.31 -4.46
C HIS C 168 41.96 -3.84 -4.41
N LEU C 169 43.13 -4.35 -4.00
CA LEU C 169 43.35 -5.81 -3.92
C LEU C 169 43.92 -6.09 -2.54
N ALA C 170 43.40 -7.09 -1.83
CA ALA C 170 43.90 -7.44 -0.48
C ALA C 170 43.80 -8.96 -0.25
N PRO C 171 44.77 -9.58 0.45
CA PRO C 171 44.70 -11.00 0.76
C PRO C 171 43.76 -11.30 1.94
N PHE C 172 42.99 -12.38 1.86
CA PHE C 172 42.06 -12.71 2.92
C PHE C 172 42.21 -14.13 3.41
N THR C 173 41.80 -14.35 4.67
CA THR C 173 41.65 -15.68 5.24
C THR C 173 40.16 -15.95 5.46
N ASP C 174 39.66 -17.05 4.92
CA ASP C 174 38.28 -17.47 5.16
C ASP C 174 38.15 -18.95 4.99
N GLU C 175 38.62 -19.69 6.00
CA GLU C 175 38.65 -21.14 5.97
C GLU C 175 37.31 -21.73 5.53
N GLN C 176 36.22 -21.16 6.06
CA GLN C 176 34.86 -21.67 5.84
C GLN C 176 34.42 -21.50 4.40
N LEU C 177 34.78 -20.37 3.77
CA LEU C 177 34.52 -20.16 2.35
C LEU C 177 35.25 -21.21 1.52
N TYR C 178 36.55 -21.36 1.76
CA TYR C 178 37.39 -22.35 1.05
C TYR C 178 36.75 -23.75 1.17
N MET C 179 36.31 -24.10 2.38
CA MET C 179 35.76 -25.41 2.65
C MET C 179 34.43 -25.67 1.95
N GLU C 180 33.58 -24.64 1.86
CA GLU C 180 32.29 -24.71 1.19
C GLU C 180 32.45 -25.33 -0.16
N GLN C 181 33.48 -24.93 -0.91
CA GLN C 181 33.70 -25.41 -2.27
C GLN C 181 33.70 -26.93 -2.39
N PHE C 182 34.49 -27.56 -1.51
CA PHE C 182 34.68 -29.00 -1.53
C PHE C 182 33.46 -29.71 -0.98
N THR C 183 32.83 -29.10 0.03
CA THR C 183 31.60 -29.61 0.63
C THR C 183 30.47 -29.69 -0.39
N LYS C 184 30.39 -28.67 -1.26
CA LYS C 184 29.44 -28.65 -2.35
C LYS C 184 29.81 -29.66 -3.42
N ALA C 185 31.08 -29.61 -3.84
CA ALA C 185 31.59 -30.52 -4.88
C ALA C 185 31.43 -32.00 -4.46
N ASN C 186 31.55 -32.26 -3.15
CA ASN C 186 31.51 -33.63 -2.65
C ASN C 186 30.15 -34.29 -2.77
N PHE C 187 29.16 -33.54 -3.23
CA PHE C 187 27.88 -34.11 -3.61
C PHE C 187 28.15 -35.26 -4.59
N TRP C 188 29.10 -35.03 -5.51
CA TRP C 188 29.35 -35.97 -6.58
C TRP C 188 30.16 -37.18 -6.16
N TYR C 189 30.79 -37.13 -4.98
CA TYR C 189 31.73 -38.15 -4.46
C TYR C 189 30.91 -39.16 -3.66
N GLN C 190 30.02 -39.84 -4.35
CA GLN C 190 29.19 -40.88 -3.75
C GLN C 190 28.93 -42.01 -4.74
N PRO C 191 29.16 -43.27 -4.32
CA PRO C 191 29.14 -44.41 -5.23
C PRO C 191 27.73 -44.91 -5.61
N SER C 192 26.69 -44.47 -4.93
CA SER C 192 25.34 -44.91 -5.23
C SER C 192 24.28 -43.90 -4.84
N PHE C 193 24.25 -42.80 -5.60
CA PHE C 193 23.18 -41.81 -5.54
C PHE C 193 22.03 -42.32 -6.40
N HIS C 194 20.97 -42.80 -5.75
CA HIS C 194 19.88 -43.52 -6.42
C HIS C 194 20.44 -44.57 -7.34
N GLY C 195 21.47 -45.28 -6.87
CA GLY C 195 22.12 -46.35 -7.61
C GLY C 195 23.07 -45.96 -8.71
N VAL C 196 23.52 -44.71 -8.70
CA VAL C 196 24.40 -44.19 -9.74
C VAL C 196 25.68 -43.72 -9.09
N ASP C 197 26.83 -44.10 -9.68
CA ASP C 197 28.13 -43.70 -9.13
C ASP C 197 28.48 -42.35 -9.74
N LEU C 198 28.50 -41.31 -8.90
CA LEU C 198 28.69 -39.96 -9.39
C LEU C 198 30.14 -39.47 -9.39
N SER C 199 31.01 -40.27 -8.76
CA SER C 199 32.29 -39.77 -8.28
C SER C 199 33.26 -39.28 -9.35
N ALA C 200 33.08 -39.79 -10.57
CA ALA C 200 33.91 -39.41 -11.69
C ALA C 200 33.79 -37.92 -12.02
N LEU C 201 32.75 -37.25 -11.52
CA LEU C 201 32.51 -35.84 -11.81
C LEU C 201 33.01 -34.85 -10.72
N ARG C 202 33.49 -35.40 -9.61
CA ARG C 202 33.94 -34.60 -8.44
C ARG C 202 34.97 -33.55 -8.89
N GLY C 203 35.93 -33.95 -9.72
CA GLY C 203 37.00 -33.07 -10.14
C GLY C 203 36.46 -31.90 -10.92
N ALA C 204 35.54 -32.19 -11.86
CA ALA C 204 34.95 -31.16 -12.71
C ALA C 204 34.12 -30.15 -11.89
N ALA C 205 33.42 -30.67 -10.86
CA ALA C 205 32.62 -29.84 -9.98
C ALA C 205 33.51 -28.84 -9.23
N VAL C 206 34.61 -29.34 -8.66
CA VAL C 206 35.55 -28.50 -7.92
C VAL C 206 36.06 -27.36 -8.82
N ASP C 207 36.49 -27.73 -10.03
CA ASP C 207 36.98 -26.78 -11.01
C ASP C 207 35.96 -25.67 -11.25
N GLU C 208 34.73 -26.09 -11.55
CA GLU C 208 33.64 -25.16 -11.87
C GLU C 208 33.47 -24.16 -10.75
N TYR C 209 33.35 -24.66 -9.52
CA TYR C 209 33.12 -23.83 -8.30
C TYR C 209 34.29 -22.85 -8.13
N PHE C 210 35.53 -23.30 -8.31
CA PHE C 210 36.70 -22.46 -8.09
C PHE C 210 36.89 -21.39 -9.17
N ARG C 211 36.24 -21.53 -10.32
CA ARG C 211 36.31 -20.55 -11.43
C ARG C 211 35.34 -19.37 -11.18
N GLN C 212 34.43 -19.52 -10.20
CA GLN C 212 33.43 -18.47 -9.89
C GLN C 212 33.98 -17.47 -8.89
N PRO C 213 34.11 -16.17 -9.24
CA PRO C 213 34.38 -15.15 -8.22
C PRO C 213 33.15 -14.99 -7.31
N VAL C 214 33.41 -14.85 -6.01
CA VAL C 214 32.37 -14.80 -5.00
C VAL C 214 32.00 -13.35 -4.76
N VAL C 215 30.76 -13.00 -5.09
CA VAL C 215 30.20 -11.68 -4.83
C VAL C 215 29.36 -11.71 -3.56
N ASP C 216 29.87 -11.06 -2.51
CA ASP C 216 29.16 -10.82 -1.26
C ASP C 216 30.02 -9.84 -0.44
N THR C 217 29.65 -9.65 0.82
CA THR C 217 30.44 -8.83 1.72
C THR C 217 31.00 -9.71 2.84
N PHE C 218 31.89 -9.12 3.63
CA PHE C 218 32.62 -9.84 4.66
C PHE C 218 33.13 -8.87 5.70
N ASP C 219 33.39 -9.39 6.90
CA ASP C 219 34.03 -8.66 7.97
C ASP C 219 35.45 -8.30 7.53
N ILE C 220 35.85 -7.04 7.71
CA ILE C 220 37.22 -6.60 7.42
C ILE C 220 38.32 -7.33 8.19
N ARG C 221 37.95 -8.08 9.23
CA ARG C 221 38.89 -8.84 10.08
C ARG C 221 39.54 -9.99 9.28
N ILE C 222 38.93 -10.43 8.18
CA ILE C 222 39.53 -11.47 7.35
C ILE C 222 40.70 -10.98 6.46
N LEU C 223 40.87 -9.66 6.34
CA LEU C 223 41.93 -9.07 5.52
C LEU C 223 43.27 -9.12 6.23
N MET C 224 44.30 -9.63 5.55
CA MET C 224 45.59 -9.97 6.17
C MET C 224 46.70 -8.98 5.91
N ALA C 225 46.44 -7.99 5.05
CA ALA C 225 47.42 -6.97 4.72
C ALA C 225 46.77 -5.75 4.16
N LYS C 226 47.44 -4.61 4.30
CA LYS C 226 47.02 -3.37 3.68
C LYS C 226 46.82 -3.64 2.18
N SER C 227 45.74 -3.10 1.62
CA SER C 227 45.38 -3.38 0.23
C SER C 227 46.36 -2.69 -0.70
N VAL C 228 46.35 -3.14 -1.95
CA VAL C 228 47.18 -2.59 -3.01
C VAL C 228 46.25 -1.94 -4.01
N LYS C 229 46.67 -0.76 -4.49
CA LYS C 229 45.82 0.11 -5.29
C LYS C 229 46.31 0.14 -6.73
N TYR C 230 45.39 -0.10 -7.67
CA TYR C 230 45.61 0.13 -9.12
C TYR C 230 44.64 1.21 -9.60
N THR C 231 45.21 2.36 -10.02
CA THR C 231 44.52 3.53 -10.45
C THR C 231 44.41 3.64 -11.97
N VAL C 232 43.19 3.82 -12.45
CA VAL C 232 42.93 4.24 -13.83
C VAL C 232 42.52 5.70 -13.77
N ASN C 233 43.26 6.56 -14.47
CA ASN C 233 42.94 7.97 -14.58
C ASN C 233 42.16 8.17 -15.89
N PHE C 234 40.84 8.40 -15.79
CA PHE C 234 39.95 8.41 -16.96
C PHE C 234 40.21 9.60 -17.90
N LEU C 235 40.84 10.67 -17.39
CA LEU C 235 41.26 11.78 -18.22
C LEU C 235 42.35 11.40 -19.23
N GLU C 236 43.27 10.51 -18.81
CA GLU C 236 44.39 10.12 -19.66
C GLU C 236 44.28 8.76 -20.33
N ALA C 237 43.55 7.85 -19.70
CA ALA C 237 43.40 6.48 -20.20
C ALA C 237 42.71 6.43 -21.56
N LYS C 238 42.99 5.36 -22.29
CA LYS C 238 42.39 5.07 -23.57
C LYS C 238 41.58 3.81 -23.44
N GLU C 239 40.56 3.69 -24.29
CA GLU C 239 39.62 2.57 -24.28
C GLU C 239 40.39 1.24 -24.23
N GLY C 240 41.45 1.15 -25.03
CA GLY C 240 42.26 -0.05 -25.20
C GLY C 240 43.08 -0.46 -23.99
N ASP C 241 43.32 0.49 -23.08
CA ASP C 241 44.02 0.20 -21.84
C ASP C 241 43.29 -0.83 -20.99
N LEU C 242 41.97 -0.94 -21.18
CA LEU C 242 41.15 -1.86 -20.40
C LEU C 242 40.93 -3.24 -21.04
N HIS C 243 41.55 -3.48 -22.19
CA HIS C 243 41.45 -4.79 -22.85
C HIS C 243 42.31 -5.84 -22.11
N ARG C 244 43.44 -5.38 -21.59
CA ARG C 244 44.40 -6.21 -20.81
C ARG C 244 44.87 -5.37 -19.62
N ILE C 245 44.53 -5.82 -18.42
CA ILE C 245 44.87 -5.06 -17.22
C ILE C 245 45.72 -5.92 -16.34
N GLU C 246 46.98 -5.50 -16.17
CA GLU C 246 47.96 -6.23 -15.39
C GLU C 246 48.21 -5.48 -14.10
N ILE C 247 47.82 -6.11 -12.99
CA ILE C 247 47.89 -5.52 -11.68
C ILE C 247 48.93 -6.29 -10.86
N PRO C 248 50.17 -5.76 -10.75
CA PRO C 248 51.19 -6.36 -9.89
C PRO C 248 50.85 -6.05 -8.43
N PHE C 249 51.23 -6.93 -7.51
CA PHE C 249 51.00 -6.69 -6.09
C PHE C 249 52.09 -7.27 -5.24
N LYS C 250 52.40 -6.55 -4.16
CA LYS C 250 53.34 -6.96 -3.14
C LYS C 250 52.69 -6.55 -1.82
N PHE C 251 52.18 -7.53 -1.09
CA PHE C 251 51.51 -7.31 0.18
C PHE C 251 52.51 -7.55 1.29
N HIS C 252 52.52 -6.66 2.29
CA HIS C 252 53.31 -6.84 3.48
C HIS C 252 52.35 -7.37 4.54
N MET C 253 52.52 -8.64 4.91
CA MET C 253 51.54 -9.32 5.74
C MET C 253 51.53 -8.72 7.14
N LEU C 254 50.34 -8.32 7.60
CA LEU C 254 50.10 -7.78 8.93
C LEU C 254 49.73 -8.86 9.96
N HIS C 255 49.19 -9.99 9.47
CA HIS C 255 48.78 -11.12 10.30
C HIS C 255 49.28 -12.44 9.72
N SER C 256 49.56 -13.39 10.61
CA SER C 256 50.02 -14.73 10.25
C SER C 256 48.84 -15.66 10.02
N GLY C 257 48.88 -16.48 8.98
CA GLY C 257 47.84 -17.47 8.73
C GLY C 257 47.76 -17.90 7.30
N LEU C 258 46.74 -18.72 7.00
CA LEU C 258 46.45 -19.18 5.65
C LEU C 258 45.70 -18.10 4.85
N VAL C 259 46.29 -17.71 3.71
CA VAL C 259 45.69 -16.80 2.75
C VAL C 259 44.95 -17.66 1.72
N HIS C 260 43.60 -17.57 1.72
CA HIS C 260 42.78 -18.39 0.82
C HIS C 260 42.46 -17.73 -0.52
N GLY C 261 42.79 -16.44 -0.67
CA GLY C 261 42.51 -15.70 -1.90
C GLY C 261 42.73 -14.22 -1.85
N LEU C 262 42.25 -13.52 -2.87
CA LEU C 262 42.28 -12.06 -2.91
C LEU C 262 40.87 -11.47 -2.90
N ALA C 263 40.67 -10.41 -2.12
CA ALA C 263 39.43 -9.64 -2.09
C ALA C 263 39.64 -8.36 -2.90
N PHE C 264 38.60 -7.99 -3.66
CA PHE C 264 38.60 -6.83 -4.54
C PHE C 264 37.44 -5.90 -4.20
N TRP C 265 37.73 -4.60 -4.23
CA TRP C 265 36.74 -3.55 -4.18
C TRP C 265 37.29 -2.34 -4.93
N PHE C 266 36.51 -1.25 -5.01
CA PHE C 266 36.95 -0.05 -5.71
C PHE C 266 36.40 1.25 -5.15
N ASP C 267 37.17 2.33 -5.36
CA ASP C 267 36.77 3.71 -5.18
C ASP C 267 36.82 4.40 -6.55
N VAL C 268 35.93 5.37 -6.76
CA VAL C 268 36.08 6.39 -7.80
C VAL C 268 36.07 7.76 -7.15
N ALA C 269 36.79 8.71 -7.74
CA ALA C 269 36.86 10.08 -7.25
C ALA C 269 36.38 11.07 -8.33
N PHE C 270 35.55 12.02 -7.91
CA PHE C 270 35.09 13.13 -8.74
C PHE C 270 35.93 14.33 -8.37
N ILE C 271 36.91 14.65 -9.21
CA ILE C 271 37.89 15.71 -8.97
C ILE C 271 37.45 16.98 -9.69
N GLY C 272 36.71 17.82 -8.96
CA GLY C 272 36.23 19.08 -9.48
C GLY C 272 37.13 20.25 -9.10
N SER C 273 36.72 21.45 -9.53
CA SER C 273 37.46 22.66 -9.32
C SER C 273 37.35 23.13 -7.89
N ILE C 274 36.24 22.77 -7.23
CA ILE C 274 35.96 23.22 -5.88
C ILE C 274 36.42 22.18 -4.88
N MET C 275 36.15 20.91 -5.16
CA MET C 275 36.55 19.82 -4.27
C MET C 275 36.52 18.45 -4.93
N THR C 276 37.16 17.49 -4.27
CA THR C 276 37.18 16.11 -4.70
C THR C 276 36.24 15.33 -3.81
N VAL C 277 35.29 14.62 -4.43
CA VAL C 277 34.32 13.79 -3.72
C VAL C 277 34.54 12.35 -4.11
N TRP C 278 34.57 11.46 -3.12
CA TRP C 278 34.86 10.03 -3.28
C TRP C 278 33.64 9.17 -3.08
N LEU C 279 33.50 8.12 -3.90
CA LEU C 279 32.49 7.07 -3.74
C LEU C 279 33.24 5.76 -3.53
N SER C 280 33.16 5.17 -2.32
CA SER C 280 33.86 3.94 -1.97
C SER C 280 32.96 2.70 -1.87
N THR C 281 33.45 1.54 -2.34
CA THR C 281 32.76 0.26 -2.15
C THR C 281 33.54 -0.67 -1.23
N ALA C 282 34.44 -0.08 -0.44
CA ALA C 282 35.27 -0.81 0.52
C ALA C 282 34.40 -1.55 1.54
N PRO C 283 34.91 -2.64 2.14
CA PRO C 283 34.19 -3.32 3.22
C PRO C 283 34.16 -2.55 4.54
N THR C 284 35.00 -1.52 4.68
CA THR C 284 34.94 -0.58 5.81
C THR C 284 33.81 0.45 5.67
N GLU C 285 33.20 0.53 4.48
CA GLU C 285 32.14 1.51 4.17
C GLU C 285 30.79 0.81 4.00
N PRO C 286 29.66 1.52 4.08
CA PRO C 286 28.34 0.89 3.96
C PRO C 286 28.19 0.13 2.63
N LEU C 287 27.45 -0.97 2.65
CA LEU C 287 27.30 -1.86 1.52
C LEU C 287 26.58 -1.18 0.36
N THR C 288 27.14 -1.31 -0.85
CA THR C 288 26.56 -0.87 -2.11
C THR C 288 26.09 -2.08 -2.95
N HIS C 289 25.36 -1.80 -4.03
CA HIS C 289 24.92 -2.82 -4.99
C HIS C 289 26.11 -3.45 -5.82
N TRP C 290 27.33 -2.95 -5.62
CA TRP C 290 28.58 -3.53 -6.15
C TRP C 290 29.22 -4.58 -5.20
N TYR C 291 28.75 -4.62 -3.95
CA TYR C 291 29.26 -5.49 -2.87
C TYR C 291 30.79 -5.41 -2.82
N GLN C 292 31.43 -6.58 -2.64
CA GLN C 292 32.84 -6.81 -2.88
C GLN C 292 32.95 -8.16 -3.62
N VAL C 293 34.14 -8.43 -4.15
CA VAL C 293 34.41 -9.68 -4.87
C VAL C 293 35.63 -10.39 -4.31
N ARG C 294 35.53 -11.71 -4.12
CA ARG C 294 36.66 -12.53 -3.62
C ARG C 294 36.97 -13.63 -4.64
N CYS C 295 38.25 -13.75 -5.00
CA CYS C 295 38.74 -14.83 -5.86
C CYS C 295 39.60 -15.73 -5.02
N LEU C 296 39.22 -17.00 -4.95
CA LEU C 296 39.95 -18.02 -4.19
C LEU C 296 41.20 -18.49 -4.95
N PHE C 297 42.25 -18.84 -4.18
CA PHE C 297 43.34 -19.68 -4.65
C PHE C 297 42.88 -21.13 -4.57
N GLN C 298 43.46 -21.94 -5.45
CA GLN C 298 43.22 -23.39 -5.46
C GLN C 298 43.79 -24.01 -4.20
N SER C 299 44.95 -23.50 -3.76
CA SER C 299 45.59 -23.92 -2.54
C SER C 299 45.86 -22.71 -1.65
N PRO C 300 45.54 -22.80 -0.35
CA PRO C 300 45.93 -21.77 0.60
C PRO C 300 47.44 -21.60 0.69
N LEU C 301 47.92 -20.39 0.99
CA LEU C 301 49.33 -20.11 1.18
C LEU C 301 49.51 -19.69 2.61
N PHE C 302 50.38 -20.37 3.35
CA PHE C 302 50.74 -19.92 4.68
C PHE C 302 51.70 -18.73 4.59
N ALA C 303 51.41 -17.66 5.33
CA ALA C 303 52.30 -16.52 5.46
C ALA C 303 52.35 -16.02 6.91
N LYS C 304 53.54 -15.66 7.37
CA LYS C 304 53.76 -15.04 8.68
C LYS C 304 53.66 -13.53 8.51
N ALA C 305 53.19 -12.84 9.55
CA ALA C 305 53.23 -11.39 9.61
C ALA C 305 54.69 -10.95 9.40
N GLY C 306 54.90 -9.98 8.50
CA GLY C 306 56.22 -9.55 8.08
C GLY C 306 56.69 -10.11 6.75
N ASP C 307 56.12 -11.27 6.35
CA ASP C 307 56.35 -11.84 5.03
C ASP C 307 55.71 -10.97 3.94
N THR C 308 56.24 -11.09 2.71
CA THR C 308 55.66 -10.44 1.55
C THR C 308 55.00 -11.52 0.69
N LEU C 309 53.79 -11.22 0.22
CA LEU C 309 53.07 -12.05 -0.75
C LEU C 309 52.95 -11.25 -2.06
N SER C 310 53.65 -11.71 -3.10
CA SER C 310 53.70 -11.02 -4.38
C SER C 310 53.23 -11.88 -5.52
N GLY C 311 52.76 -11.22 -6.59
CA GLY C 311 52.20 -11.85 -7.75
C GLY C 311 51.52 -10.84 -8.68
N THR C 312 50.66 -11.35 -9.55
CA THR C 312 49.96 -10.55 -10.54
C THR C 312 48.52 -11.00 -10.66
N CYS C 313 47.64 -10.01 -10.79
CA CYS C 313 46.28 -10.20 -11.20
C CYS C 313 46.21 -9.68 -12.63
N LEU C 314 45.86 -10.57 -13.57
CA LEU C 314 45.72 -10.22 -14.97
C LEU C 314 44.27 -10.37 -15.39
N LEU C 315 43.71 -9.28 -15.94
CA LEU C 315 42.34 -9.24 -16.40
C LEU C 315 42.35 -9.08 -17.91
N ILE C 316 41.73 -10.04 -18.58
CA ILE C 316 41.70 -10.09 -20.04
C ILE C 316 40.25 -10.04 -20.51
N ALA C 317 39.90 -8.93 -21.16
CA ALA C 317 38.53 -8.67 -21.58
C ALA C 317 38.08 -9.71 -22.58
N ASN C 318 36.85 -10.22 -22.40
CA ASN C 318 36.22 -11.16 -23.33
C ASN C 318 34.99 -10.56 -24.04
N LYS C 319 34.47 -11.28 -25.03
CA LYS C 319 33.34 -10.82 -25.83
C LYS C 319 31.97 -10.87 -25.13
N ARG C 320 31.92 -11.47 -23.93
CA ARG C 320 30.69 -11.50 -23.09
C ARG C 320 30.66 -10.32 -22.10
N GLN C 321 31.32 -9.22 -22.45
CA GLN C 321 31.37 -7.99 -21.66
C GLN C 321 31.92 -8.24 -20.25
N SER C 322 32.80 -9.21 -20.11
CA SER C 322 33.42 -9.52 -18.83
C SER C 322 34.92 -9.70 -19.01
N TYR C 323 35.54 -10.29 -17.99
CA TYR C 323 37.00 -10.56 -17.92
C TYR C 323 37.25 -12.03 -17.54
N ASP C 324 38.30 -12.61 -18.12
CA ASP C 324 38.96 -13.80 -17.61
C ASP C 324 40.03 -13.27 -16.68
N ILE C 325 40.04 -13.77 -15.46
CA ILE C 325 40.93 -13.32 -14.42
C ILE C 325 41.95 -14.38 -14.12
N SER C 326 43.23 -13.99 -14.15
CA SER C 326 44.31 -14.90 -13.82
C SER C 326 45.11 -14.36 -12.66
N ILE C 327 45.21 -15.16 -11.59
CA ILE C 327 45.90 -14.76 -10.38
C ILE C 327 47.02 -15.71 -10.06
N VAL C 328 48.22 -15.15 -9.90
CA VAL C 328 49.41 -15.88 -9.53
C VAL C 328 49.97 -15.18 -8.31
N ALA C 329 50.32 -15.95 -7.28
CA ALA C 329 50.82 -15.42 -6.03
C ALA C 329 51.83 -16.37 -5.43
N GLN C 330 52.86 -15.81 -4.79
CA GLN C 330 53.76 -16.59 -3.97
C GLN C 330 54.22 -15.86 -2.74
N VAL C 331 54.45 -16.64 -1.69
CA VAL C 331 55.04 -16.06 -0.45
C VAL C 331 56.54 -16.03 -0.73
N ASP C 332 57.13 -14.84 -0.85
CA ASP C 332 58.54 -14.72 -1.27
C ASP C 332 59.51 -15.43 -0.33
N GLN C 333 59.25 -15.42 0.98
CA GLN C 333 60.21 -15.97 1.96
C GLN C 333 60.15 -17.50 2.03
N THR C 334 59.18 -18.13 1.37
CA THR C 334 59.01 -19.62 1.46
C THR C 334 59.00 -20.24 0.06
N GLY C 335 58.63 -19.46 -0.96
CA GLY C 335 58.55 -19.98 -2.34
C GLY C 335 57.25 -20.73 -2.60
N SER C 336 56.40 -20.87 -1.58
CA SER C 336 55.07 -21.53 -1.77
C SER C 336 54.23 -20.65 -2.71
N LYS C 337 53.70 -21.25 -3.76
CA LYS C 337 52.98 -20.42 -4.74
C LYS C 337 51.62 -21.01 -5.08
N SER C 338 50.67 -20.15 -5.48
CA SER C 338 49.36 -20.65 -5.95
C SER C 338 48.81 -19.77 -7.07
N SER C 339 47.93 -20.33 -7.86
CA SER C 339 47.26 -19.64 -8.96
C SER C 339 45.74 -19.78 -8.90
N ASN C 340 45.10 -19.27 -9.95
CA ASN C 340 43.65 -19.49 -10.19
C ASN C 340 43.21 -18.74 -11.44
N LEU C 341 42.43 -19.39 -12.30
CA LEU C 341 41.84 -18.72 -13.46
C LEU C 341 40.34 -18.63 -13.21
N LEU C 342 39.76 -17.43 -13.26
CA LEU C 342 38.33 -17.26 -12.91
C LEU C 342 37.57 -16.55 -14.02
N ASP C 343 36.24 -16.74 -14.08
CA ASP C 343 35.39 -16.09 -15.10
C ASP C 343 34.33 -15.19 -14.44
N LEU C 344 34.43 -13.88 -14.62
CA LEU C 344 33.53 -12.91 -13.93
C LEU C 344 32.15 -12.92 -14.59
N LYS C 345 31.98 -13.67 -15.66
CA LYS C 345 30.66 -13.80 -16.33
C LYS C 345 29.82 -14.84 -15.59
N ASN C 346 30.43 -15.59 -14.66
CA ASN C 346 29.64 -16.54 -13.90
C ASN C 346 29.91 -16.40 -12.40
N PRO C 347 29.58 -15.23 -11.82
CA PRO C 347 29.86 -14.97 -10.42
C PRO C 347 28.91 -15.79 -9.53
N PHE C 348 29.42 -16.21 -8.36
CA PHE C 348 28.62 -16.84 -7.34
C PHE C 348 28.17 -15.78 -6.35
N PHE C 349 26.85 -15.56 -6.29
CA PHE C 349 26.24 -14.62 -5.34
C PHE C 349 25.95 -15.40 -4.08
N ARG C 350 26.65 -15.04 -3.00
CA ARG C 350 26.74 -15.86 -1.76
C ARG C 350 25.94 -15.23 -0.62
N TYR C 351 25.26 -16.11 0.14
CA TYR C 351 24.35 -15.78 1.27
C TYR C 351 24.69 -16.68 2.48
N THR C 352 25.98 -16.75 2.89
CA THR C 352 26.42 -17.55 4.07
C THR C 352 27.19 -16.74 5.14
N SER D 10 15.78 -25.76 -38.44
CA SER D 10 15.23 -26.66 -37.38
C SER D 10 14.03 -26.02 -36.68
N VAL D 11 13.11 -26.86 -36.19
CA VAL D 11 11.92 -26.35 -35.45
C VAL D 11 12.42 -25.54 -34.24
N PHE D 12 13.44 -26.03 -33.56
CA PHE D 12 13.94 -25.32 -32.35
C PHE D 12 14.45 -23.93 -32.73
N SER D 13 15.33 -23.83 -33.72
CA SER D 13 15.91 -22.50 -34.00
C SER D 13 14.93 -21.53 -34.67
N GLU D 14 13.82 -22.05 -35.22
CA GLU D 14 12.79 -21.21 -35.85
C GLU D 14 11.82 -20.60 -34.83
N ARG D 15 11.71 -21.23 -33.65
CA ARG D 15 10.79 -20.81 -32.55
C ARG D 15 11.59 -20.14 -31.42
N THR D 16 12.91 -19.97 -31.57
CA THR D 16 13.79 -19.55 -30.47
C THR D 16 14.86 -18.58 -30.93
N GLU D 17 14.92 -17.39 -30.32
CA GLU D 17 16.02 -16.44 -30.56
C GLU D 17 17.33 -17.09 -30.12
N GLU D 18 18.39 -16.91 -30.92
CA GLU D 18 19.72 -17.43 -30.63
C GLU D 18 20.22 -16.94 -29.27
N SER D 19 19.98 -15.66 -28.96
CA SER D 19 20.35 -15.05 -27.69
C SER D 19 19.76 -15.79 -26.46
N SER D 20 18.52 -16.26 -26.59
CA SER D 20 17.83 -17.02 -25.53
C SER D 20 18.33 -18.45 -25.40
N ALA D 21 18.56 -19.12 -26.55
CA ALA D 21 19.05 -20.52 -26.57
C ALA D 21 20.43 -20.63 -25.95
N VAL D 22 21.32 -19.68 -26.30
CA VAL D 22 22.67 -19.57 -25.74
C VAL D 22 22.61 -19.65 -24.21
N GLN D 23 21.88 -18.70 -23.62
CA GLN D 23 21.76 -18.56 -22.17
C GLN D 23 21.11 -19.78 -21.51
N TYR D 24 20.03 -20.28 -22.13
CA TYR D 24 19.26 -21.47 -21.69
C TYR D 24 20.22 -22.65 -21.55
N PHE D 25 20.98 -22.92 -22.60
CA PHE D 25 21.83 -24.09 -22.61
C PHE D 25 23.09 -23.90 -21.75
N GLN D 26 23.60 -22.67 -21.68
CA GLN D 26 24.68 -22.37 -20.73
C GLN D 26 24.27 -22.64 -19.27
N PHE D 27 23.02 -22.31 -18.91
CA PHE D 27 22.50 -22.51 -17.57
C PHE D 27 22.46 -23.98 -17.17
N TYR D 28 21.96 -24.84 -18.06
CA TYR D 28 21.84 -26.30 -17.81
C TYR D 28 23.19 -27.02 -18.00
N GLY D 29 24.20 -26.29 -18.49
CA GLY D 29 25.54 -26.81 -18.68
C GLY D 29 26.37 -26.87 -17.42
N TYR D 30 25.91 -26.24 -16.34
CA TYR D 30 26.63 -26.16 -15.04
C TYR D 30 26.28 -27.36 -14.16
N LEU D 31 27.32 -28.00 -13.61
CA LEU D 31 27.15 -29.10 -12.66
C LEU D 31 26.39 -28.65 -11.42
N SER D 32 26.72 -27.46 -10.92
CA SER D 32 25.99 -26.88 -9.78
C SER D 32 24.47 -26.90 -10.00
N GLN D 33 24.04 -26.60 -11.24
CA GLN D 33 22.63 -26.62 -11.57
C GLN D 33 22.04 -28.05 -11.63
N GLN D 34 22.81 -28.98 -12.19
CA GLN D 34 22.47 -30.39 -12.21
C GLN D 34 22.33 -30.93 -10.80
N GLN D 35 23.23 -30.52 -9.91
CA GLN D 35 23.20 -30.98 -8.49
C GLN D 35 21.90 -30.51 -7.81
N ASN D 36 21.50 -29.26 -8.02
CA ASN D 36 20.27 -28.71 -7.41
C ASN D 36 19.06 -29.55 -7.84
N MET D 37 18.96 -29.87 -9.13
CA MET D 37 17.84 -30.68 -9.63
C MET D 37 17.91 -32.07 -9.01
N MET D 38 19.12 -32.64 -8.91
CA MET D 38 19.30 -33.96 -8.33
C MET D 38 18.94 -34.02 -6.86
N GLN D 39 19.26 -32.96 -6.11
CA GLN D 39 19.04 -32.87 -4.67
C GLN D 39 17.60 -32.59 -4.25
N ASP D 40 16.73 -32.25 -5.20
CA ASP D 40 15.30 -32.23 -4.98
C ASP D 40 14.85 -33.69 -4.92
N TYR D 41 14.72 -34.23 -3.70
CA TYR D 41 14.51 -35.67 -3.46
C TYR D 41 13.13 -36.11 -3.96
N VAL D 42 12.13 -35.22 -3.93
CA VAL D 42 10.79 -35.59 -4.36
C VAL D 42 10.78 -35.80 -5.86
N ARG D 43 11.46 -34.90 -6.58
CA ARG D 43 11.60 -34.97 -8.06
C ARG D 43 12.40 -36.23 -8.40
N THR D 44 13.64 -36.32 -7.91
CA THR D 44 14.52 -37.44 -8.26
C THR D 44 13.93 -38.79 -7.86
N GLY D 45 13.37 -38.86 -6.64
CA GLY D 45 12.78 -40.07 -6.10
C GLY D 45 11.52 -40.55 -6.81
N THR D 46 10.69 -39.59 -7.25
CA THR D 46 9.42 -39.89 -7.91
C THR D 46 9.66 -40.41 -9.32
N TYR D 47 10.60 -39.78 -10.03
CA TYR D 47 11.10 -40.25 -11.35
C TYR D 47 11.62 -41.69 -11.19
N GLN D 48 12.44 -41.93 -10.17
CA GLN D 48 12.99 -43.27 -9.96
C GLN D 48 11.87 -44.27 -9.67
N ARG D 49 10.94 -43.89 -8.80
CA ARG D 49 9.79 -44.75 -8.39
C ARG D 49 8.91 -45.05 -9.61
N ALA D 50 8.63 -44.04 -10.43
CA ALA D 50 7.81 -44.17 -11.63
C ALA D 50 8.41 -45.18 -12.61
N ILE D 51 9.72 -45.09 -12.81
CA ILE D 51 10.44 -45.95 -13.76
C ILE D 51 10.62 -47.40 -13.27
N LEU D 52 11.07 -47.56 -12.03
CA LEU D 52 11.36 -48.88 -11.43
C LEU D 52 10.13 -49.70 -11.11
N GLN D 53 9.04 -49.03 -10.68
CA GLN D 53 7.79 -49.70 -10.37
C GLN D 53 7.06 -50.09 -11.64
N ASN D 54 7.41 -49.44 -12.74
CA ASN D 54 6.98 -49.80 -14.08
C ASN D 54 8.15 -50.38 -14.90
N HIS D 55 8.87 -51.33 -14.28
CA HIS D 55 10.03 -51.99 -14.87
C HIS D 55 9.70 -52.67 -16.19
N THR D 56 8.50 -53.24 -16.28
CA THR D 56 8.01 -53.91 -17.50
C THR D 56 7.89 -52.98 -18.71
N ASP D 57 7.77 -51.67 -18.45
CA ASP D 57 7.79 -50.65 -19.50
C ASP D 57 9.19 -50.33 -20.02
N PHE D 58 10.21 -50.90 -19.36
CA PHE D 58 11.61 -50.71 -19.75
C PHE D 58 12.39 -51.98 -20.06
N LYS D 59 12.03 -53.10 -19.42
CA LYS D 59 12.71 -54.38 -19.63
C LYS D 59 12.81 -54.70 -21.13
N ASP D 60 14.06 -54.71 -21.63
CA ASP D 60 14.44 -55.05 -23.02
C ASP D 60 13.86 -54.11 -24.07
N LYS D 61 13.58 -52.88 -23.66
CA LYS D 61 13.00 -51.87 -24.52
C LYS D 61 14.05 -50.87 -24.98
N ILE D 62 13.70 -50.13 -26.03
CA ILE D 62 14.51 -49.06 -26.56
C ILE D 62 13.90 -47.77 -26.03
N VAL D 63 14.77 -46.85 -25.59
CA VAL D 63 14.39 -45.70 -24.82
C VAL D 63 15.08 -44.45 -25.34
N LEU D 64 14.32 -43.34 -25.36
CA LEU D 64 14.85 -42.03 -25.67
C LEU D 64 14.63 -41.14 -24.44
N ASP D 65 15.73 -40.54 -23.98
CA ASP D 65 15.75 -39.58 -22.87
C ASP D 65 16.04 -38.21 -23.47
N VAL D 66 15.02 -37.34 -23.45
CA VAL D 66 15.09 -36.05 -24.11
C VAL D 66 15.61 -35.06 -23.09
N GLY D 67 16.78 -34.49 -23.37
CA GLY D 67 17.44 -33.54 -22.51
C GLY D 67 17.88 -34.17 -21.22
N CYS D 68 18.79 -35.15 -21.34
CA CYS D 68 19.18 -36.04 -20.26
C CYS D 68 20.06 -35.43 -19.19
N GLY D 69 20.67 -34.27 -19.47
CA GLY D 69 21.54 -33.57 -18.54
C GLY D 69 22.69 -34.48 -18.14
N SER D 70 22.83 -34.70 -16.83
CA SER D 70 23.81 -35.60 -16.24
C SER D 70 23.60 -37.08 -16.59
N GLY D 71 22.38 -37.44 -16.99
CA GLY D 71 22.04 -38.77 -17.46
C GLY D 71 21.15 -39.55 -16.53
N ILE D 72 20.85 -38.97 -15.34
CA ILE D 72 20.21 -39.67 -14.22
C ILE D 72 18.97 -40.56 -14.58
N LEU D 73 18.10 -40.06 -15.46
CA LEU D 73 16.91 -40.79 -15.87
C LEU D 73 17.24 -41.98 -16.75
N SER D 74 18.31 -41.85 -17.54
CA SER D 74 18.81 -42.95 -18.34
C SER D 74 19.32 -44.08 -17.45
N PHE D 75 20.08 -43.72 -16.41
CA PHE D 75 20.57 -44.68 -15.43
C PHE D 75 19.43 -45.46 -14.78
N PHE D 76 18.34 -44.75 -14.48
CA PHE D 76 17.11 -45.36 -13.95
C PHE D 76 16.49 -46.34 -14.96
N ALA D 77 16.39 -45.92 -16.23
CA ALA D 77 15.92 -46.79 -17.31
C ALA D 77 16.80 -48.03 -17.41
N ALA D 78 18.11 -47.85 -17.19
CA ALA D 78 19.05 -48.96 -17.19
C ALA D 78 18.80 -49.91 -16.01
N GLN D 79 18.59 -49.35 -14.80
CA GLN D 79 18.25 -50.14 -13.62
C GLN D 79 17.01 -51.00 -13.82
N ALA D 80 16.06 -50.47 -14.60
CA ALA D 80 14.77 -51.10 -14.91
C ALA D 80 14.86 -52.17 -15.99
N GLY D 81 16.00 -52.23 -16.68
CA GLY D 81 16.31 -53.26 -17.65
C GLY D 81 16.23 -52.88 -19.13
N ALA D 82 16.38 -51.58 -19.44
CA ALA D 82 16.32 -51.12 -20.84
C ALA D 82 17.46 -51.72 -21.62
N ARG D 83 17.15 -52.32 -22.78
CA ARG D 83 18.16 -52.85 -23.74
C ARG D 83 19.08 -51.71 -24.21
N LYS D 84 18.49 -50.55 -24.50
CA LYS D 84 19.19 -49.48 -25.20
C LYS D 84 18.50 -48.17 -24.94
N ILE D 85 19.30 -47.16 -24.59
CA ILE D 85 18.81 -45.85 -24.23
C ILE D 85 19.63 -44.82 -24.98
N TYR D 86 18.96 -44.05 -25.83
CA TYR D 86 19.52 -42.89 -26.56
C TYR D 86 19.25 -41.66 -25.70
N ALA D 87 20.32 -41.08 -25.14
CA ALA D 87 20.24 -39.94 -24.26
C ALA D 87 20.70 -38.71 -25.01
N VAL D 88 19.73 -37.85 -25.39
CA VAL D 88 19.98 -36.64 -26.14
C VAL D 88 20.07 -35.41 -25.22
N GLU D 89 21.12 -34.61 -25.41
CA GLU D 89 21.37 -33.42 -24.61
C GLU D 89 22.16 -32.39 -25.39
N ALA D 90 21.65 -31.15 -25.43
CA ALA D 90 22.20 -30.07 -26.25
C ALA D 90 23.27 -29.22 -25.54
N SER D 91 23.24 -29.16 -24.20
CA SER D 91 24.25 -28.43 -23.44
C SER D 91 25.52 -29.25 -23.41
N THR D 92 26.59 -28.60 -22.95
CA THR D 92 27.87 -29.23 -22.73
C THR D 92 27.84 -30.30 -21.63
N MET D 93 26.73 -30.39 -20.88
CA MET D 93 26.52 -31.47 -19.92
C MET D 93 26.58 -32.87 -20.57
N ALA D 94 26.36 -32.93 -21.89
CA ALA D 94 26.48 -34.19 -22.64
C ALA D 94 27.83 -34.90 -22.41
N GLN D 95 28.91 -34.10 -22.36
CA GLN D 95 30.27 -34.57 -22.07
C GLN D 95 30.36 -35.26 -20.71
N HIS D 96 29.77 -34.61 -19.70
CA HIS D 96 29.78 -35.12 -18.34
C HIS D 96 28.90 -36.36 -18.21
N ALA D 97 27.76 -36.40 -18.91
CA ALA D 97 26.94 -37.61 -18.95
C ALA D 97 27.72 -38.82 -19.53
N GLU D 98 28.51 -38.59 -20.58
CA GLU D 98 29.34 -39.64 -21.19
C GLU D 98 30.33 -40.22 -20.16
N VAL D 99 31.02 -39.33 -19.44
CA VAL D 99 31.91 -39.71 -18.36
C VAL D 99 31.22 -40.64 -17.36
N LEU D 100 30.01 -40.31 -16.92
CA LEU D 100 29.27 -41.15 -15.99
C LEU D 100 28.83 -42.49 -16.57
N VAL D 101 28.51 -42.51 -17.86
CA VAL D 101 28.13 -43.76 -18.52
C VAL D 101 29.31 -44.76 -18.54
N LYS D 102 30.53 -44.24 -18.68
CA LYS D 102 31.73 -45.08 -18.70
C LYS D 102 32.09 -45.56 -17.31
N SER D 103 32.21 -44.61 -16.37
CA SER D 103 32.50 -44.93 -14.97
C SER D 103 31.47 -45.87 -14.32
N ASN D 104 30.24 -45.93 -14.86
CA ASN D 104 29.21 -46.87 -14.39
C ASN D 104 29.05 -48.11 -15.27
N ASN D 105 29.99 -48.34 -16.21
CA ASN D 105 30.03 -49.53 -17.06
C ASN D 105 28.73 -49.83 -17.80
N LEU D 106 28.15 -48.78 -18.39
CA LEU D 106 26.89 -48.88 -19.11
C LEU D 106 27.00 -48.42 -20.57
N THR D 107 28.23 -48.44 -21.11
CA THR D 107 28.49 -48.03 -22.50
C THR D 107 27.75 -48.89 -23.53
N ASP D 108 27.45 -50.13 -23.16
CA ASP D 108 26.68 -51.02 -24.00
C ASP D 108 25.19 -50.76 -24.04
N ARG D 109 24.69 -49.90 -23.14
CA ARG D 109 23.22 -49.68 -22.96
C ARG D 109 22.84 -48.19 -23.06
N ILE D 110 23.70 -47.26 -22.61
CA ILE D 110 23.40 -45.85 -22.72
C ILE D 110 24.30 -45.18 -23.74
N VAL D 111 23.70 -44.69 -24.82
CA VAL D 111 24.37 -43.90 -25.84
C VAL D 111 23.94 -42.42 -25.74
N VAL D 112 24.89 -41.58 -25.30
CA VAL D 112 24.73 -40.14 -25.32
C VAL D 112 24.86 -39.64 -26.76
N ILE D 113 23.91 -38.80 -27.17
CA ILE D 113 23.89 -38.16 -28.47
C ILE D 113 23.85 -36.64 -28.29
N PRO D 114 24.99 -35.93 -28.44
CA PRO D 114 25.02 -34.48 -28.23
C PRO D 114 24.26 -33.75 -29.35
N GLY D 115 23.42 -32.78 -28.97
CA GLY D 115 22.67 -31.96 -29.89
C GLY D 115 21.25 -31.76 -29.43
N LYS D 116 20.50 -30.98 -30.22
CA LYS D 116 19.07 -30.76 -30.00
C LYS D 116 18.27 -31.92 -30.59
N VAL D 117 17.26 -32.39 -29.85
CA VAL D 117 16.42 -33.52 -30.26
C VAL D 117 15.70 -33.27 -31.60
N GLU D 118 15.51 -31.99 -31.95
CA GLU D 118 14.95 -31.57 -33.25
C GLU D 118 15.94 -31.67 -34.43
N GLU D 119 17.22 -31.89 -34.13
CA GLU D 119 18.31 -31.81 -35.12
C GLU D 119 19.15 -33.09 -35.30
N VAL D 120 19.25 -33.90 -34.25
CA VAL D 120 20.03 -35.12 -34.28
C VAL D 120 19.32 -36.26 -35.04
N SER D 121 20.10 -37.24 -35.51
CA SER D 121 19.61 -38.48 -36.11
C SER D 121 19.73 -39.62 -35.12
N LEU D 122 18.60 -40.26 -34.80
CA LEU D 122 18.61 -41.48 -34.02
C LEU D 122 18.62 -42.62 -35.02
N PRO D 123 19.30 -43.75 -34.72
CA PRO D 123 19.38 -44.86 -35.67
C PRO D 123 18.12 -45.73 -35.75
N GLU D 124 17.25 -45.70 -34.73
CA GLU D 124 16.02 -46.48 -34.70
C GLU D 124 14.90 -45.79 -33.94
N GLN D 125 13.69 -46.33 -34.06
CA GLN D 125 12.51 -45.90 -33.32
C GLN D 125 12.57 -46.49 -31.91
N VAL D 126 11.96 -45.79 -30.95
CA VAL D 126 11.97 -46.18 -29.55
C VAL D 126 10.58 -46.61 -29.07
N ASP D 127 10.57 -47.39 -28.00
CA ASP D 127 9.35 -47.92 -27.36
C ASP D 127 8.75 -46.91 -26.38
N ILE D 128 9.59 -46.00 -25.88
CA ILE D 128 9.23 -45.10 -24.80
C ILE D 128 10.18 -43.90 -24.72
N ILE D 129 9.60 -42.73 -24.41
CA ILE D 129 10.36 -41.51 -24.23
C ILE D 129 10.25 -41.09 -22.78
N ILE D 130 11.37 -40.61 -22.23
CA ILE D 130 11.43 -40.06 -20.89
C ILE D 130 12.10 -38.69 -20.92
N SER D 131 11.65 -37.80 -20.04
CA SER D 131 12.14 -36.44 -19.97
C SER D 131 11.59 -35.76 -18.73
N GLU D 132 12.27 -34.70 -18.33
CA GLU D 132 11.81 -33.74 -17.36
C GLU D 132 11.71 -32.39 -18.06
N PRO D 133 10.68 -32.18 -18.91
CA PRO D 133 10.54 -30.93 -19.68
C PRO D 133 9.71 -29.82 -19.05
N MET D 134 9.26 -29.99 -17.80
CA MET D 134 8.36 -29.07 -17.14
C MET D 134 9.13 -27.84 -16.65
N GLY D 135 8.53 -26.66 -16.85
CA GLY D 135 8.98 -25.40 -16.27
C GLY D 135 7.90 -24.86 -15.35
N TYR D 136 8.13 -23.66 -14.82
CA TYR D 136 7.13 -22.90 -14.03
C TYR D 136 5.81 -22.95 -14.78
N MET D 137 4.69 -23.08 -14.05
CA MET D 137 3.37 -23.13 -14.67
C MET D 137 3.29 -24.24 -15.73
N LEU D 138 4.11 -25.29 -15.57
CA LEU D 138 4.24 -26.41 -16.52
C LEU D 138 4.98 -26.05 -17.80
N PHE D 139 4.53 -24.99 -18.48
CA PHE D 139 4.89 -24.69 -19.85
C PHE D 139 6.15 -23.86 -20.07
N ASN D 140 6.57 -23.08 -19.07
CA ASN D 140 7.70 -22.16 -19.25
C ASN D 140 8.95 -22.87 -19.72
N GLU D 141 9.74 -22.16 -20.54
CA GLU D 141 11.00 -22.65 -21.16
C GLU D 141 10.76 -23.45 -22.46
N ARG D 142 9.51 -23.87 -22.66
CA ARG D 142 8.97 -24.42 -23.93
C ARG D 142 9.66 -25.73 -24.31
N MET D 143 10.19 -26.45 -23.33
CA MET D 143 10.76 -27.74 -23.63
C MET D 143 9.67 -28.79 -23.88
N LEU D 144 8.44 -28.53 -23.45
CA LEU D 144 7.36 -29.46 -23.73
C LEU D 144 7.18 -29.67 -25.24
N GLU D 145 7.57 -28.67 -26.02
CA GLU D 145 7.54 -28.77 -27.48
C GLU D 145 8.59 -29.76 -28.01
N SER D 146 9.80 -29.71 -27.45
CA SER D 146 10.87 -30.64 -27.81
C SER D 146 10.47 -32.07 -27.49
N TYR D 147 9.83 -32.25 -26.33
CA TYR D 147 9.33 -33.56 -25.84
C TYR D 147 8.29 -34.10 -26.83
N LEU D 148 7.37 -33.25 -27.29
CA LEU D 148 6.34 -33.66 -28.22
C LEU D 148 6.94 -33.88 -29.62
N HIS D 149 7.91 -33.05 -29.99
CA HIS D 149 8.64 -33.16 -31.24
C HIS D 149 9.31 -34.52 -31.39
N ALA D 150 9.88 -35.01 -30.28
CA ALA D 150 10.58 -36.29 -30.24
C ALA D 150 9.69 -37.52 -30.51
N LYS D 151 8.38 -37.33 -30.61
CA LYS D 151 7.47 -38.44 -30.90
C LYS D 151 7.61 -38.95 -32.33
N LYS D 152 8.33 -38.22 -33.18
CA LYS D 152 8.66 -38.68 -34.51
C LYS D 152 9.49 -39.96 -34.43
N TYR D 153 10.10 -40.21 -33.27
CA TYR D 153 10.95 -41.38 -32.98
C TYR D 153 10.18 -42.46 -32.19
N LEU D 154 8.91 -42.23 -31.86
CA LEU D 154 8.16 -43.16 -31.04
C LEU D 154 7.39 -44.10 -31.91
N LYS D 155 7.52 -45.41 -31.65
CA LYS D 155 6.72 -46.42 -32.33
C LYS D 155 5.24 -46.13 -32.09
N PRO D 156 4.35 -46.61 -32.99
CA PRO D 156 2.91 -46.56 -32.71
C PRO D 156 2.67 -47.39 -31.45
N SER D 157 1.86 -46.87 -30.53
CA SER D 157 1.63 -47.56 -29.25
C SER D 157 2.77 -47.41 -28.26
N GLY D 158 3.84 -46.67 -28.61
CA GLY D 158 4.86 -46.26 -27.67
C GLY D 158 4.26 -45.50 -26.49
N ASN D 159 5.05 -45.28 -25.44
CA ASN D 159 4.60 -44.55 -24.26
C ASN D 159 5.52 -43.37 -23.96
N MET D 160 5.02 -42.50 -23.08
CA MET D 160 5.71 -41.29 -22.69
C MET D 160 5.66 -41.17 -21.17
N PHE D 161 6.79 -40.76 -20.59
CA PHE D 161 6.98 -40.60 -19.15
C PHE D 161 7.67 -39.27 -18.90
N PRO D 162 6.95 -38.20 -18.47
CA PRO D 162 5.54 -38.28 -18.09
C PRO D 162 4.52 -38.45 -19.23
N THR D 163 3.33 -38.98 -18.90
CA THR D 163 2.28 -39.27 -19.87
C THR D 163 1.29 -38.09 -20.06
N ILE D 164 0.89 -37.48 -18.95
CA ILE D 164 0.01 -36.30 -18.97
C ILE D 164 0.48 -35.23 -17.99
N GLY D 165 0.02 -34.00 -18.21
CA GLY D 165 0.28 -32.87 -17.33
C GLY D 165 -1.02 -32.13 -17.04
N ASP D 166 -1.32 -31.92 -15.75
CA ASP D 166 -2.48 -31.16 -15.32
C ASP D 166 -1.97 -29.83 -14.77
N VAL D 167 -2.38 -28.72 -15.41
CA VAL D 167 -2.20 -27.40 -14.84
C VAL D 167 -3.41 -27.10 -13.95
N HIS D 168 -3.13 -26.56 -12.77
CA HIS D 168 -4.21 -26.18 -11.82
C HIS D 168 -4.27 -24.66 -11.66
N LEU D 169 -5.47 -24.09 -11.73
CA LEU D 169 -5.67 -22.63 -11.61
C LEU D 169 -6.62 -22.38 -10.44
N ALA D 170 -6.29 -21.48 -9.52
CA ALA D 170 -7.21 -21.16 -8.41
C ALA D 170 -7.08 -19.71 -8.01
N PRO D 171 -8.17 -19.00 -7.64
CA PRO D 171 -8.10 -17.61 -7.18
C PRO D 171 -7.59 -17.53 -5.74
N PHE D 172 -6.79 -16.51 -5.43
CA PHE D 172 -6.23 -16.36 -4.10
C PHE D 172 -6.39 -14.97 -3.52
N THR D 173 -6.38 -14.88 -2.19
CA THR D 173 -6.35 -13.63 -1.47
C THR D 173 -5.04 -13.52 -0.72
N ASP D 174 -4.29 -12.44 -0.94
CA ASP D 174 -3.04 -12.19 -0.23
C ASP D 174 -2.73 -10.71 -0.24
N GLU D 175 -3.43 -9.99 0.62
CA GLU D 175 -3.32 -8.54 0.73
C GLU D 175 -1.86 -8.09 0.83
N GLN D 176 -1.05 -8.81 1.61
CA GLN D 176 0.35 -8.46 1.87
C GLN D 176 1.21 -8.56 0.61
N LEU D 177 0.97 -9.58 -0.21
CA LEU D 177 1.64 -9.72 -1.49
C LEU D 177 1.30 -8.54 -2.39
N TYR D 178 0.00 -8.27 -2.55
CA TYR D 178 -0.51 -7.13 -3.35
C TYR D 178 0.18 -5.84 -2.89
N MET D 179 0.27 -5.62 -1.58
CA MET D 179 0.83 -4.40 -1.04
C MET D 179 2.32 -4.23 -1.29
N GLU D 180 3.08 -5.33 -1.24
CA GLU D 180 4.52 -5.29 -1.53
C GLU D 180 4.76 -4.65 -2.90
N GLN D 181 4.03 -5.15 -3.89
CA GLN D 181 4.20 -4.74 -5.26
C GLN D 181 3.83 -3.27 -5.45
N PHE D 182 2.77 -2.79 -4.78
CA PHE D 182 2.32 -1.41 -4.89
C PHE D 182 3.31 -0.49 -4.12
N THR D 183 3.82 -0.99 -2.99
CA THR D 183 4.82 -0.29 -2.18
C THR D 183 6.10 -0.05 -2.95
N LYS D 184 6.49 -1.04 -3.76
CA LYS D 184 7.64 -0.91 -4.65
C LYS D 184 7.32 0.06 -5.77
N ALA D 185 6.18 -0.15 -6.44
CA ALA D 185 5.74 0.68 -7.56
C ALA D 185 5.65 2.14 -7.16
N ASN D 186 5.20 2.39 -5.92
CA ASN D 186 4.92 3.74 -5.47
C ASN D 186 6.16 4.61 -5.33
N PHE D 187 7.34 3.99 -5.45
CA PHE D 187 8.58 4.73 -5.50
C PHE D 187 8.47 5.78 -6.57
N TRP D 188 7.83 5.43 -7.69
CA TRP D 188 7.78 6.29 -8.87
C TRP D 188 6.67 7.34 -8.82
N TYR D 189 5.88 7.39 -7.72
CA TYR D 189 4.97 8.52 -7.41
C TYR D 189 5.71 9.75 -6.88
N GLN D 190 6.99 9.68 -6.50
CA GLN D 190 7.57 10.79 -5.72
C GLN D 190 7.71 12.07 -6.52
N PRO D 191 7.15 13.20 -6.07
CA PRO D 191 7.29 14.45 -6.80
C PRO D 191 8.64 15.17 -6.63
N SER D 192 9.46 14.75 -5.66
CA SER D 192 10.76 15.37 -5.45
C SER D 192 11.76 14.40 -4.83
N PHE D 193 12.16 13.42 -5.63
CA PHE D 193 13.23 12.49 -5.31
C PHE D 193 14.56 13.16 -5.65
N HIS D 194 15.28 13.62 -4.62
CA HIS D 194 16.45 14.47 -4.80
C HIS D 194 16.12 15.62 -5.76
N GLY D 195 14.92 16.19 -5.59
CA GLY D 195 14.46 17.31 -6.39
C GLY D 195 13.98 17.01 -7.80
N VAL D 196 13.68 15.74 -8.08
CA VAL D 196 13.27 15.30 -9.40
C VAL D 196 11.89 14.68 -9.29
N ASP D 197 11.00 15.07 -10.19
CA ASP D 197 9.64 14.56 -10.19
C ASP D 197 9.58 13.29 -10.99
N LEU D 198 9.35 12.18 -10.31
CA LEU D 198 9.35 10.87 -10.95
C LEU D 198 7.96 10.42 -11.38
N SER D 199 6.93 11.15 -10.97
CA SER D 199 5.56 10.65 -10.98
C SER D 199 4.99 10.36 -12.36
N ALA D 200 5.58 10.90 -13.41
CA ALA D 200 5.07 10.58 -14.75
C ALA D 200 5.34 9.12 -15.14
N LEU D 201 6.07 8.37 -14.31
CA LEU D 201 6.44 6.98 -14.66
C LEU D 201 5.75 5.99 -13.73
N ARG D 202 4.91 6.47 -12.82
CA ARG D 202 4.21 5.59 -11.85
C ARG D 202 3.42 4.52 -12.59
N GLY D 203 2.78 4.88 -13.69
CA GLY D 203 1.97 3.91 -14.45
C GLY D 203 2.82 2.84 -15.06
N ALA D 204 3.89 3.24 -15.73
CA ALA D 204 4.84 2.29 -16.33
C ALA D 204 5.43 1.39 -15.24
N ALA D 205 5.72 1.96 -14.07
CA ALA D 205 6.32 1.17 -13.00
C ALA D 205 5.34 0.11 -12.52
N VAL D 206 4.10 0.50 -12.27
CA VAL D 206 3.04 -0.45 -11.81
C VAL D 206 2.88 -1.56 -12.85
N ASP D 207 2.69 -1.19 -14.11
CA ASP D 207 2.53 -2.20 -15.20
C ASP D 207 3.66 -3.22 -15.12
N GLU D 208 4.92 -2.76 -15.16
CA GLU D 208 6.09 -3.66 -15.14
C GLU D 208 6.04 -4.59 -13.92
N TYR D 209 5.84 -4.04 -12.74
CA TYR D 209 5.83 -4.86 -11.50
C TYR D 209 4.70 -5.88 -11.55
N PHE D 210 3.53 -5.49 -12.06
CA PHE D 210 2.38 -6.39 -12.06
C PHE D 210 2.42 -7.41 -13.19
N ARG D 211 3.32 -7.20 -14.16
CA ARG D 211 3.58 -8.16 -15.26
C ARG D 211 4.48 -9.29 -14.78
N GLN D 212 5.09 -9.19 -13.59
CA GLN D 212 5.97 -10.23 -13.06
C GLN D 212 5.20 -11.32 -12.33
N PRO D 213 5.19 -12.58 -12.80
CA PRO D 213 4.61 -13.67 -12.02
C PRO D 213 5.48 -13.92 -10.78
N VAL D 214 4.83 -14.12 -9.63
CA VAL D 214 5.46 -14.27 -8.34
C VAL D 214 5.70 -15.75 -8.13
N VAL D 215 6.98 -16.13 -8.07
CA VAL D 215 7.42 -17.50 -7.85
C VAL D 215 7.84 -17.64 -6.40
N ASP D 216 7.04 -18.39 -5.64
CA ASP D 216 7.31 -18.77 -4.26
C ASP D 216 6.18 -19.73 -3.83
N THR D 217 6.14 -20.07 -2.55
CA THR D 217 5.08 -20.91 -2.01
C THR D 217 4.18 -20.11 -1.07
N PHE D 218 3.05 -20.72 -0.67
CA PHE D 218 2.06 -20.08 0.14
C PHE D 218 1.22 -21.13 0.86
N ASP D 219 0.61 -20.73 1.98
CA ASP D 219 -0.34 -21.55 2.69
C ASP D 219 -1.58 -21.71 1.80
N ILE D 220 -2.09 -22.94 1.68
CA ILE D 220 -3.32 -23.23 0.91
C ILE D 220 -4.56 -22.49 1.39
N ARG D 221 -4.50 -21.89 2.59
CA ARG D 221 -5.62 -21.11 3.19
C ARG D 221 -5.94 -19.87 2.36
N ILE D 222 -4.99 -19.38 1.54
CA ILE D 222 -5.24 -18.22 0.70
C ILE D 222 -6.12 -18.49 -0.53
N LEU D 223 -6.34 -19.77 -0.86
CA LEU D 223 -7.14 -20.17 -2.02
C LEU D 223 -8.62 -20.05 -1.73
N MET D 224 -9.35 -19.39 -2.62
CA MET D 224 -10.74 -18.99 -2.37
C MET D 224 -11.79 -19.83 -3.09
N ALA D 225 -11.33 -20.77 -3.92
CA ALA D 225 -12.19 -21.71 -4.59
C ALA D 225 -11.39 -22.97 -4.95
N LYS D 226 -12.10 -24.08 -5.15
CA LYS D 226 -11.49 -25.28 -5.70
C LYS D 226 -10.81 -24.92 -7.02
N SER D 227 -9.61 -25.47 -7.26
CA SER D 227 -8.87 -25.20 -8.49
C SER D 227 -9.56 -25.76 -9.71
N VAL D 228 -9.16 -25.24 -10.88
CA VAL D 228 -9.65 -25.68 -12.17
C VAL D 228 -8.46 -26.33 -12.89
N LYS D 229 -8.72 -27.43 -13.58
CA LYS D 229 -7.70 -28.31 -14.12
C LYS D 229 -7.70 -28.24 -15.63
N TYR D 230 -6.53 -28.01 -16.23
CA TYR D 230 -6.30 -28.06 -17.70
C TYR D 230 -5.28 -29.17 -17.99
N THR D 231 -5.72 -30.22 -18.67
CA THR D 231 -4.93 -31.42 -18.94
C THR D 231 -4.35 -31.42 -20.36
N VAL D 232 -3.03 -31.60 -20.45
CA VAL D 232 -2.36 -31.90 -21.72
C VAL D 232 -1.97 -33.38 -21.67
N ASN D 233 -2.45 -34.14 -22.66
CA ASN D 233 -2.13 -35.55 -22.80
C ASN D 233 -0.98 -35.65 -23.81
N PHE D 234 0.23 -35.96 -23.32
CA PHE D 234 1.44 -35.90 -24.17
C PHE D 234 1.48 -36.97 -25.27
N LEU D 235 0.70 -38.05 -25.08
CA LEU D 235 0.54 -39.08 -26.10
C LEU D 235 -0.17 -38.56 -27.35
N GLU D 236 -1.14 -37.66 -27.17
CA GLU D 236 -1.96 -37.15 -28.26
C GLU D 236 -1.61 -35.75 -28.74
N ALA D 237 -1.09 -34.91 -27.83
CA ALA D 237 -0.80 -33.52 -28.13
C ALA D 237 0.27 -33.37 -29.20
N LYS D 238 0.21 -32.25 -29.93
CA LYS D 238 1.11 -31.93 -31.00
C LYS D 238 1.89 -30.68 -30.58
N GLU D 239 3.12 -30.56 -31.08
CA GLU D 239 4.03 -29.48 -30.71
C GLU D 239 3.34 -28.11 -30.80
N GLY D 240 2.57 -27.91 -31.87
CA GLY D 240 1.90 -26.66 -32.17
C GLY D 240 0.74 -26.32 -31.25
N ASP D 241 0.20 -27.32 -30.54
CA ASP D 241 -0.84 -27.08 -29.54
C ASP D 241 -0.40 -26.15 -28.45
N LEU D 242 0.93 -26.09 -28.20
CA LEU D 242 1.49 -25.30 -27.13
C LEU D 242 1.94 -23.90 -27.54
N HIS D 243 1.71 -23.53 -28.80
CA HIS D 243 2.01 -22.18 -29.26
C HIS D 243 1.01 -21.17 -28.73
N ARG D 244 -0.26 -21.59 -28.62
CA ARG D 244 -1.38 -20.77 -28.08
C ARG D 244 -2.25 -21.64 -27.19
N ILE D 245 -2.29 -21.38 -25.89
CA ILE D 245 -2.98 -22.23 -24.94
C ILE D 245 -4.06 -21.41 -24.27
N GLU D 246 -5.32 -21.77 -24.52
CA GLU D 246 -6.47 -21.08 -24.01
C GLU D 246 -7.14 -21.89 -22.92
N ILE D 247 -7.09 -21.38 -21.69
CA ILE D 247 -7.58 -22.06 -20.50
C ILE D 247 -8.80 -21.32 -19.95
N PRO D 248 -10.04 -21.78 -20.28
CA PRO D 248 -11.25 -21.19 -19.72
C PRO D 248 -11.40 -21.62 -18.26
N PHE D 249 -12.04 -20.78 -17.42
CA PHE D 249 -12.26 -21.13 -16.02
C PHE D 249 -13.55 -20.53 -15.48
N LYS D 250 -14.19 -21.28 -14.58
CA LYS D 250 -15.37 -20.85 -13.85
C LYS D 250 -15.17 -21.37 -12.41
N PHE D 251 -14.84 -20.45 -11.50
CA PHE D 251 -14.64 -20.78 -10.10
C PHE D 251 -15.93 -20.48 -9.36
N HIS D 252 -16.31 -21.38 -8.45
CA HIS D 252 -17.41 -21.12 -7.52
C HIS D 252 -16.76 -20.69 -6.21
N MET D 253 -16.92 -19.42 -5.86
CA MET D 253 -16.25 -18.86 -4.69
C MET D 253 -16.77 -19.51 -3.40
N LEU D 254 -15.83 -20.05 -2.63
CA LEU D 254 -16.09 -20.68 -1.33
C LEU D 254 -15.96 -19.69 -0.17
N HIS D 255 -15.21 -18.60 -0.38
CA HIS D 255 -14.99 -17.56 0.62
C HIS D 255 -15.22 -16.17 0.03
N SER D 256 -15.70 -15.25 0.87
CA SER D 256 -15.92 -13.86 0.51
C SER D 256 -14.64 -13.06 0.76
N GLY D 257 -14.32 -12.14 -0.16
CA GLY D 257 -13.18 -11.29 0.02
C GLY D 257 -12.61 -10.79 -1.28
N LEU D 258 -11.47 -10.10 -1.17
CA LEU D 258 -10.71 -9.65 -2.31
C LEU D 258 -9.87 -10.77 -2.91
N VAL D 259 -10.10 -11.02 -4.21
CA VAL D 259 -9.31 -11.92 -5.02
C VAL D 259 -8.20 -11.06 -5.64
N HIS D 260 -6.95 -11.29 -5.22
CA HIS D 260 -5.81 -10.51 -5.69
C HIS D 260 -5.13 -11.10 -6.94
N GLY D 261 -5.52 -12.30 -7.35
CA GLY D 261 -4.93 -12.94 -8.51
C GLY D 261 -5.31 -14.41 -8.70
N LEU D 262 -4.60 -15.07 -9.62
CA LEU D 262 -4.68 -16.51 -9.79
C LEU D 262 -3.36 -17.21 -9.42
N ALA D 263 -3.47 -18.34 -8.70
CA ALA D 263 -2.33 -19.19 -8.37
C ALA D 263 -2.31 -20.39 -9.30
N PHE D 264 -1.11 -20.76 -9.74
CA PHE D 264 -0.88 -21.85 -10.67
C PHE D 264 0.10 -22.86 -10.09
N TRP D 265 -0.19 -24.14 -10.33
CA TRP D 265 0.73 -25.22 -10.08
C TRP D 265 0.40 -26.33 -11.08
N PHE D 266 1.18 -27.43 -11.03
CA PHE D 266 0.95 -28.56 -11.91
C PHE D 266 1.29 -29.92 -11.30
N ASP D 267 0.60 -30.94 -11.82
CA ASP D 267 0.92 -32.34 -11.63
C ASP D 267 1.25 -32.93 -12.99
N VAL D 268 2.19 -33.89 -13.03
CA VAL D 268 2.35 -34.82 -14.16
C VAL D 268 2.16 -36.24 -13.64
N ALA D 269 1.62 -37.11 -14.49
CA ALA D 269 1.42 -38.52 -14.17
C ALA D 269 2.22 -39.40 -15.12
N PHE D 270 2.89 -40.40 -14.55
CA PHE D 270 3.60 -41.45 -15.28
C PHE D 270 2.66 -42.67 -15.27
N ILE D 271 1.99 -42.89 -16.41
CA ILE D 271 0.99 -43.95 -16.55
C ILE D 271 1.63 -45.20 -17.16
N GLY D 272 2.10 -46.10 -16.30
CA GLY D 272 2.72 -47.33 -16.74
C GLY D 272 1.77 -48.51 -16.71
N SER D 273 2.29 -49.69 -17.09
CA SER D 273 1.53 -50.91 -17.17
C SER D 273 1.20 -51.46 -15.79
N ILE D 274 2.09 -51.18 -14.83
CA ILE D 274 2.00 -51.73 -13.50
C ILE D 274 1.28 -50.77 -12.57
N MET D 275 1.60 -49.47 -12.69
CA MET D 275 0.93 -48.44 -11.90
C MET D 275 1.13 -47.03 -12.43
N THR D 276 0.30 -46.11 -11.94
CA THR D 276 0.41 -44.70 -12.27
C THR D 276 1.04 -44.00 -11.10
N VAL D 277 2.13 -43.27 -11.34
CA VAL D 277 2.83 -42.51 -10.32
C VAL D 277 2.70 -41.05 -10.66
N TRP D 278 2.38 -40.24 -9.64
CA TRP D 278 2.16 -38.80 -9.77
C TRP D 278 3.31 -38.02 -9.15
N LEU D 279 3.73 -36.96 -9.84
CA LEU D 279 4.62 -35.94 -9.31
C LEU D 279 3.85 -34.62 -9.24
N SER D 280 3.55 -34.15 -8.01
CA SER D 280 2.76 -32.94 -7.79
C SER D 280 3.61 -31.75 -7.31
N THR D 281 3.29 -30.56 -7.82
CA THR D 281 3.90 -29.33 -7.32
C THR D 281 2.88 -28.45 -6.58
N ALA D 282 1.77 -29.08 -6.16
CA ALA D 282 0.70 -28.42 -5.43
C ALA D 282 1.22 -27.82 -4.12
N PRO D 283 0.56 -26.75 -3.59
CA PRO D 283 0.92 -26.20 -2.29
C PRO D 283 0.53 -27.10 -1.10
N THR D 284 -0.30 -28.11 -1.32
CA THR D 284 -0.59 -29.15 -0.34
C THR D 284 0.53 -30.19 -0.22
N GLU D 285 1.49 -30.17 -1.15
CA GLU D 285 2.58 -31.15 -1.23
C GLU D 285 3.91 -30.48 -0.90
N PRO D 286 4.98 -31.26 -0.61
CA PRO D 286 6.29 -30.67 -0.30
C PRO D 286 6.80 -29.77 -1.43
N LEU D 287 7.56 -28.75 -1.06
CA LEU D 287 8.10 -27.79 -2.02
C LEU D 287 9.10 -28.44 -2.98
N THR D 288 8.94 -28.16 -4.28
CA THR D 288 9.87 -28.54 -5.33
C THR D 288 10.57 -27.27 -5.90
N HIS D 289 11.57 -27.47 -6.77
CA HIS D 289 12.27 -26.39 -7.46
C HIS D 289 11.37 -25.62 -8.49
N TRP D 290 10.13 -26.09 -8.70
CA TRP D 290 9.11 -25.43 -9.50
C TRP D 290 8.25 -24.45 -8.68
N TYR D 291 8.31 -24.59 -7.35
CA TYR D 291 7.52 -23.80 -6.38
C TYR D 291 6.05 -23.81 -6.81
N GLN D 292 5.41 -22.64 -6.70
CA GLN D 292 4.14 -22.31 -7.33
C GLN D 292 4.30 -20.93 -7.93
N VAL D 293 3.36 -20.57 -8.81
CA VAL D 293 3.35 -19.25 -9.45
C VAL D 293 2.03 -18.54 -9.23
N ARG D 294 2.12 -17.26 -8.85
CA ARG D 294 0.90 -16.41 -8.68
C ARG D 294 0.98 -15.24 -9.65
N CYS D 295 -0.11 -15.00 -10.38
CA CYS D 295 -0.27 -13.81 -11.20
C CYS D 295 -1.25 -12.88 -10.51
N LEU D 296 -0.76 -11.69 -10.14
CA LEU D 296 -1.54 -10.66 -9.50
C LEU D 296 -2.39 -9.92 -10.53
N PHE D 297 -3.61 -9.54 -10.09
CA PHE D 297 -4.41 -8.54 -10.77
C PHE D 297 -3.91 -7.17 -10.33
N GLN D 298 -4.00 -6.20 -11.24
CA GLN D 298 -3.61 -4.83 -10.95
C GLN D 298 -4.60 -4.22 -9.96
N SER D 299 -5.88 -4.60 -10.09
CA SER D 299 -6.89 -4.26 -9.12
C SER D 299 -7.58 -5.53 -8.63
N PRO D 300 -7.70 -5.71 -7.30
CA PRO D 300 -8.44 -6.83 -6.73
C PRO D 300 -9.90 -6.86 -7.21
N LEU D 301 -10.53 -8.03 -7.21
CA LEU D 301 -11.96 -8.16 -7.43
C LEU D 301 -12.60 -8.60 -6.13
N PHE D 302 -13.62 -7.86 -5.67
CA PHE D 302 -14.43 -8.33 -4.54
C PHE D 302 -15.39 -9.41 -5.04
N ALA D 303 -15.44 -10.55 -4.33
CA ALA D 303 -16.46 -11.57 -4.56
C ALA D 303 -17.00 -12.12 -3.24
N LYS D 304 -18.31 -12.40 -3.22
CA LYS D 304 -18.94 -13.10 -2.11
C LYS D 304 -18.90 -14.59 -2.36
N ALA D 305 -18.86 -15.36 -1.28
CA ALA D 305 -19.00 -16.83 -1.35
C ALA D 305 -20.33 -17.11 -2.02
N GLY D 306 -20.32 -18.02 -2.99
CA GLY D 306 -21.48 -18.31 -3.82
C GLY D 306 -21.40 -17.69 -5.20
N ASP D 307 -20.66 -16.57 -5.33
CA ASP D 307 -20.45 -15.92 -6.61
C ASP D 307 -19.56 -16.80 -7.51
N THR D 308 -19.69 -16.61 -8.83
CA THR D 308 -18.85 -17.31 -9.80
C THR D 308 -17.88 -16.28 -10.37
N LEU D 309 -16.61 -16.69 -10.51
CA LEU D 309 -15.55 -15.90 -11.13
C LEU D 309 -15.10 -16.64 -12.38
N SER D 310 -15.41 -16.06 -13.55
CA SER D 310 -15.14 -16.68 -14.84
C SER D 310 -14.28 -15.80 -15.72
N GLY D 311 -13.57 -16.45 -16.64
CA GLY D 311 -12.66 -15.81 -17.56
C GLY D 311 -11.79 -16.79 -18.29
N THR D 312 -10.68 -16.27 -18.84
CA THR D 312 -9.74 -17.03 -19.64
C THR D 312 -8.32 -16.67 -19.26
N CYS D 313 -7.48 -17.70 -19.19
CA CYS D 313 -6.05 -17.57 -19.11
C CYS D 313 -5.52 -17.99 -20.49
N LEU D 314 -4.85 -17.06 -21.18
CA LEU D 314 -4.36 -17.27 -22.54
C LEU D 314 -2.85 -17.14 -22.53
N LEU D 315 -2.17 -18.20 -22.99
CA LEU D 315 -0.72 -18.27 -23.00
C LEU D 315 -0.27 -18.32 -24.44
N ILE D 316 0.53 -17.34 -24.84
CA ILE D 316 1.03 -17.20 -26.19
C ILE D 316 2.56 -17.29 -26.18
N ALA D 317 3.08 -18.36 -26.77
CA ALA D 317 4.50 -18.66 -26.76
C ALA D 317 5.26 -17.57 -27.49
N ASN D 318 6.38 -17.12 -26.91
CA ASN D 318 7.28 -16.14 -27.53
C ASN D 318 8.65 -16.72 -27.91
N LYS D 319 9.44 -15.95 -28.65
CA LYS D 319 10.75 -16.37 -29.11
C LYS D 319 11.86 -16.47 -28.02
N ARG D 320 11.56 -15.98 -26.81
CA ARG D 320 12.48 -16.03 -25.65
C ARG D 320 12.18 -17.28 -24.79
N GLN D 321 11.63 -18.33 -25.41
CA GLN D 321 11.32 -19.60 -24.76
C GLN D 321 10.39 -19.44 -23.57
N SER D 322 9.54 -18.43 -23.61
CA SER D 322 8.57 -18.20 -22.53
C SER D 322 7.19 -17.95 -23.13
N TYR D 323 6.29 -17.43 -22.31
CA TYR D 323 4.89 -17.10 -22.68
C TYR D 323 4.54 -15.67 -22.26
N ASP D 324 3.74 -15.00 -23.11
CA ASP D 324 3.00 -13.82 -22.75
C ASP D 324 1.66 -14.35 -22.28
N ILE D 325 1.28 -13.92 -21.08
CA ILE D 325 0.09 -14.42 -20.42
C ILE D 325 -0.94 -13.33 -20.36
N SER D 326 -2.16 -13.65 -20.79
CA SER D 326 -3.28 -12.75 -20.69
C SER D 326 -4.36 -13.37 -19.80
N ILE D 327 -4.72 -12.69 -18.72
CA ILE D 327 -5.73 -13.16 -17.78
C ILE D 327 -6.88 -12.16 -17.71
N VAL D 328 -8.06 -12.65 -18.06
CA VAL D 328 -9.27 -11.87 -18.05
C VAL D 328 -10.23 -12.60 -17.13
N ALA D 329 -10.76 -11.87 -16.15
CA ALA D 329 -11.60 -12.45 -15.11
C ALA D 329 -12.66 -11.45 -14.74
N GLN D 330 -13.88 -11.96 -14.54
CA GLN D 330 -14.95 -11.15 -14.02
C GLN D 330 -15.82 -11.92 -13.04
N VAL D 331 -16.33 -11.19 -12.03
CA VAL D 331 -17.30 -11.70 -11.09
C VAL D 331 -18.65 -11.57 -11.78
N ASP D 332 -19.22 -12.69 -12.22
CA ASP D 332 -20.42 -12.70 -13.10
C ASP D 332 -21.59 -11.93 -12.48
N GLN D 333 -21.82 -12.09 -11.17
CA GLN D 333 -22.98 -11.49 -10.52
C GLN D 333 -22.89 -9.98 -10.40
N THR D 334 -21.69 -9.39 -10.53
CA THR D 334 -21.51 -7.95 -10.42
C THR D 334 -20.99 -7.25 -11.66
N GLY D 335 -20.37 -8.02 -12.56
CA GLY D 335 -19.72 -7.49 -13.74
C GLY D 335 -18.41 -6.79 -13.44
N SER D 336 -17.87 -6.99 -12.22
CA SER D 336 -16.54 -6.51 -11.85
C SER D 336 -15.51 -7.34 -12.64
N LYS D 337 -14.66 -6.67 -13.42
CA LYS D 337 -13.81 -7.33 -14.40
C LYS D 337 -12.36 -6.81 -14.27
N SER D 338 -11.40 -7.74 -14.38
CA SER D 338 -9.98 -7.39 -14.42
C SER D 338 -9.26 -8.15 -15.53
N SER D 339 -8.55 -7.39 -16.37
CA SER D 339 -7.67 -7.88 -17.43
C SER D 339 -6.22 -7.59 -17.08
N ASN D 340 -5.33 -8.54 -17.39
CA ASN D 340 -3.95 -8.49 -16.94
C ASN D 340 -3.04 -9.21 -17.89
N LEU D 341 -1.89 -8.58 -18.19
CA LEU D 341 -0.89 -9.08 -19.12
C LEU D 341 0.38 -9.30 -18.33
N LEU D 342 0.95 -10.50 -18.41
CA LEU D 342 2.14 -10.88 -17.64
C LEU D 342 3.18 -11.50 -18.54
N ASP D 343 4.45 -11.31 -18.13
CA ASP D 343 5.59 -11.87 -18.89
C ASP D 343 6.38 -12.83 -17.98
N LEU D 344 6.29 -14.13 -18.25
CA LEU D 344 6.99 -15.16 -17.45
C LEU D 344 8.50 -15.08 -17.71
N LYS D 345 8.94 -14.18 -18.59
CA LYS D 345 10.39 -13.98 -18.87
C LYS D 345 11.02 -13.07 -17.81
N ASN D 346 10.20 -12.48 -16.94
CA ASN D 346 10.73 -11.66 -15.83
C ASN D 346 9.99 -12.06 -14.55
N PRO D 347 10.17 -13.29 -14.04
CA PRO D 347 9.50 -13.67 -12.79
C PRO D 347 10.14 -12.99 -11.58
N PHE D 348 9.32 -12.68 -10.57
CA PHE D 348 9.76 -12.17 -9.28
C PHE D 348 9.90 -13.36 -8.32
N PHE D 349 11.14 -13.65 -7.91
CA PHE D 349 11.43 -14.71 -6.96
C PHE D 349 11.38 -14.09 -5.57
N ARG D 350 10.44 -14.52 -4.74
CA ARG D 350 10.11 -13.85 -3.44
C ARG D 350 10.96 -14.40 -2.30
C1 7ZH E . -24.81 11.91 13.52
C10 7ZH E . -23.49 9.98 10.61
C11 7ZH E . -24.31 12.66 14.71
C12 7ZH E . -25.51 7.30 7.68
C13 7ZH E . -25.94 5.68 5.90
C14 7ZH E . -26.84 5.50 4.70
C15 7ZH E . -26.53 6.46 3.57
C16 7ZH E . -27.75 6.63 2.70
C17 7ZH E . -27.94 8.75 1.44
C18 7ZH E . -23.27 14.76 14.42
C19 7ZH E . -27.89 10.86 0.13
C2 7ZH E . -26.18 11.84 13.29
C20 7ZH E . -27.28 11.41 -1.15
C21 7ZH E . -26.06 12.29 -0.94
C22 7ZH E . -26.69 13.67 -0.74
C23 7ZH E . -27.82 13.60 -1.78
C24 7ZH E . -29.70 14.55 -0.38
C25 7ZH E . -30.58 15.97 -1.68
C26 7ZH E . -31.33 16.95 -2.35
C27 7ZH E . -29.92 16.63 -4.17
C28 7ZH E . -29.53 15.40 -2.38
C3 7ZH E . -26.66 11.16 12.19
C4 7ZH E . -25.78 10.54 11.28
C5 7ZH E . -24.38 10.61 11.52
C6 7ZH E . -23.92 11.31 12.67
C7 7ZH E . -26.23 9.83 10.12
C8 7ZH E . -25.34 9.23 9.27
C9 7ZH E . -23.96 9.32 9.52
N1 7ZH E . -25.81 8.56 8.11
N10 7ZH E . -29.15 15.69 -3.63
N2 7ZH E . -26.11 6.98 6.52
N3 7ZH E . -27.52 7.47 1.54
N4 7ZH E . -27.67 9.43 0.30
N5 7ZH E . -28.58 9.37 2.38
N6 7ZH E . -28.96 14.49 -1.52
N7 7ZH E . -30.68 15.42 -0.41
N8 7ZH E . -32.38 17.58 -1.81
N9 7ZH E . -30.97 17.27 -3.62
O1 7ZH E . -27.98 11.05 11.90
O2 7ZH E . -24.77 6.52 8.28
O3 7ZH E . -23.18 13.31 14.46
O4 7ZH E . -24.88 12.70 15.78
O5 7ZH E . -25.20 12.22 -2.08
O6 7ZH E . -25.78 14.75 -0.99
O7 7ZH E . -28.28 12.27 -1.75
H5 7ZH E . -22.42 10.04 10.80
H9 7ZH E . -26.14 4.90 6.63
H10 7ZH E . -24.89 5.51 5.61
H11 7ZH E . -27.86 5.64 5.03
H12 7ZH E . -26.80 4.48 4.34
H13 7ZH E . -26.19 7.42 3.97
H14 7ZH E . -25.69 6.09 2.98
H16 7ZH E . -28.07 5.66 2.32
H15 7ZH E . -28.61 6.97 3.29
H22 7ZH E . -24.09 15.09 13.77
H21 7ZH E . -23.48 15.03 15.45
H20 7ZH E . -22.34 15.22 14.09
H24 7ZH E . -28.94 11.13 0.15
H23 7ZH E . -27.47 11.37 1.00
H1 7ZH E . -26.86 12.32 13.98
H25 7ZH E . -27.07 10.62 -1.87
H26 7ZH E . -25.50 12.01 -0.06
H28 7ZH E . -27.08 13.76 0.27
H30 7ZH E . -27.48 13.79 -2.79
H31 7ZH E . -29.49 13.93 0.50
H34 7ZH E . -29.69 16.93 -5.19
H2 7ZH E . -22.85 11.36 12.84
H3 7ZH E . -27.30 9.78 9.95
H4 7ZH E . -23.26 8.85 8.84
H7 7ZH E . -26.43 9.15 7.57
H8 7ZH E . -26.73 7.61 6.02
H17 7ZH E . -27.01 7.03 0.77
H18 7ZH E . -27.66 8.89 -0.56
H19 7ZH E . -28.80 8.88 3.24
H33 7ZH E . -32.90 18.30 -2.33
H32 7ZH E . -32.67 17.37 -0.86
H6 7ZH E . -28.50 11.54 12.60
H27 7ZH E . -24.29 11.98 -1.74
H29 7ZH E . -25.50 15.06 -0.09
C1 EDO F . -23.70 13.70 9.39
O1 EDO F . -23.30 14.39 10.55
C2 EDO F . -25.06 14.08 8.90
O2 EDO F . -25.83 12.97 8.49
H11 EDO F . -23.69 12.62 9.59
H12 EDO F . -22.98 13.89 8.60
HO1 EDO F . -22.42 14.09 10.82
H21 EDO F . -25.59 14.61 9.69
H22 EDO F . -24.94 14.76 8.05
HO2 EDO F . -26.70 13.27 8.18
C1 EDO G . -21.56 -2.80 8.80
O1 EDO G . -21.05 -2.15 9.93
C2 EDO G . -21.62 -1.90 7.62
O2 EDO G . -21.28 -2.56 6.42
H11 EDO G . -22.57 -3.17 9.01
H12 EDO G . -20.94 -3.66 8.56
HO1 EDO G . -21.03 -2.77 10.68
H21 EDO G . -20.94 -1.06 7.77
H22 EDO G . -22.63 -1.50 7.52
HO2 EDO G . -21.33 -1.94 5.69
C1 EDO H . -38.45 -9.63 3.60
O1 EDO H . -37.12 -9.43 3.19
C2 EDO H . -39.43 -9.11 2.62
O2 EDO H . -40.20 -10.13 2.01
H11 EDO H . -38.62 -10.70 3.75
H12 EDO H . -38.61 -9.14 4.56
HO1 EDO H . -36.52 -9.79 3.85
H21 EDO H . -38.90 -8.56 1.85
H22 EDO H . -40.11 -8.42 3.12
HO2 EDO H . -40.82 -9.74 1.38
C1 EDO I . -13.08 -3.17 -2.95
O1 EDO I . -14.43 -3.36 -3.37
C2 EDO I . -12.90 -3.26 -1.47
O2 EDO I . -14.12 -3.41 -0.74
H11 EDO I . -12.74 -2.19 -3.28
H12 EDO I . -12.45 -3.92 -3.43
HO1 EDO I . -14.47 -3.30 -4.33
H21 EDO I . -12.39 -2.36 -1.12
H22 EDO I . -12.26 -4.11 -1.24
HO2 EDO I . -13.93 -3.46 0.20
C1 7ZH J . -14.78 16.32 14.54
C10 7ZH J . -14.78 15.88 18.26
C11 7ZH J . -15.32 15.67 13.31
C12 7ZH J . -12.80 17.89 21.65
C13 7ZH J . -12.06 18.56 23.91
C14 7ZH J . -10.99 19.48 24.47
C15 7ZH J . -11.51 20.53 25.44
C16 7ZH J . -11.56 21.94 24.89
C17 7ZH J . -13.50 23.48 24.70
C18 7ZH J . -15.60 13.44 12.57
C19 7ZH J . -14.95 25.44 25.28
C2 7ZH J . -14.02 17.49 14.42
C20 7ZH J . -16.20 25.72 26.09
C21 7ZH J . -17.49 25.12 25.56
C22 7ZH J . -17.94 26.15 24.53
C23 7ZH J . -17.52 27.47 25.22
C24 7ZH J . -16.43 28.48 23.17
C25 7ZH J . -17.00 30.52 23.34
C26 7ZH J . -17.24 31.90 23.23
C27 7ZH J . -18.46 31.73 25.19
C28 7ZH J . -17.56 29.87 24.43
C3 7ZH J . -13.52 18.11 15.53
C4 7ZH J . -13.76 17.59 16.84
C5 7ZH J . -14.53 16.40 16.96
C6 7ZH J . -15.03 15.79 15.79
C7 7ZH J . -13.25 18.20 18.01
C8 7ZH J . -13.50 17.65 19.25
C9 7ZH J . -14.28 16.50 19.36
N1 7ZH J . -12.99 18.35 20.38
N10 7ZH J . -18.30 30.42 25.40
N2 7ZH J . -12.34 18.83 22.51
N3 7ZH J . -12.72 22.65 25.42
N4 7ZH J . -14.57 24.03 25.34
N5 7ZH J . -13.34 23.76 23.45
N6 7ZH J . -17.18 28.55 24.32
N7 7ZH J . -16.30 29.62 22.55
N8 7ZH J . -16.78 32.66 22.24
N9 7ZH J . -17.98 32.48 24.20
O1 7ZH J . -12.76 19.24 15.47
O2 7ZH J . -13.02 16.74 22.02
O3 7ZH J . -15.83 14.46 13.57
O4 7ZH J . -15.33 16.19 12.23
O5 7ZH J . -18.45 24.94 26.61
O6 7ZH J . -19.34 26.13 24.30
O7 7ZH J . -16.36 27.16 25.99
H5 7ZH J . -15.37 14.97 18.35
H9 7ZH J . -12.99 18.66 24.47
H10 7ZH J . -11.76 17.52 24.05
H11 7ZH J . -10.50 19.96 23.62
H12 7ZH J . -10.20 18.90 24.93
H13 7ZH J . -10.88 20.50 26.33
H14 7ZH J . -12.48 20.23 25.81
H16 7ZH J . -10.68 22.50 25.17
H15 7ZH J . -11.55 21.94 23.80
H22 7ZH J . -16.03 13.72 11.61
H21 7ZH J . -14.51 13.41 12.50
H20 7ZH J . -15.97 12.46 12.88
H24 7ZH J . -14.15 26.06 25.67
H23 7ZH J . -15.06 25.73 24.23
H1 7ZH J . -13.83 17.88 13.42
H25 7ZH J . -16.06 25.50 27.14
H26 7ZH J . -17.32 24.17 25.08
H28 7ZH J . -17.41 26.00 23.59
H30 7ZH J . -18.27 27.83 25.92
H31 7ZH J . -15.99 27.56 22.81
H34 7ZH J . -19.05 32.26 25.94
H2 7ZH J . -15.62 14.87 15.90
H3 7ZH J . -12.66 19.10 17.90
H4 7ZH J . -14.49 16.05 20.33
H7 7ZH J . -12.80 19.32 20.16
H8 7ZH J . -12.15 19.79 22.22
H17 7ZH J . -12.93 22.47 26.40
H18 7ZH J . -14.95 23.51 26.12
H19 7ZH J . -12.56 23.36 22.94
H33 7ZH J . -16.22 32.27 21.49
H32 7ZH J . -16.99 33.65 22.22
H6 7ZH J . -12.68 19.49 14.52
H27 7ZH J . -18.54 23.97 26.75
H29 7ZH J . -19.47 25.59 23.48
C1 EDO K . -16.07 21.10 17.10
O1 EDO K . -15.98 22.14 16.14
C2 EDO K . -17.36 20.36 17.04
O2 EDO K . -17.25 19.00 17.39
H11 EDO K . -15.25 20.39 16.94
H12 EDO K . -15.94 21.52 18.10
HO1 EDO K . -15.12 22.58 16.21
H21 EDO K . -18.07 20.85 17.72
H22 EDO K . -17.77 20.45 16.04
HO2 EDO K . -18.13 18.61 17.45
C1 EDO L . 7.39 20.59 29.65
O1 EDO L . 6.64 19.67 30.43
C2 EDO L . 8.26 21.50 30.44
O2 EDO L . 8.56 21.00 31.73
H11 EDO L . 6.71 21.19 29.05
H12 EDO L . 8.03 20.03 28.95
HO1 EDO L . 6.11 19.12 29.85
H21 EDO L . 7.76 22.47 30.54
H22 EDO L . 9.19 21.68 29.90
HO2 EDO L . 9.12 21.64 32.19
C1 7ZH M . 25.06 -11.97 -13.10
C10 7ZH M . 23.30 -8.87 -12.04
C11 7ZH M . 24.82 -13.43 -13.22
C12 7ZH M . 24.98 -4.79 -11.12
C13 7ZH M . 25.28 -2.44 -10.39
C14 7ZH M . 24.52 -1.21 -10.84
C15 7ZH M . 25.37 -0.01 -11.17
C16 7ZH M . 25.86 -0.02 -12.61
C17 7ZH M . 25.36 0.89 -14.81
C18 7ZH M . 23.27 -15.05 -13.95
C19 7ZH M . 24.88 1.78 -17.07
C2 7ZH M . 26.30 -11.45 -13.48
C20 7ZH M . 23.78 2.40 -17.92
C21 7ZH M . 22.63 1.48 -18.33
C22 7ZH M . 23.11 0.91 -19.67
C23 7ZH M . 23.85 2.13 -20.24
C24 7ZH M . 25.87 0.88 -21.11
C25 7ZH M . 26.18 1.80 -23.00
C26 7ZH M . 26.57 2.23 -24.28
C27 7ZH M . 24.81 3.73 -24.19
C28 7ZH M . 25.07 2.41 -22.44
C3 7ZH M . 26.55 -10.09 -13.38
C4 7ZH M . 25.55 -9.20 -12.91
C5 7ZH M . 24.29 -9.74 -12.52
C6 7ZH M . 24.08 -11.13 -12.63
C7 7ZH M . 25.76 -7.81 -12.79
C8 7ZH M . 24.77 -6.99 -12.31
C9 7ZH M . 23.53 -7.53 -11.95
N1 7ZH M . 24.98 -5.59 -12.23
N10 7ZH M . 24.35 3.39 -22.98
N2 7ZH M . 25.20 -3.50 -11.40
N3 7ZH M . 25.00 0.70 -13.53
N4 7ZH M . 24.55 1.57 -15.66
N5 7ZH M . 26.48 0.43 -15.28
N6 7ZH M . 24.88 1.81 -21.22
N7 7ZH M . 26.67 0.82 -22.15
N8 7ZH M . 27.62 1.71 -24.94
N9 7ZH M . 25.85 3.21 -24.86
O1 7ZH M . 27.73 -9.54 -13.74
O2 7ZH M . 24.83 -5.22 -9.97
O3 7ZH M . 23.54 -13.72 -13.45
O4 7ZH M . 25.68 -14.27 -13.09
O5 7ZH M . 21.42 2.22 -18.49
O6 7ZH M . 22.01 0.57 -20.52
O7 7ZH M . 24.47 2.76 -19.13
H5 7ZH M . 22.33 -9.27 -11.75
H9 7ZH M . 24.86 -2.82 -9.46
H10 7ZH M . 26.31 -2.18 -10.15
H11 7ZH M . 23.91 -1.49 -11.71
H12 7ZH M . 23.77 -0.93 -10.09
H13 7ZH M . 26.21 0.04 -10.49
H14 7ZH M . 24.81 0.91 -10.98
H16 7ZH M . 25.93 -1.04 -12.97
H15 7ZH M . 26.88 0.35 -12.66
H22 7ZH M . 22.25 -15.14 -14.31
H21 7ZH M . 23.44 -15.69 -13.08
H20 7ZH M . 23.96 -15.33 -14.75
H24 7ZH M . 25.19 0.86 -17.56
H23 7ZH M . 25.75 2.42 -17.10
H1 7ZH M . 27.07 -12.13 -13.85
H25 7ZH M . 23.40 3.33 -17.48
H26 7ZH M . 22.48 0.68 -17.61
H28 7ZH M . 23.76 0.06 -19.52
H30 7ZH M . 23.18 2.87 -20.68
H31 7ZH M . 25.99 0.23 -20.24
H34 7ZH M . 24.28 4.51 -24.71
H2 7ZH M . 23.11 -11.53 -12.33
H3 7ZH M . 26.72 -7.41 -13.09
H4 7ZH M . 22.74 -6.88 -11.58
H7 7ZH M . 25.11 -5.17 -13.14
H8 7ZH M . 25.34 -3.17 -12.35
H17 7ZH M . 24.12 1.07 -13.16
H18 7ZH M . 23.96 2.28 -15.25
H19 7ZH M . 27.11 -0.09 -14.67
H33 7ZH M . 27.88 2.06 -25.86
H32 7ZH M . 28.17 0.97 -24.53
H6 7ZH M . 28.34 -10.25 -14.05
H27 7ZH M . 20.77 1.84 -17.84
H29 7ZH M . 22.01 -0.43 -20.54
C1 EDO N . 23.52 -8.11 -16.76
O1 EDO N . 24.61 -7.29 -16.37
C2 EDO N . 23.10 -9.02 -15.67
O2 EDO N . 22.14 -9.98 -16.07
H11 EDO N . 22.67 -7.48 -17.04
H12 EDO N . 23.80 -8.70 -17.63
HO1 EDO N . 24.85 -6.71 -17.12
H21 EDO N . 22.68 -8.44 -14.85
H22 EDO N . 23.98 -9.54 -15.28
HO2 EDO N . 21.90 -10.55 -15.32
C1 EDO O . 40.50 15.46 -24.37
O1 EDO O . 41.13 15.32 -23.10
C2 EDO O . 39.70 14.28 -24.78
O2 EDO O . 40.36 13.45 -25.72
H11 EDO O . 41.27 15.66 -25.12
H12 EDO O . 39.85 16.33 -24.34
HO1 EDO O . 41.62 16.12 -22.89
H21 EDO O . 39.46 13.69 -23.90
H22 EDO O . 38.77 14.63 -25.21
HO2 EDO O . 39.78 12.70 -25.95
C1 EDO P . 39.59 8.24 1.33
O1 EDO P . 39.96 8.22 -0.05
C2 EDO P . 38.43 7.37 1.62
O2 EDO P . 37.78 6.89 0.47
H11 EDO P . 39.35 9.27 1.62
H12 EDO P . 40.45 7.92 1.92
HO1 EDO P . 40.72 8.81 -0.19
H21 EDO P . 37.72 7.93 2.23
H22 EDO P . 38.77 6.51 2.22
HO2 EDO P . 37.03 6.33 0.73
C1 EDO Q . 22.64 -3.49 -0.61
O1 EDO Q . 22.05 -4.78 -0.64
C2 EDO Q . 22.28 -2.67 -1.80
O2 EDO Q . 21.95 -1.33 -1.48
H11 EDO Q . 22.31 -2.97 0.29
H12 EDO Q . 23.73 -3.59 -0.56
HO1 EDO Q . 22.32 -5.27 0.16
H21 EDO Q . 23.11 -2.67 -2.50
H22 EDO Q . 21.43 -3.13 -2.30
HO2 EDO Q . 21.73 -0.85 -2.28
C1 7ZH R . 14.93 -16.53 -14.57
C10 7ZH R . 15.93 -19.87 -13.26
C11 7ZH R . 15.34 -15.10 -14.46
C12 7ZH R . 14.38 -23.96 -13.49
C13 7ZH R . 14.09 -26.41 -13.22
C14 7ZH R . 13.19 -27.50 -13.78
C15 7ZH R . 13.87 -28.85 -14.10
C16 7ZH R . 14.62 -28.96 -15.42
C17 7ZH R . 14.14 -28.96 -17.87
C18 7ZH R . 16.78 -13.57 -13.35
C19 7ZH R . 16.13 -29.26 -19.37
C2 7ZH R . 13.87 -16.88 -15.41
C20 7ZH R . 17.22 -30.26 -19.72
C21 7ZH R . 18.61 -29.64 -19.80
C22 7ZH R . 18.57 -29.01 -21.18
C23 7ZH R . 17.90 -30.14 -21.97
C24 7ZH R . 16.31 -28.68 -23.29
C25 7ZH R . 16.53 -29.44 -25.26
C26 7ZH R . 16.49 -29.77 -26.63
C27 7ZH R . 18.04 -31.43 -26.16
C28 7ZH R . 17.37 -30.20 -24.45
C3 7ZH R . 13.50 -18.20 -15.54
C4 7ZH R . 14.18 -19.23 -14.83
C5 7ZH R . 15.25 -18.86 -13.97
C6 7ZH R . 15.60 -17.50 -13.87
C7 7ZH R . 13.82 -20.60 -14.94
C8 7ZH R . 14.50 -21.56 -14.20
C9 7ZH R . 15.56 -21.18 -13.38
N1 7ZH R . 14.15 -22.92 -14.36
N10 7ZH R . 18.16 -31.21 -24.84
N2 7ZH R . 13.97 -25.16 -13.97
N3 7ZH R . 13.80 -28.69 -16.58
N4 7ZH R . 15.35 -29.55 -18.16
N5 7ZH R . 13.35 -28.68 -18.86
N6 7ZH R . 17.21 -29.70 -23.18
N7 7ZH R . 15.87 -28.48 -24.51
N8 7ZH R . 15.73 -29.14 -27.52
N9 7ZH R . 17.28 -30.78 -27.05
O1 7ZH R . 12.48 -18.60 -16.36
O2 7ZH R . 14.89 -23.83 -12.38
O3 7ZH R . 16.14 -14.88 -13.41
O4 7ZH R . 15.01 -14.24 -15.24
O5 7ZH R . 19.60 -30.67 -19.70
O6 7ZH R . 19.84 -28.61 -21.68
O7 7ZH R . 16.97 -30.72 -21.07
H5 7ZH R . 16.76 -19.60 -12.61
H9 7ZH R . 15.13 -26.74 -13.25
H10 7ZH R . 13.88 -26.27 -12.17
H11 7ZH R . 12.40 -27.67 -13.06
H12 7ZH R . 12.67 -27.15 -14.67
H13 7ZH R . 13.11 -29.63 -14.03
H14 7ZH R . 14.54 -29.09 -13.28
H16 7ZH R . 15.01 -29.97 -15.54
H15 7ZH R . 15.51 -28.34 -15.41
H22 7ZH R . 17.50 -13.52 -12.55
H21 7ZH R . 15.95 -12.90 -13.17
H20 7ZH R . 17.27 -13.31 -14.29
H24 7ZH R . 16.59 -28.28 -19.29
H23 7ZH R . 15.43 -29.15 -20.20
H1 7ZH R . 13.36 -16.09 -15.96
H25 7ZH R . 17.20 -31.13 -19.07
H26 7ZH R . 18.78 -28.90 -19.03
H28 7ZH R . 17.93 -28.12 -21.15
H30 7ZH R . 18.60 -30.92 -22.24
H31 7ZH R . 15.99 -28.08 -22.44
H34 7ZH R . 18.65 -32.23 -26.56
H2 7ZH R . 16.43 -17.24 -13.21
H3 7ZH R . 13.00 -20.87 -15.59
H4 7ZH R . 16.12 -21.92 -12.82
H7 7ZH R . 13.74 -23.11 -15.27
H8 7ZH R . 13.54 -25.27 -14.89
H17 7ZH R . 12.90 -28.25 -16.39
H18 7ZH R . 15.49 -30.48 -17.77
H19 7ZH R . 12.45 -28.24 -18.65
H33 7ZH R . 15.13 -28.37 -27.25
H32 7ZH R . 15.75 -29.41 -28.50
H6 7ZH R . 12.09 -17.80 -16.79
H27 7ZH R . 20.18 -30.41 -18.95
H29 7ZH R . 19.95 -27.66 -21.44
C1 EDO S . 16.96 -19.79 -18.42
O1 EDO S . 15.74 -20.39 -18.82
C2 EDO S . 17.18 -19.79 -16.95
O2 EDO S . 18.00 -18.73 -16.48
H11 EDO S . 16.98 -18.74 -18.78
H12 EDO S . 17.80 -20.31 -18.91
HO1 EDO S . 15.66 -20.35 -19.78
H21 EDO S . 16.21 -19.74 -16.45
H22 EDO S . 17.63 -20.75 -16.67
HO2 EDO S . 18.10 -18.81 -15.52
C1 EDO T . -3.66 -36.07 -8.54
O1 EDO T . -3.84 -37.40 -8.05
C2 EDO T . -2.57 -35.30 -7.85
O2 EDO T . -2.11 -35.85 -6.63
H11 EDO T . -4.60 -35.53 -8.42
H12 EDO T . -3.43 -36.11 -9.60
HO1 EDO T . -4.54 -37.82 -8.55
H21 EDO T . -1.72 -35.22 -8.53
H22 EDO T . -2.94 -34.29 -7.66
HO2 EDO T . -1.42 -35.29 -6.26
#